data_6S4J
# 
_entry.id   6S4J 
# 
_audit_conform.dict_name       mmcif_pdbx.dic 
_audit_conform.dict_version    5.399 
_audit_conform.dict_location   http://mmcif.pdb.org/dictionaries/ascii/mmcif_pdbx.dic 
# 
loop_
_database_2.database_id 
_database_2.database_code 
_database_2.pdbx_database_accession 
_database_2.pdbx_DOI 
PDB   6S4J         pdb_00006s4j 10.2210/pdb6s4j/pdb 
WWPDB D_1292103044 ?            ?                   
# 
loop_
_pdbx_audit_revision_history.ordinal 
_pdbx_audit_revision_history.data_content_type 
_pdbx_audit_revision_history.major_revision 
_pdbx_audit_revision_history.minor_revision 
_pdbx_audit_revision_history.revision_date 
1 'Structure model' 1 0 2020-07-15 
2 'Structure model' 1 1 2020-08-12 
3 'Structure model' 1 2 2024-01-24 
4 'Structure model' 1 3 2024-11-20 
# 
_pdbx_audit_revision_details.ordinal             1 
_pdbx_audit_revision_details.revision_ordinal    1 
_pdbx_audit_revision_details.data_content_type   'Structure model' 
_pdbx_audit_revision_details.provider            repository 
_pdbx_audit_revision_details.type                'Initial release' 
_pdbx_audit_revision_details.description         ? 
_pdbx_audit_revision_details.details             ? 
# 
loop_
_pdbx_audit_revision_group.ordinal 
_pdbx_audit_revision_group.revision_ordinal 
_pdbx_audit_revision_group.data_content_type 
_pdbx_audit_revision_group.group 
1 2 'Structure model' 'Database references'    
2 3 'Structure model' Advisory                 
3 3 'Structure model' 'Data collection'        
4 3 'Structure model' 'Database references'    
5 3 'Structure model' 'Refinement description' 
6 4 'Structure model' 'Structure summary'      
# 
loop_
_pdbx_audit_revision_category.ordinal 
_pdbx_audit_revision_category.revision_ordinal 
_pdbx_audit_revision_category.data_content_type 
_pdbx_audit_revision_category.category 
1 2 'Structure model' citation                      
2 2 'Structure model' citation_author               
3 3 'Structure model' chem_comp_atom                
4 3 'Structure model' chem_comp_bond                
5 3 'Structure model' database_2                    
6 3 'Structure model' pdbx_initial_refinement_model 
7 3 'Structure model' pdbx_unobs_or_zero_occ_atoms  
8 4 'Structure model' pdbx_entry_details            
9 4 'Structure model' pdbx_modification_feature     
# 
loop_
_pdbx_audit_revision_item.ordinal 
_pdbx_audit_revision_item.revision_ordinal 
_pdbx_audit_revision_item.data_content_type 
_pdbx_audit_revision_item.item 
1  2 'Structure model' '_citation.country'                            
2  2 'Structure model' '_citation.journal_abbrev'                     
3  2 'Structure model' '_citation.journal_id_CSD'                     
4  2 'Structure model' '_citation.journal_id_ISSN'                    
5  2 'Structure model' '_citation.journal_volume'                     
6  2 'Structure model' '_citation.page_first'                         
7  2 'Structure model' '_citation.page_last'                          
8  2 'Structure model' '_citation.pdbx_database_id_DOI'               
9  2 'Structure model' '_citation.pdbx_database_id_PubMed'            
10 2 'Structure model' '_citation.title'                              
11 2 'Structure model' '_citation.year'                               
12 2 'Structure model' '_citation_author.identifier_ORCID'            
13 2 'Structure model' '_citation_author.name'                        
14 3 'Structure model' '_database_2.pdbx_DOI'                         
15 3 'Structure model' '_database_2.pdbx_database_accession'          
16 4 'Structure model' '_pdbx_entry_details.has_protein_modification' 
# 
_pdbx_database_status.status_code                     REL 
_pdbx_database_status.status_code_sf                  REL 
_pdbx_database_status.status_code_mr                  ? 
_pdbx_database_status.entry_id                        6S4J 
_pdbx_database_status.recvd_initial_deposition_date   2019-06-28 
_pdbx_database_status.SG_entry                        N 
_pdbx_database_status.deposit_site                    PDBE 
_pdbx_database_status.process_site                    PDBE 
_pdbx_database_status.status_code_cs                  ? 
_pdbx_database_status.methods_development_category    ? 
_pdbx_database_status.pdb_format_compatible           Y 
_pdbx_database_status.status_code_nmr_data            ? 
# 
_audit_author.name               'Johansson, E.' 
_audit_author.pdbx_ordinal       1 
_audit_author.identifier_ORCID   0000-0001-9330-5169 
# 
_citation.abstract                  ? 
_citation.abstract_id_CAS           ? 
_citation.book_id_ISBN              ? 
_citation.book_publisher            ? 
_citation.book_publisher_city       ? 
_citation.book_title                ? 
_citation.coordinate_linkage        ? 
_citation.country                   UK 
_citation.database_id_Medline       ? 
_citation.details                   ? 
_citation.id                        primary 
_citation.journal_abbrev            'Nat Commun' 
_citation.journal_id_ASTM           ? 
_citation.journal_id_CSD            ? 
_citation.journal_id_ISSN           2041-1723 
_citation.journal_full              ? 
_citation.journal_issue             ? 
_citation.journal_volume            11 
_citation.language                  ? 
_citation.page_first                3746 
_citation.page_last                 3746 
_citation.title                     'Molecular engineering of safe and efficacious oral basal insulin.' 
_citation.year                      2020 
_citation.database_id_CSD           ? 
_citation.pdbx_database_id_DOI      10.1038/s41467-020-17487-9 
_citation.pdbx_database_id_PubMed   32719315 
_citation.unpublished_flag          ? 
# 
loop_
_citation_author.citation_id 
_citation_author.name 
_citation_author.ordinal 
_citation_author.identifier_ORCID 
primary 'Hubalek, F.'       1  0000-0003-3983-7900 
primary 'Refsgaard, H.H.F.' 2  ?                   
primary 'Gram-Nielsen, S.'  3  0000-0001-9576-9397 
primary 'Madsen, P.'        4  0000-0003-0398-7309 
primary 'Nishimura, E.'     5  0000-0001-5741-3648 
primary 'Munzel, M.'        6  0000-0002-4504-8281 
primary 'Brand, C.L.'       7  ?                   
primary 'Stidsen, C.E.'     8  0000-0002-6636-3600 
primary 'Claussen, C.H.'    9  ?                   
primary 'Wulff, E.M.'       10 0000-0002-8149-3067 
primary 'Pridal, L.'        11 ?                   
primary 'Ribel, U.'         12 ?                   
primary 'Kildegaard, J.'    13 ?                   
primary 'Porsgaard, T.'     14 ?                   
primary 'Johansson, E.'     15 0000-0001-9330-5169 
primary 'Steensgaard, D.B.' 16 ?                   
primary 'Hovgaard, L.'      17 ?                   
primary 'Glendorf, T.'      18 ?                   
primary 'Hansen, B.F.'      19 ?                   
primary 'Jensen, M.K.'      20 ?                   
primary 'Nielsen, P.K.'     21 ?                   
primary 'Ludvigsen, S.'     22 ?                   
primary 'Rugh, S.'          23 ?                   
primary 'Garibay, P.W.'     24 ?                   
primary 'Moore, M.C.'       25 ?                   
primary 'Cherrington, A.D.' 26 0000-0001-8927-2560 
primary 'Kjeldsen, T.'      27 0000-0003-0094-9286 
# 
loop_
_entity.id 
_entity.type 
_entity.src_method 
_entity.pdbx_description 
_entity.formula_weight 
_entity.pdbx_number_of_molecules 
_entity.pdbx_ec 
_entity.pdbx_mutation 
_entity.pdbx_fragment 
_entity.details 
1 polymer     man Insulin                                                                                              2349.638 1  
? Y14E             ? ? 
2 polymer     man Insulin                                                                                              3222.718 1  
? F25H,des27,des30 ? 
'LYS B30 covalently attached to [2-(2-[2-(2-[2-(Octadecandioyl-gamma-Glu)amino]ethoxy)ethoxy]acetylamino)ethoxy]ethoxy)acetyl]' 
3 non-polymer syn IMIDAZOLE                                                                                            69.085   1  
? ?                ? ? 
4 non-polymer syn 'KUT [2-(2-[2-(2-[2-(Octadecandioyl-gamma-Glu)amino]ethoxy)ethoxy]acetylamino)ethoxy]ethoxy)acetyl]' 717.888  1  
? ?                ? ? 
5 water       nat water                                                                                                18.015   36 
? ?                ? ? 
# 
loop_
_entity_poly.entity_id 
_entity_poly.type 
_entity_poly.nstd_linkage 
_entity_poly.nstd_monomer 
_entity_poly.pdbx_seq_one_letter_code 
_entity_poly.pdbx_seq_one_letter_code_can 
_entity_poly.pdbx_strand_id 
_entity_poly.pdbx_target_identifier 
1 'polypeptide(L)' no no GIVEQCCTSICSLEQLENYCN        GIVEQCCTSICSLEQLENYCN        A ? 
2 'polypeptide(L)' no no FVNQHLCGSHLVEALYLVCGERGFHYPK FVNQHLCGSHLVEALYLVCGERGFHYPK B ? 
# 
loop_
_pdbx_entity_nonpoly.entity_id 
_pdbx_entity_nonpoly.name 
_pdbx_entity_nonpoly.comp_id 
3 IMIDAZOLE                                                                                            IMD 
4 'KUT [2-(2-[2-(2-[2-(Octadecandioyl-gamma-Glu)amino]ethoxy)ethoxy]acetylamino)ethoxy]ethoxy)acetyl]' KUT 
5 water                                                                                                HOH 
# 
loop_
_entity_poly_seq.entity_id 
_entity_poly_seq.num 
_entity_poly_seq.mon_id 
_entity_poly_seq.hetero 
1 1  GLY n 
1 2  ILE n 
1 3  VAL n 
1 4  GLU n 
1 5  GLN n 
1 6  CYS n 
1 7  CYS n 
1 8  THR n 
1 9  SER n 
1 10 ILE n 
1 11 CYS n 
1 12 SER n 
1 13 LEU n 
1 14 GLU n 
1 15 GLN n 
1 16 LEU n 
1 17 GLU n 
1 18 ASN n 
1 19 TYR n 
1 20 CYS n 
1 21 ASN n 
2 1  PHE n 
2 2  VAL n 
2 3  ASN n 
2 4  GLN n 
2 5  HIS n 
2 6  LEU n 
2 7  CYS n 
2 8  GLY n 
2 9  SER n 
2 10 HIS n 
2 11 LEU n 
2 12 VAL n 
2 13 GLU n 
2 14 ALA n 
2 15 LEU n 
2 16 TYR n 
2 17 LEU n 
2 18 VAL n 
2 19 CYS n 
2 20 GLY n 
2 21 GLU n 
2 22 ARG n 
2 23 GLY n 
2 24 PHE n 
2 25 HIS n 
2 26 TYR n 
2 27 PRO n 
2 28 LYS n 
# 
loop_
_entity_src_gen.entity_id 
_entity_src_gen.pdbx_src_id 
_entity_src_gen.pdbx_alt_source_flag 
_entity_src_gen.pdbx_seq_type 
_entity_src_gen.pdbx_beg_seq_num 
_entity_src_gen.pdbx_end_seq_num 
_entity_src_gen.gene_src_common_name 
_entity_src_gen.gene_src_genus 
_entity_src_gen.pdbx_gene_src_gene 
_entity_src_gen.gene_src_species 
_entity_src_gen.gene_src_strain 
_entity_src_gen.gene_src_tissue 
_entity_src_gen.gene_src_tissue_fraction 
_entity_src_gen.gene_src_details 
_entity_src_gen.pdbx_gene_src_fragment 
_entity_src_gen.pdbx_gene_src_scientific_name 
_entity_src_gen.pdbx_gene_src_ncbi_taxonomy_id 
_entity_src_gen.pdbx_gene_src_variant 
_entity_src_gen.pdbx_gene_src_cell_line 
_entity_src_gen.pdbx_gene_src_atcc 
_entity_src_gen.pdbx_gene_src_organ 
_entity_src_gen.pdbx_gene_src_organelle 
_entity_src_gen.pdbx_gene_src_cell 
_entity_src_gen.pdbx_gene_src_cellular_location 
_entity_src_gen.host_org_common_name 
_entity_src_gen.pdbx_host_org_scientific_name 
_entity_src_gen.pdbx_host_org_ncbi_taxonomy_id 
_entity_src_gen.host_org_genus 
_entity_src_gen.pdbx_host_org_gene 
_entity_src_gen.pdbx_host_org_organ 
_entity_src_gen.host_org_species 
_entity_src_gen.pdbx_host_org_tissue 
_entity_src_gen.pdbx_host_org_tissue_fraction 
_entity_src_gen.pdbx_host_org_strain 
_entity_src_gen.pdbx_host_org_variant 
_entity_src_gen.pdbx_host_org_cell_line 
_entity_src_gen.pdbx_host_org_atcc 
_entity_src_gen.pdbx_host_org_culture_collection 
_entity_src_gen.pdbx_host_org_cell 
_entity_src_gen.pdbx_host_org_organelle 
_entity_src_gen.pdbx_host_org_cellular_location 
_entity_src_gen.pdbx_host_org_vector_type 
_entity_src_gen.pdbx_host_org_vector 
_entity_src_gen.host_org_details 
_entity_src_gen.expression_system_id 
_entity_src_gen.plasmid_name 
_entity_src_gen.plasmid_details 
_entity_src_gen.pdbx_description 
1 1 sample 'Biological sequence' 1 21 Human ? INS ? ? ? ? ? ? 'Homo sapiens' 9606 ? ? ? ? ? ? ? 
;baker's yeast
;
'Saccharomyces cerevisiae' 4932 ? ? ? ? ? ? ? ? ? ? ? ? ? ? ? ? ? ? ? ? ? 
2 1 sample 'Biological sequence' 1 28 Human ? INS ? ? ? ? ? ? 'Homo sapiens' 9606 ? ? ? ? ? ? ? 
;baker's yeast
;
'Saccharomyces cerevisiae' 4932 ? ? ? ? ? ? ? ? ? ? ? ? ? ? ? ? ? ? ? ? ? 
# 
loop_
_chem_comp.id 
_chem_comp.type 
_chem_comp.mon_nstd_flag 
_chem_comp.name 
_chem_comp.pdbx_synonyms 
_chem_comp.formula 
_chem_comp.formula_weight 
ALA 'L-peptide linking' y ALANINE                                                                                              ? 
'C3 H7 N O2'     89.093  
ARG 'L-peptide linking' y ARGININE                                                                                             ? 
'C6 H15 N4 O2 1' 175.209 
ASN 'L-peptide linking' y ASPARAGINE                                                                                           ? 
'C4 H8 N2 O3'    132.118 
CYS 'L-peptide linking' y CYSTEINE                                                                                             ? 
'C3 H7 N O2 S'   121.158 
GLN 'L-peptide linking' y GLUTAMINE                                                                                            ? 
'C5 H10 N2 O3'   146.144 
GLU 'L-peptide linking' y 'GLUTAMIC ACID'                                                                                      ? 
'C5 H9 N O4'     147.129 
GLY 'peptide linking'   y GLYCINE                                                                                              ? 
'C2 H5 N O2'     75.067  
HIS 'L-peptide linking' y HISTIDINE                                                                                            ? 
'C6 H10 N3 O2 1' 156.162 
HOH non-polymer         . WATER                                                                                                ? 
'H2 O'           18.015  
ILE 'L-peptide linking' y ISOLEUCINE                                                                                           ? 
'C6 H13 N O2'    131.173 
IMD non-polymer         . IMIDAZOLE                                                                                            ? 
'C3 H5 N2 1'     69.085  
KUT non-polymer         . 'KUT [2-(2-[2-(2-[2-(Octadecandioyl-gamma-Glu)amino]ethoxy)ethoxy]acetylamino)ethoxy]ethoxy)acetyl]' ? 
'C35 H63 N3 O12' 717.888 
LEU 'L-peptide linking' y LEUCINE                                                                                              ? 
'C6 H13 N O2'    131.173 
LYS 'L-peptide linking' y LYSINE                                                                                               ? 
'C6 H15 N2 O2 1' 147.195 
PHE 'L-peptide linking' y PHENYLALANINE                                                                                        ? 
'C9 H11 N O2'    165.189 
PRO 'L-peptide linking' y PROLINE                                                                                              ? 
'C5 H9 N O2'     115.130 
SER 'L-peptide linking' y SERINE                                                                                               ? 
'C3 H7 N O3'     105.093 
THR 'L-peptide linking' y THREONINE                                                                                            ? 
'C4 H9 N O3'     119.119 
TYR 'L-peptide linking' y TYROSINE                                                                                             ? 
'C9 H11 N O3'    181.189 
VAL 'L-peptide linking' y VALINE                                                                                               ? 
'C5 H11 N O2'    117.146 
# 
loop_
_pdbx_poly_seq_scheme.asym_id 
_pdbx_poly_seq_scheme.entity_id 
_pdbx_poly_seq_scheme.seq_id 
_pdbx_poly_seq_scheme.mon_id 
_pdbx_poly_seq_scheme.ndb_seq_num 
_pdbx_poly_seq_scheme.pdb_seq_num 
_pdbx_poly_seq_scheme.auth_seq_num 
_pdbx_poly_seq_scheme.pdb_mon_id 
_pdbx_poly_seq_scheme.auth_mon_id 
_pdbx_poly_seq_scheme.pdb_strand_id 
_pdbx_poly_seq_scheme.pdb_ins_code 
_pdbx_poly_seq_scheme.hetero 
A 1 1  GLY 1  1  1  GLY GLY A . n 
A 1 2  ILE 2  2  2  ILE ILE A . n 
A 1 3  VAL 3  3  3  VAL VAL A . n 
A 1 4  GLU 4  4  4  GLU GLU A . n 
A 1 5  GLN 5  5  5  GLN GLN A . n 
A 1 6  CYS 6  6  6  CYS CYS A . n 
A 1 7  CYS 7  7  7  CYS CYS A . n 
A 1 8  THR 8  8  8  THR THR A . n 
A 1 9  SER 9  9  9  SER SER A . n 
A 1 10 ILE 10 10 10 ILE ILE A . n 
A 1 11 CYS 11 11 11 CYS CYS A . n 
A 1 12 SER 12 12 12 SER SER A . n 
A 1 13 LEU 13 13 13 LEU LEU A . n 
A 1 14 GLU 14 14 14 GLU GLU A . n 
A 1 15 GLN 15 15 15 GLN GLN A . n 
A 1 16 LEU 16 16 16 LEU LEU A . n 
A 1 17 GLU 17 17 17 GLU GLU A . n 
A 1 18 ASN 18 18 18 ASN ASN A . n 
A 1 19 TYR 19 19 19 TYR TYR A . n 
A 1 20 CYS 20 20 20 CYS CYS A . n 
A 1 21 ASN 21 21 21 ASN ASN A . n 
B 2 1  PHE 1  1  1  PHE PHE B . n 
B 2 2  VAL 2  2  2  VAL VAL B . n 
B 2 3  ASN 3  3  3  ASN ASN B . n 
B 2 4  GLN 4  4  4  GLN GLN B . n 
B 2 5  HIS 5  5  5  HIS HIS B . n 
B 2 6  LEU 6  6  6  LEU LEU B . n 
B 2 7  CYS 7  7  7  CYS CYS B . n 
B 2 8  GLY 8  8  8  GLY GLY B . n 
B 2 9  SER 9  9  9  SER SER B . n 
B 2 10 HIS 10 10 10 HIS HIS B . n 
B 2 11 LEU 11 11 11 LEU LEU B . n 
B 2 12 VAL 12 12 12 VAL VAL B . n 
B 2 13 GLU 13 13 13 GLU GLU B . n 
B 2 14 ALA 14 14 14 ALA ALA B . n 
B 2 15 LEU 15 15 15 LEU LEU B . n 
B 2 16 TYR 16 16 16 TYR TYR B . n 
B 2 17 LEU 17 17 17 LEU LEU B . n 
B 2 18 VAL 18 18 18 VAL VAL B . n 
B 2 19 CYS 19 19 19 CYS CYS B . n 
B 2 20 GLY 20 20 20 GLY GLY B . n 
B 2 21 GLU 21 21 21 GLU GLU B . n 
B 2 22 ARG 22 22 22 ARG ARG B . n 
B 2 23 GLY 23 23 23 GLY GLY B . n 
B 2 24 PHE 24 24 24 PHE PHE B . n 
B 2 25 HIS 25 25 25 HIS HIS B . n 
B 2 26 TYR 26 26 26 TYR TYR B . n 
B 2 27 PRO 27 27 27 PRO PRO B . n 
B 2 28 LYS 28 28 28 LYS LYS B . n 
# 
_pdbx_entity_instance_feature.ordinal        1 
_pdbx_entity_instance_feature.comp_id        KUT 
_pdbx_entity_instance_feature.asym_id        ? 
_pdbx_entity_instance_feature.seq_num        ? 
_pdbx_entity_instance_feature.auth_comp_id   KUT 
_pdbx_entity_instance_feature.auth_asym_id   ? 
_pdbx_entity_instance_feature.auth_seq_num   ? 
_pdbx_entity_instance_feature.feature_type   'SUBJECT OF INVESTIGATION' 
_pdbx_entity_instance_feature.details        ? 
# 
loop_
_pdbx_nonpoly_scheme.asym_id 
_pdbx_nonpoly_scheme.entity_id 
_pdbx_nonpoly_scheme.mon_id 
_pdbx_nonpoly_scheme.ndb_seq_num 
_pdbx_nonpoly_scheme.pdb_seq_num 
_pdbx_nonpoly_scheme.auth_seq_num 
_pdbx_nonpoly_scheme.pdb_mon_id 
_pdbx_nonpoly_scheme.auth_mon_id 
_pdbx_nonpoly_scheme.pdb_strand_id 
_pdbx_nonpoly_scheme.pdb_ins_code 
C 3 IMD 1  101 101 IMD IMD B . 
D 4 KUT 1  102 1   KUT 320 B . 
E 5 HOH 1  101 3   HOH HOH A . 
E 5 HOH 2  102 8   HOH HOH A . 
E 5 HOH 3  103 7   HOH HOH A . 
E 5 HOH 4  104 12  HOH HOH A . 
E 5 HOH 5  105 6   HOH HOH A . 
E 5 HOH 6  106 9   HOH HOH A . 
E 5 HOH 7  107 38  HOH HOH A . 
E 5 HOH 8  108 36  HOH HOH A . 
E 5 HOH 9  109 35  HOH HOH A . 
E 5 HOH 10 110 17  HOH HOH A . 
E 5 HOH 11 111 22  HOH HOH A . 
F 5 HOH 1  201 29  HOH HOH B . 
F 5 HOH 2  202 24  HOH HOH B . 
F 5 HOH 3  203 1   HOH HOH B . 
F 5 HOH 4  204 14  HOH HOH B . 
F 5 HOH 5  205 5   HOH HOH B . 
F 5 HOH 6  206 10  HOH HOH B . 
F 5 HOH 7  207 2   HOH HOH B . 
F 5 HOH 8  208 13  HOH HOH B . 
F 5 HOH 9  209 18  HOH HOH B . 
F 5 HOH 10 210 11  HOH HOH B . 
F 5 HOH 11 211 4   HOH HOH B . 
F 5 HOH 12 212 19  HOH HOH B . 
F 5 HOH 13 213 16  HOH HOH B . 
F 5 HOH 14 214 33  HOH HOH B . 
F 5 HOH 15 215 21  HOH HOH B . 
F 5 HOH 16 216 20  HOH HOH B . 
F 5 HOH 17 217 34  HOH HOH B . 
F 5 HOH 18 218 40  HOH HOH B . 
F 5 HOH 19 219 27  HOH HOH B . 
F 5 HOH 20 220 32  HOH HOH B . 
F 5 HOH 21 221 30  HOH HOH B . 
F 5 HOH 22 222 28  HOH HOH B . 
F 5 HOH 23 223 26  HOH HOH B . 
F 5 HOH 24 224 25  HOH HOH B . 
F 5 HOH 25 225 37  HOH HOH B . 
# 
loop_
_pdbx_unobs_or_zero_occ_atoms.id 
_pdbx_unobs_or_zero_occ_atoms.PDB_model_num 
_pdbx_unobs_or_zero_occ_atoms.polymer_flag 
_pdbx_unobs_or_zero_occ_atoms.occupancy_flag 
_pdbx_unobs_or_zero_occ_atoms.auth_asym_id 
_pdbx_unobs_or_zero_occ_atoms.auth_comp_id 
_pdbx_unobs_or_zero_occ_atoms.auth_seq_id 
_pdbx_unobs_or_zero_occ_atoms.PDB_ins_code 
_pdbx_unobs_or_zero_occ_atoms.auth_atom_id 
_pdbx_unobs_or_zero_occ_atoms.label_alt_id 
_pdbx_unobs_or_zero_occ_atoms.label_asym_id 
_pdbx_unobs_or_zero_occ_atoms.label_comp_id 
_pdbx_unobs_or_zero_occ_atoms.label_seq_id 
_pdbx_unobs_or_zero_occ_atoms.label_atom_id 
1  1 N 0 B KUT 102 ? C28 ? D KUT ? C28 
2  1 N 0 B KUT 102 ? C29 ? D KUT ? C29 
3  1 N 0 B KUT 102 ? C30 ? D KUT ? C30 
4  1 N 0 B KUT 102 ? C27 ? D KUT ? C27 
5  1 N 0 B KUT 102 ? C26 ? D KUT ? C26 
6  1 N 0 B KUT 102 ? C23 ? D KUT ? C23 
7  1 N 0 B KUT 102 ? C22 ? D KUT ? C22 
8  1 N 0 B KUT 102 ? C24 ? D KUT ? C24 
9  1 N 0 B KUT 102 ? C25 ? D KUT ? C25 
10 1 N 0 B KUT 102 ? C31 ? D KUT ? C31 
11 1 N 0 B KUT 102 ? C32 ? D KUT ? C32 
12 1 N 0 B KUT 102 ? C33 ? D KUT ? C33 
13 1 N 0 B KUT 102 ? N2  ? D KUT ? N2  
14 1 N 0 B KUT 102 ? O4  ? D KUT ? O4  
15 1 N 0 B KUT 102 ? O5  ? D KUT ? O5  
16 1 N 0 B KUT 102 ? O6  ? D KUT ? O6  
17 1 N 0 B KUT 102 ? O7  ? D KUT ? O7  
18 1 N 0 B KUT 102 ? O8  ? D KUT ? O8  
# 
loop_
_software.citation_id 
_software.classification 
_software.compiler_name 
_software.compiler_version 
_software.contact_author 
_software.contact_author_email 
_software.date 
_software.description 
_software.dependencies 
_software.hardware 
_software.language 
_software.location 
_software.mods 
_software.name 
_software.os 
_software.os_version 
_software.type 
_software.version 
_software.pdbx_ordinal 
? refinement       ? ? ? ? ? ? ? ? ? ? ? PHENIX ? ? ? '(1.15_3448: ???)' 1 
? 'data reduction' ? ? ? ? ? ? ? ? ? ? ? XDS    ? ? ? .                  2 
? 'data scaling'   ? ? ? ? ? ? ? ? ? ? ? XSCALE ? ? ? .                  3 
? phasing          ? ? ? ? ? ? ? ? ? ? ? PHASER ? ? ? .                  4 
# 
_cell.angle_alpha                  90.00 
_cell.angle_alpha_esd              ? 
_cell.angle_beta                   90.00 
_cell.angle_beta_esd               ? 
_cell.angle_gamma                  120.00 
_cell.angle_gamma_esd              ? 
_cell.entry_id                     6S4J 
_cell.details                      ? 
_cell.formula_units_Z              ? 
_cell.length_a                     44.986 
_cell.length_a_esd                 ? 
_cell.length_b                     44.986 
_cell.length_b_esd                 ? 
_cell.length_c                     45.884 
_cell.length_c_esd                 ? 
_cell.volume                       ? 
_cell.volume_esd                   ? 
_cell.Z_PDB                        6 
_cell.reciprocal_angle_alpha       ? 
_cell.reciprocal_angle_beta        ? 
_cell.reciprocal_angle_gamma       ? 
_cell.reciprocal_angle_alpha_esd   ? 
_cell.reciprocal_angle_beta_esd    ? 
_cell.reciprocal_angle_gamma_esd   ? 
_cell.reciprocal_length_a          ? 
_cell.reciprocal_length_b          ? 
_cell.reciprocal_length_c          ? 
_cell.reciprocal_length_a_esd      ? 
_cell.reciprocal_length_b_esd      ? 
_cell.reciprocal_length_c_esd      ? 
_cell.pdbx_unique_axis             ? 
# 
_symmetry.entry_id                         6S4J 
_symmetry.cell_setting                     ? 
_symmetry.Int_Tables_number                150 
_symmetry.space_group_name_Hall            ? 
_symmetry.space_group_name_H-M             'P 3 2 1' 
_symmetry.pdbx_full_space_group_name_H-M   ? 
# 
_exptl.absorpt_coefficient_mu     ? 
_exptl.absorpt_correction_T_max   ? 
_exptl.absorpt_correction_T_min   ? 
_exptl.absorpt_correction_type    ? 
_exptl.absorpt_process_details    ? 
_exptl.entry_id                   6S4J 
_exptl.crystals_number            1 
_exptl.details                    ? 
_exptl.method                     'X-RAY DIFFRACTION' 
_exptl.method_details             ? 
# 
_exptl_crystal.colour                      ? 
_exptl_crystal.density_diffrn              ? 
_exptl_crystal.density_Matthews            2.41 
_exptl_crystal.density_method              ? 
_exptl_crystal.density_percent_sol         48.86 
_exptl_crystal.description                 ? 
_exptl_crystal.F_000                       ? 
_exptl_crystal.id                          1 
_exptl_crystal.preparation                 ? 
_exptl_crystal.size_max                    ? 
_exptl_crystal.size_mid                    ? 
_exptl_crystal.size_min                    ? 
_exptl_crystal.size_rad                    ? 
_exptl_crystal.colour_lustre               ? 
_exptl_crystal.colour_modifier             ? 
_exptl_crystal.colour_primary              ? 
_exptl_crystal.density_meas                ? 
_exptl_crystal.density_meas_esd            ? 
_exptl_crystal.density_meas_gt             ? 
_exptl_crystal.density_meas_lt             ? 
_exptl_crystal.density_meas_temp           ? 
_exptl_crystal.density_meas_temp_esd       ? 
_exptl_crystal.density_meas_temp_gt        ? 
_exptl_crystal.density_meas_temp_lt        ? 
_exptl_crystal.pdbx_crystal_image_url      ? 
_exptl_crystal.pdbx_crystal_image_format   ? 
_exptl_crystal.pdbx_mosaicity              ? 
_exptl_crystal.pdbx_mosaicity_esd          ? 
# 
_exptl_crystal_grow.apparatus       ? 
_exptl_crystal_grow.atmosphere      ? 
_exptl_crystal_grow.crystal_id      1 
_exptl_crystal_grow.details         ? 
_exptl_crystal_grow.method          'VAPOR DIFFUSION, HANGING DROP' 
_exptl_crystal_grow.method_ref      ? 
_exptl_crystal_grow.pH              6.5 
_exptl_crystal_grow.pressure        ? 
_exptl_crystal_grow.pressure_esd    ? 
_exptl_crystal_grow.seeding         ? 
_exptl_crystal_grow.seeding_ref     ? 
_exptl_crystal_grow.temp            293 
_exptl_crystal_grow.temp_details    ? 
_exptl_crystal_grow.temp_esd        ? 
_exptl_crystal_grow.time            ? 
_exptl_crystal_grow.pdbx_details    
;0.12M monosaccharides, 0.1M buffer system 1 pH 6.5, 20% (v/v) PEG500MME, 10% (w/v) Peg 20000 (F1 from Marpheus screen, Molecular Dimensions)
;
_exptl_crystal_grow.pdbx_pH_range   ? 
# 
_diffrn.ambient_environment              ? 
_diffrn.ambient_temp                     100 
_diffrn.ambient_temp_details             ? 
_diffrn.ambient_temp_esd                 ? 
_diffrn.crystal_id                       1 
_diffrn.crystal_support                  ? 
_diffrn.crystal_treatment                ? 
_diffrn.details                          ? 
_diffrn.id                               1 
_diffrn.ambient_pressure                 ? 
_diffrn.ambient_pressure_esd             ? 
_diffrn.ambient_pressure_gt              ? 
_diffrn.ambient_pressure_lt              ? 
_diffrn.ambient_temp_gt                  ? 
_diffrn.ambient_temp_lt                  ? 
_diffrn.pdbx_serial_crystal_experiment   N 
# 
_diffrn_detector.details                      ? 
_diffrn_detector.detector                     PIXEL 
_diffrn_detector.diffrn_id                    1 
_diffrn_detector.type                         'DECTRIS PILATUS 2M' 
_diffrn_detector.area_resol_mean              ? 
_diffrn_detector.dtime                        ? 
_diffrn_detector.pdbx_frames_total            ? 
_diffrn_detector.pdbx_collection_time_total   ? 
_diffrn_detector.pdbx_collection_date         2014-05-11 
_diffrn_detector.pdbx_frequency               ? 
# 
_diffrn_radiation.collimation                      ? 
_diffrn_radiation.diffrn_id                        1 
_diffrn_radiation.filter_edge                      ? 
_diffrn_radiation.inhomogeneity                    ? 
_diffrn_radiation.monochromator                    ? 
_diffrn_radiation.polarisn_norm                    ? 
_diffrn_radiation.polarisn_ratio                   ? 
_diffrn_radiation.probe                            ? 
_diffrn_radiation.type                             ? 
_diffrn_radiation.xray_symbol                      ? 
_diffrn_radiation.wavelength_id                    1 
_diffrn_radiation.pdbx_monochromatic_or_laue_m_l   M 
_diffrn_radiation.pdbx_wavelength_list             ? 
_diffrn_radiation.pdbx_wavelength                  ? 
_diffrn_radiation.pdbx_diffrn_protocol             'SINGLE WAVELENGTH' 
_diffrn_radiation.pdbx_analyzer                    ? 
_diffrn_radiation.pdbx_scattering_type             x-ray 
# 
_diffrn_radiation_wavelength.id           1 
_diffrn_radiation_wavelength.wavelength   1.000 
_diffrn_radiation_wavelength.wt           1.0 
# 
_diffrn_source.current                     ? 
_diffrn_source.details                     ? 
_diffrn_source.diffrn_id                   1 
_diffrn_source.power                       ? 
_diffrn_source.size                        ? 
_diffrn_source.source                      SYNCHROTRON 
_diffrn_source.target                      ? 
_diffrn_source.type                        'SLS BEAMLINE X06DA' 
_diffrn_source.voltage                     ? 
_diffrn_source.take-off_angle              ? 
_diffrn_source.pdbx_wavelength_list        1.000 
_diffrn_source.pdbx_wavelength             ? 
_diffrn_source.pdbx_synchrotron_beamline   X06DA 
_diffrn_source.pdbx_synchrotron_site       SLS 
# 
_reflns.B_iso_Wilson_estimate            21.61 
_reflns.entry_id                         6S4J 
_reflns.data_reduction_details           ? 
_reflns.data_reduction_method            ? 
_reflns.d_resolution_high                1.5 
_reflns.d_resolution_low                 45.884 
_reflns.details                          ? 
_reflns.limit_h_max                      ? 
_reflns.limit_h_min                      ? 
_reflns.limit_k_max                      ? 
_reflns.limit_k_min                      ? 
_reflns.limit_l_max                      ? 
_reflns.limit_l_min                      ? 
_reflns.number_all                       ? 
_reflns.number_obs                       8938 
_reflns.observed_criterion               ? 
_reflns.observed_criterion_F_max         ? 
_reflns.observed_criterion_F_min         ? 
_reflns.observed_criterion_I_max         ? 
_reflns.observed_criterion_I_min         ? 
_reflns.observed_criterion_sigma_F       ? 
_reflns.observed_criterion_sigma_I       ? 
_reflns.percent_possible_obs             99.85 
_reflns.R_free_details                   ? 
_reflns.Rmerge_F_all                     ? 
_reflns.Rmerge_F_obs                     ? 
_reflns.Friedel_coverage                 ? 
_reflns.number_gt                        ? 
_reflns.threshold_expression             ? 
_reflns.pdbx_redundancy                  9.3 
_reflns.pdbx_Rmerge_I_obs                0.05618 
_reflns.pdbx_Rmerge_I_all                ? 
_reflns.pdbx_Rsym_value                  ? 
_reflns.pdbx_netI_over_av_sigmaI         ? 
_reflns.pdbx_netI_over_sigmaI            21.02 
_reflns.pdbx_res_netI_over_av_sigmaI_2   ? 
_reflns.pdbx_res_netI_over_sigmaI_2      ? 
_reflns.pdbx_chi_squared                 ? 
_reflns.pdbx_scaling_rejects             ? 
_reflns.pdbx_d_res_high_opt              ? 
_reflns.pdbx_d_res_low_opt               ? 
_reflns.pdbx_d_res_opt_method            ? 
_reflns.phase_calculation_details        ? 
_reflns.pdbx_Rrim_I_all                  0.05951 
_reflns.pdbx_Rpim_I_all                  0.01939 
_reflns.pdbx_d_opt                       ? 
_reflns.pdbx_number_measured_all         ? 
_reflns.pdbx_diffrn_id                   1 
_reflns.pdbx_ordinal                     1 
_reflns.pdbx_CC_half                     1 
_reflns.pdbx_R_split                     ? 
# 
_reflns_shell.d_res_high                  1.5 
_reflns_shell.d_res_low                   1.554 
_reflns_shell.meanI_over_sigI_all         ? 
_reflns_shell.meanI_over_sigI_obs         1.26 
_reflns_shell.number_measured_all         ? 
_reflns_shell.number_measured_obs         ? 
_reflns_shell.number_possible             ? 
_reflns_shell.number_unique_all           ? 
_reflns_shell.number_unique_obs           861 
_reflns_shell.percent_possible_all        98.85 
_reflns_shell.percent_possible_obs        ? 
_reflns_shell.Rmerge_F_all                ? 
_reflns_shell.Rmerge_F_obs                ? 
_reflns_shell.Rmerge_I_all                ? 
_reflns_shell.Rmerge_I_obs                1.635 
_reflns_shell.meanI_over_sigI_gt          ? 
_reflns_shell.meanI_over_uI_all           ? 
_reflns_shell.meanI_over_uI_gt            ? 
_reflns_shell.number_measured_gt          ? 
_reflns_shell.number_unique_gt            ? 
_reflns_shell.percent_possible_gt         ? 
_reflns_shell.Rmerge_F_gt                 ? 
_reflns_shell.Rmerge_I_gt                 ? 
_reflns_shell.pdbx_redundancy             7.8 
_reflns_shell.pdbx_Rsym_value             ? 
_reflns_shell.pdbx_chi_squared            ? 
_reflns_shell.pdbx_netI_over_sigmaI_all   ? 
_reflns_shell.pdbx_netI_over_sigmaI_obs   ? 
_reflns_shell.pdbx_Rrim_I_all             1.75 
_reflns_shell.pdbx_Rpim_I_all             0.6144 
_reflns_shell.pdbx_rejects                ? 
_reflns_shell.pdbx_ordinal                1 
_reflns_shell.pdbx_diffrn_id              1 
_reflns_shell.pdbx_CC_half                0.6 
_reflns_shell.pdbx_R_split                ? 
# 
_refine.aniso_B[1][1]                            ? 
_refine.aniso_B[1][2]                            ? 
_refine.aniso_B[1][3]                            ? 
_refine.aniso_B[2][2]                            ? 
_refine.aniso_B[2][3]                            ? 
_refine.aniso_B[3][3]                            ? 
_refine.B_iso_max                                ? 
_refine.B_iso_mean                               33.65 
_refine.B_iso_min                                ? 
_refine.correlation_coeff_Fo_to_Fc               ? 
_refine.correlation_coeff_Fo_to_Fc_free          ? 
_refine.details                                  ? 
_refine.diff_density_max                         ? 
_refine.diff_density_max_esd                     ? 
_refine.diff_density_min                         ? 
_refine.diff_density_min_esd                     ? 
_refine.diff_density_rms                         ? 
_refine.diff_density_rms_esd                     ? 
_refine.entry_id                                 6S4J 
_refine.pdbx_refine_id                           'X-RAY DIFFRACTION' 
_refine.ls_abs_structure_details                 ? 
_refine.ls_abs_structure_Flack                   ? 
_refine.ls_abs_structure_Flack_esd               ? 
_refine.ls_abs_structure_Rogers                  ? 
_refine.ls_abs_structure_Rogers_esd              ? 
_refine.ls_d_res_high                            1.500 
_refine.ls_d_res_low                             45.88 
_refine.ls_extinction_coef                       ? 
_refine.ls_extinction_coef_esd                   ? 
_refine.ls_extinction_expression                 ? 
_refine.ls_extinction_method                     ? 
_refine.ls_goodness_of_fit_all                   ? 
_refine.ls_goodness_of_fit_all_esd               ? 
_refine.ls_goodness_of_fit_obs                   ? 
_refine.ls_goodness_of_fit_obs_esd               ? 
_refine.ls_hydrogen_treatment                    ? 
_refine.ls_matrix_type                           ? 
_refine.ls_number_constraints                    ? 
_refine.ls_number_parameters                     ? 
_refine.ls_number_reflns_all                     ? 
_refine.ls_number_reflns_obs                     8934 
_refine.ls_number_reflns_R_free                  447 
_refine.ls_number_reflns_R_work                  ? 
_refine.ls_number_restraints                     ? 
_refine.ls_percent_reflns_obs                    99.85 
_refine.ls_percent_reflns_R_free                 5.00 
_refine.ls_R_factor_all                          ? 
_refine.ls_R_factor_obs                          0.1885 
_refine.ls_R_factor_R_free                       0.2097 
_refine.ls_R_factor_R_free_error                 ? 
_refine.ls_R_factor_R_free_error_details         ? 
_refine.ls_R_factor_R_work                       0.1873 
_refine.ls_R_Fsqd_factor_obs                     ? 
_refine.ls_R_I_factor_obs                        ? 
_refine.ls_redundancy_reflns_all                 ? 
_refine.ls_redundancy_reflns_obs                 ? 
_refine.ls_restrained_S_all                      ? 
_refine.ls_restrained_S_obs                      ? 
_refine.ls_shift_over_esd_max                    ? 
_refine.ls_shift_over_esd_mean                   ? 
_refine.ls_structure_factor_coef                 ? 
_refine.ls_weighting_details                     ? 
_refine.ls_weighting_scheme                      ? 
_refine.ls_wR_factor_all                         ? 
_refine.ls_wR_factor_obs                         ? 
_refine.ls_wR_factor_R_free                      ? 
_refine.ls_wR_factor_R_work                      ? 
_refine.occupancy_max                            ? 
_refine.occupancy_min                            ? 
_refine.solvent_model_details                    ? 
_refine.solvent_model_param_bsol                 ? 
_refine.solvent_model_param_ksol                 ? 
_refine.ls_R_factor_gt                           ? 
_refine.ls_goodness_of_fit_gt                    ? 
_refine.ls_goodness_of_fit_ref                   ? 
_refine.ls_shift_over_su_max                     ? 
_refine.ls_shift_over_su_max_lt                  ? 
_refine.ls_shift_over_su_mean                    ? 
_refine.ls_shift_over_su_mean_lt                 ? 
_refine.pdbx_ls_sigma_I                          ? 
_refine.pdbx_ls_sigma_F                          1.37 
_refine.pdbx_ls_sigma_Fsqd                       ? 
_refine.pdbx_data_cutoff_high_absF               ? 
_refine.pdbx_data_cutoff_high_rms_absF           ? 
_refine.pdbx_data_cutoff_low_absF                ? 
_refine.pdbx_isotropic_thermal_model             ? 
_refine.pdbx_ls_cross_valid_method               'FREE R-VALUE' 
_refine.pdbx_method_to_determine_struct          'MOLECULAR REPLACEMENT' 
_refine.pdbx_starting_model                      6S4I 
_refine.pdbx_stereochemistry_target_values       ? 
_refine.pdbx_R_Free_selection_details            ? 
_refine.pdbx_stereochem_target_val_spec_case     ? 
_refine.pdbx_overall_ESU_R                       ? 
_refine.pdbx_overall_ESU_R_Free                  ? 
_refine.pdbx_solvent_vdw_probe_radii             1.11 
_refine.pdbx_solvent_ion_probe_radii             ? 
_refine.pdbx_solvent_shrinkage_radii             0.90 
_refine.pdbx_real_space_R                        ? 
_refine.pdbx_density_correlation                 ? 
_refine.pdbx_pd_number_of_powder_patterns        ? 
_refine.pdbx_pd_number_of_points                 ? 
_refine.pdbx_pd_meas_number_of_points            ? 
_refine.pdbx_pd_proc_ls_prof_R_factor            ? 
_refine.pdbx_pd_proc_ls_prof_wR_factor           ? 
_refine.pdbx_pd_Marquardt_correlation_coeff      ? 
_refine.pdbx_pd_Fsqrd_R_factor                   ? 
_refine.pdbx_pd_ls_matrix_band_width             ? 
_refine.pdbx_overall_phase_error                 31.25 
_refine.pdbx_overall_SU_R_free_Cruickshank_DPI   ? 
_refine.pdbx_overall_SU_R_free_Blow_DPI          ? 
_refine.pdbx_overall_SU_R_Blow_DPI               ? 
_refine.pdbx_TLS_residual_ADP_flag               ? 
_refine.pdbx_diffrn_id                           1 
_refine.overall_SU_B                             ? 
_refine.overall_SU_ML                            0.15 
_refine.overall_SU_R_Cruickshank_DPI             ? 
_refine.overall_SU_R_free                        ? 
_refine.overall_FOM_free_R_set                   ? 
_refine.overall_FOM_work_R_set                   ? 
_refine.pdbx_average_fsc_overall                 ? 
_refine.pdbx_average_fsc_work                    ? 
_refine.pdbx_average_fsc_free                    ? 
# 
_refine_hist.pdbx_refine_id                   'X-RAY DIFFRACTION' 
_refine_hist.cycle_id                         LAST 
_refine_hist.pdbx_number_atoms_protein        387 
_refine_hist.pdbx_number_atoms_nucleic_acid   0 
_refine_hist.pdbx_number_atoms_ligand         55 
_refine_hist.number_atoms_solvent             36 
_refine_hist.number_atoms_total               478 
_refine_hist.d_res_high                       1.500 
_refine_hist.d_res_low                        45.88 
# 
loop_
_refine_ls_restr.pdbx_refine_id 
_refine_ls_restr.criterion 
_refine_ls_restr.dev_ideal 
_refine_ls_restr.dev_ideal_target 
_refine_ls_restr.number 
_refine_ls_restr.rejects 
_refine_ls_restr.type 
_refine_ls_restr.weight 
_refine_ls_restr.pdbx_restraint_function 
'X-RAY DIFFRACTION' ? 0.012 ? 471 ? f_bond_d           ? ? 
'X-RAY DIFFRACTION' ? 1.401 ? 629 ? f_angle_d          ? ? 
'X-RAY DIFFRACTION' ? 7.256 ? 370 ? f_dihedral_angle_d ? ? 
'X-RAY DIFFRACTION' ? 0.072 ? 64  ? f_chiral_restr     ? ? 
'X-RAY DIFFRACTION' ? 0.007 ? 81  ? f_plane_restr      ? ? 
# 
loop_
_refine_ls_shell.pdbx_refine_id 
_refine_ls_shell.d_res_high 
_refine_ls_shell.d_res_low 
_refine_ls_shell.number_reflns_all 
_refine_ls_shell.number_reflns_obs 
_refine_ls_shell.number_reflns_R_free 
_refine_ls_shell.number_reflns_R_work 
_refine_ls_shell.percent_reflns_obs 
_refine_ls_shell.percent_reflns_R_free 
_refine_ls_shell.R_factor_all 
_refine_ls_shell.R_factor_obs 
_refine_ls_shell.R_factor_R_free 
_refine_ls_shell.R_factor_R_free_error 
_refine_ls_shell.R_factor_R_work 
_refine_ls_shell.redundancy_reflns_all 
_refine_ls_shell.redundancy_reflns_obs 
_refine_ls_shell.wR_factor_all 
_refine_ls_shell.wR_factor_obs 
_refine_ls_shell.wR_factor_R_free 
_refine_ls_shell.wR_factor_R_work 
_refine_ls_shell.pdbx_total_number_of_bins_used 
_refine_ls_shell.pdbx_phase_error 
_refine_ls_shell.pdbx_fsc_work 
_refine_ls_shell.pdbx_fsc_free 
'X-RAY DIFFRACTION' 1.5004 1.7175  . . 144 2750 100.00 . . . 0.2605 . 0.2572 . . . . . . . . . . 
'X-RAY DIFFRACTION' 1.7175 2.1638  . . 149 2821 100.00 . . . 0.2069 . 0.2107 . . . . . . . . . . 
'X-RAY DIFFRACTION' 2.1638 45.9054 . . 154 2916 100.00 . . . 0.2041 . 0.1724 . . . . . . . . . . 
# 
_struct.entry_id                     6S4J 
_struct.title                        
;Crystal structure of zinc free A14E, B25H, B29K(N(eps)-[2-(2-[2-(2-[2-(Octadecandioyl-gamma-Glu)amino]ethoxy)ethoxy]acetylamino)ethoxy]ethoxy)acetyl]), desB27, desB30 human insulin
;
_struct.pdbx_model_details           ? 
_struct.pdbx_formula_weight          ? 
_struct.pdbx_formula_weight_method   ? 
_struct.pdbx_model_type_details      ? 
_struct.pdbx_CASP_flag               N 
# 
_struct_keywords.entry_id        6S4J 
_struct_keywords.text            'insulin, oral, zinc free, hormone' 
_struct_keywords.pdbx_keywords   HORMONE 
# 
loop_
_struct_asym.id 
_struct_asym.pdbx_blank_PDB_chainid_flag 
_struct_asym.pdbx_modified 
_struct_asym.entity_id 
_struct_asym.details 
A N N 1 ? 
B N N 2 ? 
C N N 3 ? 
D N N 4 ? 
E N N 5 ? 
F N N 5 ? 
# 
loop_
_struct_ref.id 
_struct_ref.db_name 
_struct_ref.db_code 
_struct_ref.pdbx_db_accession 
_struct_ref.pdbx_db_isoform 
_struct_ref.entity_id 
_struct_ref.pdbx_seq_one_letter_code 
_struct_ref.pdbx_align_begin 
1 UNP INS_HUMAN P01308 ? 1 GIVEQCCTSICSLYQLENYCN         90 
2 UNP INS_HUMAN P01308 ? 2 FVNQHLCGSHLVEALYLVCGERGFFYTPK 25 
# 
loop_
_struct_ref_seq.align_id 
_struct_ref_seq.ref_id 
_struct_ref_seq.pdbx_PDB_id_code 
_struct_ref_seq.pdbx_strand_id 
_struct_ref_seq.seq_align_beg 
_struct_ref_seq.pdbx_seq_align_beg_ins_code 
_struct_ref_seq.seq_align_end 
_struct_ref_seq.pdbx_seq_align_end_ins_code 
_struct_ref_seq.pdbx_db_accession 
_struct_ref_seq.db_align_beg 
_struct_ref_seq.pdbx_db_align_beg_ins_code 
_struct_ref_seq.db_align_end 
_struct_ref_seq.pdbx_db_align_end_ins_code 
_struct_ref_seq.pdbx_auth_seq_align_beg 
_struct_ref_seq.pdbx_auth_seq_align_end 
1 1 6S4J A 1 ? 21 ? P01308 90 ? 110 ? 1 21 
2 2 6S4J B 1 ? 28 ? P01308 25 ? 53  ? 1 28 
# 
loop_
_struct_ref_seq_dif.align_id 
_struct_ref_seq_dif.pdbx_pdb_id_code 
_struct_ref_seq_dif.mon_id 
_struct_ref_seq_dif.pdbx_pdb_strand_id 
_struct_ref_seq_dif.seq_num 
_struct_ref_seq_dif.pdbx_pdb_ins_code 
_struct_ref_seq_dif.pdbx_seq_db_name 
_struct_ref_seq_dif.pdbx_seq_db_accession_code 
_struct_ref_seq_dif.db_mon_id 
_struct_ref_seq_dif.pdbx_seq_db_seq_num 
_struct_ref_seq_dif.details 
_struct_ref_seq_dif.pdbx_auth_seq_num 
_struct_ref_seq_dif.pdbx_ordinal 
1 6S4J GLU A 14 ? UNP P01308 TYR 103 'engineered mutation' 14 1 
2 6S4J HIS B 25 ? UNP P01308 PHE 49  'engineered mutation' 25 2 
2 6S4J ?   B ?  ? UNP P01308 THR 51  deletion              ?  3 
# 
_pdbx_struct_assembly.id                   1 
_pdbx_struct_assembly.details              author_defined_assembly 
_pdbx_struct_assembly.method_details       ? 
_pdbx_struct_assembly.oligomeric_details   hexameric 
_pdbx_struct_assembly.oligomeric_count     6 
# 
loop_
_pdbx_struct_assembly_gen.assembly_id 
_pdbx_struct_assembly_gen.oper_expression 
_pdbx_struct_assembly_gen.asym_id_list 
1 1 A,B,C,D,E,F 
1 2 A,B,C,D,E,F 
1 3 A,B,C,D,E,F 
# 
_pdbx_struct_assembly_auth_evidence.id                     1 
_pdbx_struct_assembly_auth_evidence.assembly_id            1 
_pdbx_struct_assembly_auth_evidence.experimental_support   none 
_pdbx_struct_assembly_auth_evidence.details                ? 
# 
loop_
_pdbx_struct_oper_list.id 
_pdbx_struct_oper_list.type 
_pdbx_struct_oper_list.name 
_pdbx_struct_oper_list.symmetry_operation 
_pdbx_struct_oper_list.matrix[1][1] 
_pdbx_struct_oper_list.matrix[1][2] 
_pdbx_struct_oper_list.matrix[1][3] 
_pdbx_struct_oper_list.vector[1] 
_pdbx_struct_oper_list.matrix[2][1] 
_pdbx_struct_oper_list.matrix[2][2] 
_pdbx_struct_oper_list.matrix[2][3] 
_pdbx_struct_oper_list.vector[2] 
_pdbx_struct_oper_list.matrix[3][1] 
_pdbx_struct_oper_list.matrix[3][2] 
_pdbx_struct_oper_list.matrix[3][3] 
_pdbx_struct_oper_list.vector[3] 
1 'identity operation'         1_555 x,y,z       1.0000000000 0.0000000000  0.0000000000  0.0000000000  0.0000000000  1.0000000000 0.0000000000  0.0000000000  0.0000000000  0.0000000000  1.0000000000  0.0000000000  
2 'crystal symmetry operation' 2_575 -y,x-y+2,z  0.1038715885 -0.5716826684 -0.8138732210 17.8139126940 -0.8640559788 0.3533873352 -0.3585033569 14.6300271385 0.4925626444  0.7404703357  -0.4572589237 1.5864281440  
3 'crystal symmetry operation' 3_355 -x+y-2,-x,z 0.1038715885 -0.8640559788 0.4925626444  10.0093877677 -0.5716826684 0.3533873352 0.7404703357  3.8391358597  -0.8138732210 -0.3585033569 -0.4572589237 20.4685887682 
# 
loop_
_struct_conf.conf_type_id 
_struct_conf.id 
_struct_conf.pdbx_PDB_helix_id 
_struct_conf.beg_label_comp_id 
_struct_conf.beg_label_asym_id 
_struct_conf.beg_label_seq_id 
_struct_conf.pdbx_beg_PDB_ins_code 
_struct_conf.end_label_comp_id 
_struct_conf.end_label_asym_id 
_struct_conf.end_label_seq_id 
_struct_conf.pdbx_end_PDB_ins_code 
_struct_conf.beg_auth_comp_id 
_struct_conf.beg_auth_asym_id 
_struct_conf.beg_auth_seq_id 
_struct_conf.end_auth_comp_id 
_struct_conf.end_auth_asym_id 
_struct_conf.end_auth_seq_id 
_struct_conf.pdbx_PDB_helix_class 
_struct_conf.details 
_struct_conf.pdbx_PDB_helix_length 
HELX_P HELX_P1 AA1 GLY A 1  ? THR A 8  ? GLY A 1  THR A 8  1 ? 8  
HELX_P HELX_P2 AA2 SER A 12 ? ASN A 18 ? SER A 12 ASN A 18 1 ? 7  
HELX_P HELX_P3 AA3 GLY B 8  ? GLY B 20 ? GLY B 8  GLY B 20 1 ? 13 
HELX_P HELX_P4 AA4 GLU B 21 ? GLY B 23 ? GLU B 21 GLY B 23 5 ? 3  
# 
_struct_conf_type.id          HELX_P 
_struct_conf_type.criteria    ? 
_struct_conf_type.reference   ? 
# 
loop_
_struct_conn.id 
_struct_conn.conn_type_id 
_struct_conn.pdbx_leaving_atom_flag 
_struct_conn.pdbx_PDB_id 
_struct_conn.ptnr1_label_asym_id 
_struct_conn.ptnr1_label_comp_id 
_struct_conn.ptnr1_label_seq_id 
_struct_conn.ptnr1_label_atom_id 
_struct_conn.pdbx_ptnr1_label_alt_id 
_struct_conn.pdbx_ptnr1_PDB_ins_code 
_struct_conn.pdbx_ptnr1_standard_comp_id 
_struct_conn.ptnr1_symmetry 
_struct_conn.ptnr2_label_asym_id 
_struct_conn.ptnr2_label_comp_id 
_struct_conn.ptnr2_label_seq_id 
_struct_conn.ptnr2_label_atom_id 
_struct_conn.pdbx_ptnr2_label_alt_id 
_struct_conn.pdbx_ptnr2_PDB_ins_code 
_struct_conn.ptnr1_auth_asym_id 
_struct_conn.ptnr1_auth_comp_id 
_struct_conn.ptnr1_auth_seq_id 
_struct_conn.ptnr2_auth_asym_id 
_struct_conn.ptnr2_auth_comp_id 
_struct_conn.ptnr2_auth_seq_id 
_struct_conn.ptnr2_symmetry 
_struct_conn.pdbx_ptnr3_label_atom_id 
_struct_conn.pdbx_ptnr3_label_seq_id 
_struct_conn.pdbx_ptnr3_label_comp_id 
_struct_conn.pdbx_ptnr3_label_asym_id 
_struct_conn.pdbx_ptnr3_label_alt_id 
_struct_conn.pdbx_ptnr3_PDB_ins_code 
_struct_conn.details 
_struct_conn.pdbx_dist_value 
_struct_conn.pdbx_value_order 
_struct_conn.pdbx_role 
disulf1 disulf ?    ? A CYS 6  SG ? ? ? 1_555 A CYS 11 SG  A ? A CYS 6  A CYS 11  1_555 ? ? ? ? ? ? ? 2.087 ? ? 
disulf2 disulf ?    ? A CYS 6  SG ? ? ? 1_555 A CYS 11 SG  B ? A CYS 6  A CYS 11  1_555 ? ? ? ? ? ? ? 1.969 ? ? 
disulf3 disulf ?    ? A CYS 7  SG ? ? ? 1_555 B CYS 7  SG  ? ? A CYS 7  B CYS 7   1_555 ? ? ? ? ? ? ? 2.057 ? ? 
disulf4 disulf ?    ? A CYS 20 SG ? ? ? 1_555 B CYS 19 SG  ? ? A CYS 20 B CYS 19  1_555 ? ? ? ? ? ? ? 2.055 ? ? 
covale1 covale none ? B LYS 28 NZ ? ? ? 1_555 D KUT .  C33 ? ? B LYS 28 B KUT 102 1_555 ? ? ? ? ? ? ? 1.333 ? ? 
# 
loop_
_struct_conn_type.id 
_struct_conn_type.criteria 
_struct_conn_type.reference 
disulf ? ? 
covale ? ? 
# 
loop_
_pdbx_modification_feature.ordinal 
_pdbx_modification_feature.label_comp_id 
_pdbx_modification_feature.label_asym_id 
_pdbx_modification_feature.label_seq_id 
_pdbx_modification_feature.label_alt_id 
_pdbx_modification_feature.modified_residue_label_comp_id 
_pdbx_modification_feature.modified_residue_label_asym_id 
_pdbx_modification_feature.modified_residue_label_seq_id 
_pdbx_modification_feature.modified_residue_label_alt_id 
_pdbx_modification_feature.auth_comp_id 
_pdbx_modification_feature.auth_asym_id 
_pdbx_modification_feature.auth_seq_id 
_pdbx_modification_feature.PDB_ins_code 
_pdbx_modification_feature.symmetry 
_pdbx_modification_feature.modified_residue_auth_comp_id 
_pdbx_modification_feature.modified_residue_auth_asym_id 
_pdbx_modification_feature.modified_residue_auth_seq_id 
_pdbx_modification_feature.modified_residue_PDB_ins_code 
_pdbx_modification_feature.modified_residue_symmetry 
_pdbx_modification_feature.comp_id_linking_atom 
_pdbx_modification_feature.modified_residue_id_linking_atom 
_pdbx_modification_feature.modified_residue_id 
_pdbx_modification_feature.ref_pcm_id 
_pdbx_modification_feature.ref_comp_id 
_pdbx_modification_feature.type 
_pdbx_modification_feature.category 
1 KUT D .  ? LYS B 28 ? KUT B 102 ? 1_555 LYS B 28 ? 1_555 C33 NZ LYS 1 KUT None Lipid/lipid-like   
2 CYS A 6  ? CYS A 11 A CYS A 6   ? 1_555 CYS A 11 ? 1_555 SG  SG .   . .   None 'Disulfide bridge' 
3 CYS A 6  ? CYS A 11 B CYS A 6   ? 1_555 CYS A 11 ? 1_555 SG  SG .   . .   None 'Disulfide bridge' 
4 CYS A 7  ? CYS B 7  ? CYS A 7   ? 1_555 CYS B 7  ? 1_555 SG  SG .   . .   None 'Disulfide bridge' 
5 CYS A 20 ? CYS B 19 ? CYS A 20  ? 1_555 CYS B 19 ? 1_555 SG  SG .   . .   None 'Disulfide bridge' 
# 
_struct_mon_prot_cis.pdbx_id                1 
_struct_mon_prot_cis.label_comp_id          TYR 
_struct_mon_prot_cis.label_seq_id           26 
_struct_mon_prot_cis.label_asym_id          B 
_struct_mon_prot_cis.label_alt_id           . 
_struct_mon_prot_cis.pdbx_PDB_ins_code      ? 
_struct_mon_prot_cis.auth_comp_id           TYR 
_struct_mon_prot_cis.auth_seq_id            26 
_struct_mon_prot_cis.auth_asym_id           B 
_struct_mon_prot_cis.pdbx_label_comp_id_2   PRO 
_struct_mon_prot_cis.pdbx_label_seq_id_2    27 
_struct_mon_prot_cis.pdbx_label_asym_id_2   B 
_struct_mon_prot_cis.pdbx_PDB_ins_code_2    ? 
_struct_mon_prot_cis.pdbx_auth_comp_id_2    PRO 
_struct_mon_prot_cis.pdbx_auth_seq_id_2     27 
_struct_mon_prot_cis.pdbx_auth_asym_id_2    B 
_struct_mon_prot_cis.pdbx_PDB_model_num     1 
_struct_mon_prot_cis.pdbx_omega_angle       -3.97 
# 
_struct_site.id                   AC1 
_struct_site.pdbx_evidence_code   Software 
_struct_site.pdbx_auth_asym_id    B 
_struct_site.pdbx_auth_comp_id    KUT 
_struct_site.pdbx_auth_seq_id     102 
_struct_site.pdbx_auth_ins_code   ? 
_struct_site.pdbx_num_residues    13 
_struct_site.details              'binding site for residue KUT B 102' 
# 
loop_
_struct_site_gen.id 
_struct_site_gen.site_id 
_struct_site_gen.pdbx_num_res 
_struct_site_gen.label_comp_id 
_struct_site_gen.label_asym_id 
_struct_site_gen.label_seq_id 
_struct_site_gen.pdbx_auth_ins_code 
_struct_site_gen.auth_comp_id 
_struct_site_gen.auth_asym_id 
_struct_site_gen.auth_seq_id 
_struct_site_gen.label_atom_id 
_struct_site_gen.label_alt_id 
_struct_site_gen.symmetry 
_struct_site_gen.details 
1  AC1 13 GLU A 14 ? GLU A 14  . ? 5_567 ? 
2  AC1 13 PHE B 1  ? PHE B 1   . ? 5_567 ? 
3  AC1 13 PHE B 1  ? PHE B 1   . ? 6_457 ? 
4  AC1 13 GLY B 8  ? GLY B 8   . ? 3_355 ? 
5  AC1 13 TYR B 16 ? TYR B 16  . ? 3_355 ? 
6  AC1 13 HIS B 25 ? HIS B 25  . ? 1_555 ? 
7  AC1 13 TYR B 26 ? TYR B 26  . ? 1_555 ? 
8  AC1 13 TYR B 26 ? TYR B 26  . ? 3_355 ? 
9  AC1 13 LYS B 28 ? LYS B 28  . ? 1_555 ? 
10 AC1 13 HOH F .  ? HOH B 201 . ? 1_555 ? 
11 AC1 13 HOH F .  ? HOH B 202 . ? 1_555 ? 
12 AC1 13 HOH F .  ? HOH B 212 . ? 3_355 ? 
13 AC1 13 HOH F .  ? HOH B 214 . ? 1_555 ? 
# 
_pdbx_entry_details.entry_id                   6S4J 
_pdbx_entry_details.has_ligand_of_interest     Y 
_pdbx_entry_details.compound_details           ? 
_pdbx_entry_details.source_details             ? 
_pdbx_entry_details.nonpolymer_details         ? 
_pdbx_entry_details.sequence_details           ? 
_pdbx_entry_details.has_protein_modification   Y 
# 
loop_
_pdbx_validate_close_contact.id 
_pdbx_validate_close_contact.PDB_model_num 
_pdbx_validate_close_contact.auth_atom_id_1 
_pdbx_validate_close_contact.auth_asym_id_1 
_pdbx_validate_close_contact.auth_comp_id_1 
_pdbx_validate_close_contact.auth_seq_id_1 
_pdbx_validate_close_contact.PDB_ins_code_1 
_pdbx_validate_close_contact.label_alt_id_1 
_pdbx_validate_close_contact.auth_atom_id_2 
_pdbx_validate_close_contact.auth_asym_id_2 
_pdbx_validate_close_contact.auth_comp_id_2 
_pdbx_validate_close_contact.auth_seq_id_2 
_pdbx_validate_close_contact.PDB_ins_code_2 
_pdbx_validate_close_contact.label_alt_id_2 
_pdbx_validate_close_contact.dist 
1 1 NZ B LYS 28  ? ? H61 B KUT 102 ? ? 0.76 
2 1 O  A HOH 104 ? ? O   A HOH 110 ? ? 2.10 
3 1 O  B HOH 222 ? ? O   B HOH 223 ? ? 2.11 
4 1 NZ B LYS 28  ? ? O9  B KUT 102 ? ? 2.18 
# 
loop_
_pdbx_validate_symm_contact.id 
_pdbx_validate_symm_contact.PDB_model_num 
_pdbx_validate_symm_contact.auth_atom_id_1 
_pdbx_validate_symm_contact.auth_asym_id_1 
_pdbx_validate_symm_contact.auth_comp_id_1 
_pdbx_validate_symm_contact.auth_seq_id_1 
_pdbx_validate_symm_contact.PDB_ins_code_1 
_pdbx_validate_symm_contact.label_alt_id_1 
_pdbx_validate_symm_contact.site_symmetry_1 
_pdbx_validate_symm_contact.auth_atom_id_2 
_pdbx_validate_symm_contact.auth_asym_id_2 
_pdbx_validate_symm_contact.auth_comp_id_2 
_pdbx_validate_symm_contact.auth_seq_id_2 
_pdbx_validate_symm_contact.PDB_ins_code_2 
_pdbx_validate_symm_contact.label_alt_id_2 
_pdbx_validate_symm_contact.site_symmetry_2 
_pdbx_validate_symm_contact.dist 
1 1 H1 B PHE 1   ? ? 1_555 O1 B KUT 102 ? ? 6_447 1.53 
2 1 O  B HOH 201 ? ? 1_555 O  B HOH 222 ? ? 3_355 2.03 
3 1 N  B PHE 1   ? ? 1_555 O1 B KUT 102 ? ? 6_447 2.04 
# 
loop_
_pdbx_struct_special_symmetry.id 
_pdbx_struct_special_symmetry.PDB_model_num 
_pdbx_struct_special_symmetry.auth_asym_id 
_pdbx_struct_special_symmetry.auth_comp_id 
_pdbx_struct_special_symmetry.auth_seq_id 
_pdbx_struct_special_symmetry.PDB_ins_code 
_pdbx_struct_special_symmetry.label_asym_id 
_pdbx_struct_special_symmetry.label_comp_id 
_pdbx_struct_special_symmetry.label_seq_id 
1 1 A HOH 108 ? E HOH . 
2 1 B HOH 220 ? F HOH . 
3 1 B HOH 225 ? F HOH . 
# 
_pdbx_refine_tls.id               1 
_pdbx_refine_tls.pdbx_refine_id   'X-RAY DIFFRACTION' 
_pdbx_refine_tls.details          ? 
_pdbx_refine_tls.method           refined 
_pdbx_refine_tls.origin_x         0.6209 
_pdbx_refine_tls.origin_y         -0.0508 
_pdbx_refine_tls.origin_z         1.2795 
_pdbx_refine_tls.T[1][1]          0.1062 
_pdbx_refine_tls.T[1][1]_esd      ? 
_pdbx_refine_tls.T[1][2]          -0.0990 
_pdbx_refine_tls.T[1][2]_esd      ? 
_pdbx_refine_tls.T[1][3]          -0.0522 
_pdbx_refine_tls.T[1][3]_esd      ? 
_pdbx_refine_tls.T[2][2]          0.1645 
_pdbx_refine_tls.T[2][2]_esd      ? 
_pdbx_refine_tls.T[2][3]          0.0137 
_pdbx_refine_tls.T[2][3]_esd      ? 
_pdbx_refine_tls.T[3][3]          0.0815 
_pdbx_refine_tls.T[3][3]_esd      ? 
_pdbx_refine_tls.L[1][1]          3.1614 
_pdbx_refine_tls.L[1][1]_esd      ? 
_pdbx_refine_tls.L[1][2]          0.3668 
_pdbx_refine_tls.L[1][2]_esd      ? 
_pdbx_refine_tls.L[1][3]          0.7231 
_pdbx_refine_tls.L[1][3]_esd      ? 
_pdbx_refine_tls.L[2][2]          2.1105 
_pdbx_refine_tls.L[2][2]_esd      ? 
_pdbx_refine_tls.L[2][3]          0.4845 
_pdbx_refine_tls.L[2][3]_esd      ? 
_pdbx_refine_tls.L[3][3]          3.9913 
_pdbx_refine_tls.L[3][3]_esd      ? 
_pdbx_refine_tls.S[1][1]          -0.0138 
_pdbx_refine_tls.S[1][1]_esd      ? 
_pdbx_refine_tls.S[1][2]          -0.0382 
_pdbx_refine_tls.S[1][2]_esd      ? 
_pdbx_refine_tls.S[1][3]          -0.2481 
_pdbx_refine_tls.S[1][3]_esd      ? 
_pdbx_refine_tls.S[2][1]          -0.0210 
_pdbx_refine_tls.S[2][1]_esd      ? 
_pdbx_refine_tls.S[2][2]          -0.0244 
_pdbx_refine_tls.S[2][2]_esd      ? 
_pdbx_refine_tls.S[2][3]          0.0623 
_pdbx_refine_tls.S[2][3]_esd      ? 
_pdbx_refine_tls.S[3][1]          0.3195 
_pdbx_refine_tls.S[3][1]_esd      ? 
_pdbx_refine_tls.S[3][2]          0.0153 
_pdbx_refine_tls.S[3][2]_esd      ? 
_pdbx_refine_tls.S[3][3]          -0.0784 
_pdbx_refine_tls.S[3][3]_esd      ? 
# 
_pdbx_refine_tls_group.id                  1 
_pdbx_refine_tls_group.pdbx_refine_id      'X-RAY DIFFRACTION' 
_pdbx_refine_tls_group.refine_tls_id       1 
_pdbx_refine_tls_group.beg_label_asym_id   ? 
_pdbx_refine_tls_group.beg_label_seq_id    ? 
_pdbx_refine_tls_group.beg_auth_asym_id    ? 
_pdbx_refine_tls_group.beg_auth_seq_id     ? 
_pdbx_refine_tls_group.end_label_asym_id   ? 
_pdbx_refine_tls_group.end_label_seq_id    ? 
_pdbx_refine_tls_group.end_auth_asym_id    ? 
_pdbx_refine_tls_group.end_auth_seq_id     ? 
_pdbx_refine_tls_group.selection           ? 
_pdbx_refine_tls_group.selection_details   all 
# 
loop_
_pdbx_distant_solvent_atoms.id 
_pdbx_distant_solvent_atoms.PDB_model_num 
_pdbx_distant_solvent_atoms.auth_atom_id 
_pdbx_distant_solvent_atoms.label_alt_id 
_pdbx_distant_solvent_atoms.auth_asym_id 
_pdbx_distant_solvent_atoms.auth_comp_id 
_pdbx_distant_solvent_atoms.auth_seq_id 
_pdbx_distant_solvent_atoms.PDB_ins_code 
_pdbx_distant_solvent_atoms.neighbor_macromolecule_distance 
_pdbx_distant_solvent_atoms.neighbor_ligand_distance 
1 1 O ? B HOH 224 ? 5.85 . 
2 1 O ? B HOH 225 ? 5.88 . 
# 
loop_
_chem_comp_atom.comp_id 
_chem_comp_atom.atom_id 
_chem_comp_atom.type_symbol 
_chem_comp_atom.pdbx_aromatic_flag 
_chem_comp_atom.pdbx_stereo_config 
_chem_comp_atom.pdbx_ordinal 
ALA N    N N N 1   
ALA CA   C N S 2   
ALA C    C N N 3   
ALA O    O N N 4   
ALA CB   C N N 5   
ALA OXT  O N N 6   
ALA H    H N N 7   
ALA H2   H N N 8   
ALA HA   H N N 9   
ALA HB1  H N N 10  
ALA HB2  H N N 11  
ALA HB3  H N N 12  
ALA HXT  H N N 13  
ARG N    N N N 14  
ARG CA   C N S 15  
ARG C    C N N 16  
ARG O    O N N 17  
ARG CB   C N N 18  
ARG CG   C N N 19  
ARG CD   C N N 20  
ARG NE   N N N 21  
ARG CZ   C N N 22  
ARG NH1  N N N 23  
ARG NH2  N N N 24  
ARG OXT  O N N 25  
ARG H    H N N 26  
ARG H2   H N N 27  
ARG HA   H N N 28  
ARG HB2  H N N 29  
ARG HB3  H N N 30  
ARG HG2  H N N 31  
ARG HG3  H N N 32  
ARG HD2  H N N 33  
ARG HD3  H N N 34  
ARG HE   H N N 35  
ARG HH11 H N N 36  
ARG HH12 H N N 37  
ARG HH21 H N N 38  
ARG HH22 H N N 39  
ARG HXT  H N N 40  
ASN N    N N N 41  
ASN CA   C N S 42  
ASN C    C N N 43  
ASN O    O N N 44  
ASN CB   C N N 45  
ASN CG   C N N 46  
ASN OD1  O N N 47  
ASN ND2  N N N 48  
ASN OXT  O N N 49  
ASN H    H N N 50  
ASN H2   H N N 51  
ASN HA   H N N 52  
ASN HB2  H N N 53  
ASN HB3  H N N 54  
ASN HD21 H N N 55  
ASN HD22 H N N 56  
ASN HXT  H N N 57  
CYS N    N N N 58  
CYS CA   C N R 59  
CYS C    C N N 60  
CYS O    O N N 61  
CYS CB   C N N 62  
CYS SG   S N N 63  
CYS OXT  O N N 64  
CYS H    H N N 65  
CYS H2   H N N 66  
CYS HA   H N N 67  
CYS HB2  H N N 68  
CYS HB3  H N N 69  
CYS HG   H N N 70  
CYS HXT  H N N 71  
GLN N    N N N 72  
GLN CA   C N S 73  
GLN C    C N N 74  
GLN O    O N N 75  
GLN CB   C N N 76  
GLN CG   C N N 77  
GLN CD   C N N 78  
GLN OE1  O N N 79  
GLN NE2  N N N 80  
GLN OXT  O N N 81  
GLN H    H N N 82  
GLN H2   H N N 83  
GLN HA   H N N 84  
GLN HB2  H N N 85  
GLN HB3  H N N 86  
GLN HG2  H N N 87  
GLN HG3  H N N 88  
GLN HE21 H N N 89  
GLN HE22 H N N 90  
GLN HXT  H N N 91  
GLU N    N N N 92  
GLU CA   C N S 93  
GLU C    C N N 94  
GLU O    O N N 95  
GLU CB   C N N 96  
GLU CG   C N N 97  
GLU CD   C N N 98  
GLU OE1  O N N 99  
GLU OE2  O N N 100 
GLU OXT  O N N 101 
GLU H    H N N 102 
GLU H2   H N N 103 
GLU HA   H N N 104 
GLU HB2  H N N 105 
GLU HB3  H N N 106 
GLU HG2  H N N 107 
GLU HG3  H N N 108 
GLU HE2  H N N 109 
GLU HXT  H N N 110 
GLY N    N N N 111 
GLY CA   C N N 112 
GLY C    C N N 113 
GLY O    O N N 114 
GLY OXT  O N N 115 
GLY H    H N N 116 
GLY H2   H N N 117 
GLY HA2  H N N 118 
GLY HA3  H N N 119 
GLY HXT  H N N 120 
HIS N    N N N 121 
HIS CA   C N S 122 
HIS C    C N N 123 
HIS O    O N N 124 
HIS CB   C N N 125 
HIS CG   C Y N 126 
HIS ND1  N Y N 127 
HIS CD2  C Y N 128 
HIS CE1  C Y N 129 
HIS NE2  N Y N 130 
HIS OXT  O N N 131 
HIS H    H N N 132 
HIS H2   H N N 133 
HIS HA   H N N 134 
HIS HB2  H N N 135 
HIS HB3  H N N 136 
HIS HD1  H N N 137 
HIS HD2  H N N 138 
HIS HE1  H N N 139 
HIS HE2  H N N 140 
HIS HXT  H N N 141 
HOH O    O N N 142 
HOH H1   H N N 143 
HOH H2   H N N 144 
ILE N    N N N 145 
ILE CA   C N S 146 
ILE C    C N N 147 
ILE O    O N N 148 
ILE CB   C N S 149 
ILE CG1  C N N 150 
ILE CG2  C N N 151 
ILE CD1  C N N 152 
ILE OXT  O N N 153 
ILE H    H N N 154 
ILE H2   H N N 155 
ILE HA   H N N 156 
ILE HB   H N N 157 
ILE HG12 H N N 158 
ILE HG13 H N N 159 
ILE HG21 H N N 160 
ILE HG22 H N N 161 
ILE HG23 H N N 162 
ILE HD11 H N N 163 
ILE HD12 H N N 164 
ILE HD13 H N N 165 
ILE HXT  H N N 166 
IMD N1   N Y N 167 
IMD C2   C Y N 168 
IMD N3   N Y N 169 
IMD C4   C Y N 170 
IMD C5   C Y N 171 
IMD HN1  H N N 172 
IMD H2   H N N 173 
IMD HN3  H N N 174 
IMD H4   H N N 175 
IMD H5   H N N 176 
KUT C28  C N N 177 
KUT C29  C N N 178 
KUT C30  C N N 179 
KUT C27  C N N 180 
KUT C26  C N N 181 
KUT C23  C N N 182 
KUT C22  C N N 183 
KUT C21  C N N 184 
KUT C19  C N N 185 
KUT C14  C N N 186 
KUT C15  C N N 187 
KUT C16  C N N 188 
KUT C13  C N N 189 
KUT C12  C N N 190 
KUT C11  C N N 191 
KUT O10  O N N 192 
KUT C6   C N N 193 
KUT C5   C N N 194 
KUT C4   C N N 195 
KUT C2   C N N 196 
KUT C1   C N N 197 
KUT C8   C N N 198 
KUT C7   C N N 199 
KUT N    N N N 200 
KUT C    C N N 201 
KUT O    O N N 202 
KUT C10  C N N 203 
KUT C17  C N N 204 
KUT C18  C N S 205 
KUT C20  C N N 206 
KUT C24  C N N 207 
KUT C25  C N N 208 
KUT C3   C N N 209 
KUT C31  C N N 210 
KUT C32  C N N 211 
KUT C33  C N N 212 
KUT C34  C N N 213 
KUT C9   C N N 214 
KUT N1   N N N 215 
KUT N2   N N N 216 
KUT O1   O N N 217 
KUT O11  O N N 218 
KUT O2   O N N 219 
KUT O3   O N N 220 
KUT O4   O N N 221 
KUT O5   O N N 222 
KUT O6   O N N 223 
KUT O7   O N N 224 
KUT O8   O N N 225 
KUT O9   O N N 226 
KUT H51  H N N 227 
KUT H52  H N N 228 
KUT H53  H N N 229 
KUT H54  H N N 230 
KUT H55  H N N 231 
KUT H56  H N N 232 
KUT H48  H N N 233 
KUT H49  H N N 234 
KUT H42  H N N 235 
KUT H43  H N N 236 
KUT H41  H N N 237 
KUT H40  H N N 238 
KUT H36  H N N 239 
KUT H35  H N N 240 
KUT H29  H N N 241 
KUT H28  H N N 242 
KUT H31  H N N 243 
KUT H30  H N N 244 
KUT H33  H N N 245 
KUT H32  H N N 246 
KUT H27  H N N 247 
KUT H26  H N N 248 
KUT H25  H N N 249 
KUT H24  H N N 250 
KUT H23  H N N 251 
KUT H22  H N N 252 
KUT H14  H N N 253 
KUT H13  H N N 254 
KUT H12  H N N 255 
KUT H11  H N N 256 
KUT H10  H N N 257 
KUT H9   H N N 258 
KUT H6   H N N 259 
KUT H5   H N N 260 
KUT H4   H N N 261 
KUT H3   H N N 262 
KUT H18  H N N 263 
KUT H17  H N N 264 
KUT H16  H N N 265 
KUT H15  H N N 266 
KUT H34  H N N 267 
KUT H2   H N N 268 
KUT H1   H N N 269 
KUT H21  H N N 270 
KUT H20  H N N 271 
KUT H    H N N 272 
KUT H38  H N N 273 
KUT H37  H N N 274 
KUT H44  H N N 275 
KUT H45  H N N 276 
KUT H46  H N N 277 
KUT H47  H N N 278 
KUT H8   H N N 279 
KUT H7   H N N 280 
KUT H57  H N N 281 
KUT H58  H N N 282 
KUT H60  H N N 283 
KUT H59  H N N 284 
KUT H61  H N N 285 
KUT H39  H N N 286 
KUT H50  H N N 287 
KUT H19  H N N 288 
KUT H62  H N N 289 
LEU N    N N N 290 
LEU CA   C N S 291 
LEU C    C N N 292 
LEU O    O N N 293 
LEU CB   C N N 294 
LEU CG   C N N 295 
LEU CD1  C N N 296 
LEU CD2  C N N 297 
LEU OXT  O N N 298 
LEU H    H N N 299 
LEU H2   H N N 300 
LEU HA   H N N 301 
LEU HB2  H N N 302 
LEU HB3  H N N 303 
LEU HG   H N N 304 
LEU HD11 H N N 305 
LEU HD12 H N N 306 
LEU HD13 H N N 307 
LEU HD21 H N N 308 
LEU HD22 H N N 309 
LEU HD23 H N N 310 
LEU HXT  H N N 311 
LYS N    N N N 312 
LYS CA   C N S 313 
LYS C    C N N 314 
LYS O    O N N 315 
LYS CB   C N N 316 
LYS CG   C N N 317 
LYS CD   C N N 318 
LYS CE   C N N 319 
LYS NZ   N N N 320 
LYS OXT  O N N 321 
LYS H    H N N 322 
LYS H2   H N N 323 
LYS HA   H N N 324 
LYS HB2  H N N 325 
LYS HB3  H N N 326 
LYS HG2  H N N 327 
LYS HG3  H N N 328 
LYS HD2  H N N 329 
LYS HD3  H N N 330 
LYS HE2  H N N 331 
LYS HE3  H N N 332 
LYS HZ1  H N N 333 
LYS HZ2  H N N 334 
LYS HZ3  H N N 335 
LYS HXT  H N N 336 
PHE N    N N N 337 
PHE CA   C N S 338 
PHE C    C N N 339 
PHE O    O N N 340 
PHE CB   C N N 341 
PHE CG   C Y N 342 
PHE CD1  C Y N 343 
PHE CD2  C Y N 344 
PHE CE1  C Y N 345 
PHE CE2  C Y N 346 
PHE CZ   C Y N 347 
PHE OXT  O N N 348 
PHE H    H N N 349 
PHE H2   H N N 350 
PHE HA   H N N 351 
PHE HB2  H N N 352 
PHE HB3  H N N 353 
PHE HD1  H N N 354 
PHE HD2  H N N 355 
PHE HE1  H N N 356 
PHE HE2  H N N 357 
PHE HZ   H N N 358 
PHE HXT  H N N 359 
PRO N    N N N 360 
PRO CA   C N S 361 
PRO C    C N N 362 
PRO O    O N N 363 
PRO CB   C N N 364 
PRO CG   C N N 365 
PRO CD   C N N 366 
PRO OXT  O N N 367 
PRO H    H N N 368 
PRO HA   H N N 369 
PRO HB2  H N N 370 
PRO HB3  H N N 371 
PRO HG2  H N N 372 
PRO HG3  H N N 373 
PRO HD2  H N N 374 
PRO HD3  H N N 375 
PRO HXT  H N N 376 
SER N    N N N 377 
SER CA   C N S 378 
SER C    C N N 379 
SER O    O N N 380 
SER CB   C N N 381 
SER OG   O N N 382 
SER OXT  O N N 383 
SER H    H N N 384 
SER H2   H N N 385 
SER HA   H N N 386 
SER HB2  H N N 387 
SER HB3  H N N 388 
SER HG   H N N 389 
SER HXT  H N N 390 
THR N    N N N 391 
THR CA   C N S 392 
THR C    C N N 393 
THR O    O N N 394 
THR CB   C N R 395 
THR OG1  O N N 396 
THR CG2  C N N 397 
THR OXT  O N N 398 
THR H    H N N 399 
THR H2   H N N 400 
THR HA   H N N 401 
THR HB   H N N 402 
THR HG1  H N N 403 
THR HG21 H N N 404 
THR HG22 H N N 405 
THR HG23 H N N 406 
THR HXT  H N N 407 
TYR N    N N N 408 
TYR CA   C N S 409 
TYR C    C N N 410 
TYR O    O N N 411 
TYR CB   C N N 412 
TYR CG   C Y N 413 
TYR CD1  C Y N 414 
TYR CD2  C Y N 415 
TYR CE1  C Y N 416 
TYR CE2  C Y N 417 
TYR CZ   C Y N 418 
TYR OH   O N N 419 
TYR OXT  O N N 420 
TYR H    H N N 421 
TYR H2   H N N 422 
TYR HA   H N N 423 
TYR HB2  H N N 424 
TYR HB3  H N N 425 
TYR HD1  H N N 426 
TYR HD2  H N N 427 
TYR HE1  H N N 428 
TYR HE2  H N N 429 
TYR HH   H N N 430 
TYR HXT  H N N 431 
VAL N    N N N 432 
VAL CA   C N S 433 
VAL C    C N N 434 
VAL O    O N N 435 
VAL CB   C N N 436 
VAL CG1  C N N 437 
VAL CG2  C N N 438 
VAL OXT  O N N 439 
VAL H    H N N 440 
VAL H2   H N N 441 
VAL HA   H N N 442 
VAL HB   H N N 443 
VAL HG11 H N N 444 
VAL HG12 H N N 445 
VAL HG13 H N N 446 
VAL HG21 H N N 447 
VAL HG22 H N N 448 
VAL HG23 H N N 449 
VAL HXT  H N N 450 
# 
loop_
_chem_comp_bond.comp_id 
_chem_comp_bond.atom_id_1 
_chem_comp_bond.atom_id_2 
_chem_comp_bond.value_order 
_chem_comp_bond.pdbx_aromatic_flag 
_chem_comp_bond.pdbx_stereo_config 
_chem_comp_bond.pdbx_ordinal 
ALA N   CA   sing N N 1   
ALA N   H    sing N N 2   
ALA N   H2   sing N N 3   
ALA CA  C    sing N N 4   
ALA CA  CB   sing N N 5   
ALA CA  HA   sing N N 6   
ALA C   O    doub N N 7   
ALA C   OXT  sing N N 8   
ALA CB  HB1  sing N N 9   
ALA CB  HB2  sing N N 10  
ALA CB  HB3  sing N N 11  
ALA OXT HXT  sing N N 12  
ARG N   CA   sing N N 13  
ARG N   H    sing N N 14  
ARG N   H2   sing N N 15  
ARG CA  C    sing N N 16  
ARG CA  CB   sing N N 17  
ARG CA  HA   sing N N 18  
ARG C   O    doub N N 19  
ARG C   OXT  sing N N 20  
ARG CB  CG   sing N N 21  
ARG CB  HB2  sing N N 22  
ARG CB  HB3  sing N N 23  
ARG CG  CD   sing N N 24  
ARG CG  HG2  sing N N 25  
ARG CG  HG3  sing N N 26  
ARG CD  NE   sing N N 27  
ARG CD  HD2  sing N N 28  
ARG CD  HD3  sing N N 29  
ARG NE  CZ   sing N N 30  
ARG NE  HE   sing N N 31  
ARG CZ  NH1  sing N N 32  
ARG CZ  NH2  doub N N 33  
ARG NH1 HH11 sing N N 34  
ARG NH1 HH12 sing N N 35  
ARG NH2 HH21 sing N N 36  
ARG NH2 HH22 sing N N 37  
ARG OXT HXT  sing N N 38  
ASN N   CA   sing N N 39  
ASN N   H    sing N N 40  
ASN N   H2   sing N N 41  
ASN CA  C    sing N N 42  
ASN CA  CB   sing N N 43  
ASN CA  HA   sing N N 44  
ASN C   O    doub N N 45  
ASN C   OXT  sing N N 46  
ASN CB  CG   sing N N 47  
ASN CB  HB2  sing N N 48  
ASN CB  HB3  sing N N 49  
ASN CG  OD1  doub N N 50  
ASN CG  ND2  sing N N 51  
ASN ND2 HD21 sing N N 52  
ASN ND2 HD22 sing N N 53  
ASN OXT HXT  sing N N 54  
CYS N   CA   sing N N 55  
CYS N   H    sing N N 56  
CYS N   H2   sing N N 57  
CYS CA  C    sing N N 58  
CYS CA  CB   sing N N 59  
CYS CA  HA   sing N N 60  
CYS C   O    doub N N 61  
CYS C   OXT  sing N N 62  
CYS CB  SG   sing N N 63  
CYS CB  HB2  sing N N 64  
CYS CB  HB3  sing N N 65  
CYS SG  HG   sing N N 66  
CYS OXT HXT  sing N N 67  
GLN N   CA   sing N N 68  
GLN N   H    sing N N 69  
GLN N   H2   sing N N 70  
GLN CA  C    sing N N 71  
GLN CA  CB   sing N N 72  
GLN CA  HA   sing N N 73  
GLN C   O    doub N N 74  
GLN C   OXT  sing N N 75  
GLN CB  CG   sing N N 76  
GLN CB  HB2  sing N N 77  
GLN CB  HB3  sing N N 78  
GLN CG  CD   sing N N 79  
GLN CG  HG2  sing N N 80  
GLN CG  HG3  sing N N 81  
GLN CD  OE1  doub N N 82  
GLN CD  NE2  sing N N 83  
GLN NE2 HE21 sing N N 84  
GLN NE2 HE22 sing N N 85  
GLN OXT HXT  sing N N 86  
GLU N   CA   sing N N 87  
GLU N   H    sing N N 88  
GLU N   H2   sing N N 89  
GLU CA  C    sing N N 90  
GLU CA  CB   sing N N 91  
GLU CA  HA   sing N N 92  
GLU C   O    doub N N 93  
GLU C   OXT  sing N N 94  
GLU CB  CG   sing N N 95  
GLU CB  HB2  sing N N 96  
GLU CB  HB3  sing N N 97  
GLU CG  CD   sing N N 98  
GLU CG  HG2  sing N N 99  
GLU CG  HG3  sing N N 100 
GLU CD  OE1  doub N N 101 
GLU CD  OE2  sing N N 102 
GLU OE2 HE2  sing N N 103 
GLU OXT HXT  sing N N 104 
GLY N   CA   sing N N 105 
GLY N   H    sing N N 106 
GLY N   H2   sing N N 107 
GLY CA  C    sing N N 108 
GLY CA  HA2  sing N N 109 
GLY CA  HA3  sing N N 110 
GLY C   O    doub N N 111 
GLY C   OXT  sing N N 112 
GLY OXT HXT  sing N N 113 
HIS N   CA   sing N N 114 
HIS N   H    sing N N 115 
HIS N   H2   sing N N 116 
HIS CA  C    sing N N 117 
HIS CA  CB   sing N N 118 
HIS CA  HA   sing N N 119 
HIS C   O    doub N N 120 
HIS C   OXT  sing N N 121 
HIS CB  CG   sing N N 122 
HIS CB  HB2  sing N N 123 
HIS CB  HB3  sing N N 124 
HIS CG  ND1  sing Y N 125 
HIS CG  CD2  doub Y N 126 
HIS ND1 CE1  doub Y N 127 
HIS ND1 HD1  sing N N 128 
HIS CD2 NE2  sing Y N 129 
HIS CD2 HD2  sing N N 130 
HIS CE1 NE2  sing Y N 131 
HIS CE1 HE1  sing N N 132 
HIS NE2 HE2  sing N N 133 
HIS OXT HXT  sing N N 134 
HOH O   H1   sing N N 135 
HOH O   H2   sing N N 136 
ILE N   CA   sing N N 137 
ILE N   H    sing N N 138 
ILE N   H2   sing N N 139 
ILE CA  C    sing N N 140 
ILE CA  CB   sing N N 141 
ILE CA  HA   sing N N 142 
ILE C   O    doub N N 143 
ILE C   OXT  sing N N 144 
ILE CB  CG1  sing N N 145 
ILE CB  CG2  sing N N 146 
ILE CB  HB   sing N N 147 
ILE CG1 CD1  sing N N 148 
ILE CG1 HG12 sing N N 149 
ILE CG1 HG13 sing N N 150 
ILE CG2 HG21 sing N N 151 
ILE CG2 HG22 sing N N 152 
ILE CG2 HG23 sing N N 153 
ILE CD1 HD11 sing N N 154 
ILE CD1 HD12 sing N N 155 
ILE CD1 HD13 sing N N 156 
ILE OXT HXT  sing N N 157 
IMD N1  C2   sing Y N 158 
IMD N1  C5   sing Y N 159 
IMD N1  HN1  sing N N 160 
IMD C2  N3   doub Y N 161 
IMD C2  H2   sing N N 162 
IMD N3  C4   sing Y N 163 
IMD N3  HN3  sing N N 164 
IMD C4  C5   doub Y N 165 
IMD C4  H4   sing N N 166 
IMD C5  H5   sing N N 167 
KUT O   C9   doub N N 168 
KUT O1  C9   sing N N 169 
KUT C9  C8   sing N N 170 
KUT C8  C7   sing N N 171 
KUT C7  C6   sing N N 172 
KUT C6  C5   sing N N 173 
KUT C5  C4   sing N N 174 
KUT C4  C3   sing N N 175 
KUT C3  C2   sing N N 176 
KUT C2  C1   sing N N 177 
KUT C1  C    sing N N 178 
KUT C   C10  sing N N 179 
KUT C10 C11  sing N N 180 
KUT C11 C12  sing N N 181 
KUT C12 C13  sing N N 182 
KUT C13 C14  sing N N 183 
KUT C14 C15  sing N N 184 
KUT C15 C16  sing N N 185 
KUT C16 C17  sing N N 186 
KUT C17 O2   doub N N 187 
KUT C17 N    sing N N 188 
KUT C22 C23  sing N N 189 
KUT C22 N1   sing N N 190 
KUT C23 O4   sing N N 191 
KUT N1  C21  sing N N 192 
KUT N   C18  sing N N 193 
KUT C21 C20  sing N N 194 
KUT C21 O3   doub N N 195 
KUT C20 C19  sing N N 196 
KUT O4  C24  sing N N 197 
KUT C18 C19  sing N N 198 
KUT C18 C34  sing N N 199 
KUT C24 C25  sing N N 200 
KUT C34 O11  sing N N 201 
KUT C34 O10  doub N N 202 
KUT C25 O5   sing N N 203 
KUT O5  C26  sing N N 204 
KUT C26 C27  sing N N 205 
KUT O6  C27  doub N N 206 
KUT C27 N2   sing N N 207 
KUT N2  C28  sing N N 208 
KUT C28 C29  sing N N 209 
KUT C29 O7   sing N N 210 
KUT O7  C30  sing N N 211 
KUT O9  C33  doub N N 212 
KUT C33 C32  sing N N 213 
KUT C30 C31  sing N N 214 
KUT O8  C31  sing N N 215 
KUT O8  C32  sing N N 216 
KUT C28 H51  sing N N 217 
KUT C28 H52  sing N N 218 
KUT C29 H53  sing N N 219 
KUT C29 H54  sing N N 220 
KUT C30 H55  sing N N 221 
KUT C30 H56  sing N N 222 
KUT C26 H48  sing N N 223 
KUT C26 H49  sing N N 224 
KUT C23 H42  sing N N 225 
KUT C23 H43  sing N N 226 
KUT C22 H41  sing N N 227 
KUT C22 H40  sing N N 228 
KUT C19 H36  sing N N 229 
KUT C19 H35  sing N N 230 
KUT C14 H29  sing N N 231 
KUT C14 H28  sing N N 232 
KUT C15 H31  sing N N 233 
KUT C15 H30  sing N N 234 
KUT C16 H33  sing N N 235 
KUT C16 H32  sing N N 236 
KUT C13 H27  sing N N 237 
KUT C13 H26  sing N N 238 
KUT C12 H25  sing N N 239 
KUT C12 H24  sing N N 240 
KUT C11 H23  sing N N 241 
KUT C11 H22  sing N N 242 
KUT C6  H14  sing N N 243 
KUT C6  H13  sing N N 244 
KUT C5  H12  sing N N 245 
KUT C5  H11  sing N N 246 
KUT C4  H10  sing N N 247 
KUT C4  H9   sing N N 248 
KUT C2  H6   sing N N 249 
KUT C2  H5   sing N N 250 
KUT C1  H4   sing N N 251 
KUT C1  H3   sing N N 252 
KUT C8  H18  sing N N 253 
KUT C8  H17  sing N N 254 
KUT C7  H16  sing N N 255 
KUT C7  H15  sing N N 256 
KUT N   H34  sing N N 257 
KUT C   H2   sing N N 258 
KUT C   H1   sing N N 259 
KUT C10 H21  sing N N 260 
KUT C10 H20  sing N N 261 
KUT C18 H    sing N N 262 
KUT C20 H38  sing N N 263 
KUT C20 H37  sing N N 264 
KUT C24 H44  sing N N 265 
KUT C24 H45  sing N N 266 
KUT C25 H46  sing N N 267 
KUT C25 H47  sing N N 268 
KUT C3  H8   sing N N 269 
KUT C3  H7   sing N N 270 
KUT C31 H57  sing N N 271 
KUT C31 H58  sing N N 272 
KUT C32 H60  sing N N 273 
KUT C32 H59  sing N N 274 
KUT C33 H61  sing N N 275 
KUT N1  H39  sing N N 276 
KUT N2  H50  sing N N 277 
KUT O1  H19  sing N N 278 
KUT O11 H62  sing N N 279 
LEU N   CA   sing N N 280 
LEU N   H    sing N N 281 
LEU N   H2   sing N N 282 
LEU CA  C    sing N N 283 
LEU CA  CB   sing N N 284 
LEU CA  HA   sing N N 285 
LEU C   O    doub N N 286 
LEU C   OXT  sing N N 287 
LEU CB  CG   sing N N 288 
LEU CB  HB2  sing N N 289 
LEU CB  HB3  sing N N 290 
LEU CG  CD1  sing N N 291 
LEU CG  CD2  sing N N 292 
LEU CG  HG   sing N N 293 
LEU CD1 HD11 sing N N 294 
LEU CD1 HD12 sing N N 295 
LEU CD1 HD13 sing N N 296 
LEU CD2 HD21 sing N N 297 
LEU CD2 HD22 sing N N 298 
LEU CD2 HD23 sing N N 299 
LEU OXT HXT  sing N N 300 
LYS N   CA   sing N N 301 
LYS N   H    sing N N 302 
LYS N   H2   sing N N 303 
LYS CA  C    sing N N 304 
LYS CA  CB   sing N N 305 
LYS CA  HA   sing N N 306 
LYS C   O    doub N N 307 
LYS C   OXT  sing N N 308 
LYS CB  CG   sing N N 309 
LYS CB  HB2  sing N N 310 
LYS CB  HB3  sing N N 311 
LYS CG  CD   sing N N 312 
LYS CG  HG2  sing N N 313 
LYS CG  HG3  sing N N 314 
LYS CD  CE   sing N N 315 
LYS CD  HD2  sing N N 316 
LYS CD  HD3  sing N N 317 
LYS CE  NZ   sing N N 318 
LYS CE  HE2  sing N N 319 
LYS CE  HE3  sing N N 320 
LYS NZ  HZ1  sing N N 321 
LYS NZ  HZ2  sing N N 322 
LYS NZ  HZ3  sing N N 323 
LYS OXT HXT  sing N N 324 
PHE N   CA   sing N N 325 
PHE N   H    sing N N 326 
PHE N   H2   sing N N 327 
PHE CA  C    sing N N 328 
PHE CA  CB   sing N N 329 
PHE CA  HA   sing N N 330 
PHE C   O    doub N N 331 
PHE C   OXT  sing N N 332 
PHE CB  CG   sing N N 333 
PHE CB  HB2  sing N N 334 
PHE CB  HB3  sing N N 335 
PHE CG  CD1  doub Y N 336 
PHE CG  CD2  sing Y N 337 
PHE CD1 CE1  sing Y N 338 
PHE CD1 HD1  sing N N 339 
PHE CD2 CE2  doub Y N 340 
PHE CD2 HD2  sing N N 341 
PHE CE1 CZ   doub Y N 342 
PHE CE1 HE1  sing N N 343 
PHE CE2 CZ   sing Y N 344 
PHE CE2 HE2  sing N N 345 
PHE CZ  HZ   sing N N 346 
PHE OXT HXT  sing N N 347 
PRO N   CA   sing N N 348 
PRO N   CD   sing N N 349 
PRO N   H    sing N N 350 
PRO CA  C    sing N N 351 
PRO CA  CB   sing N N 352 
PRO CA  HA   sing N N 353 
PRO C   O    doub N N 354 
PRO C   OXT  sing N N 355 
PRO CB  CG   sing N N 356 
PRO CB  HB2  sing N N 357 
PRO CB  HB3  sing N N 358 
PRO CG  CD   sing N N 359 
PRO CG  HG2  sing N N 360 
PRO CG  HG3  sing N N 361 
PRO CD  HD2  sing N N 362 
PRO CD  HD3  sing N N 363 
PRO OXT HXT  sing N N 364 
SER N   CA   sing N N 365 
SER N   H    sing N N 366 
SER N   H2   sing N N 367 
SER CA  C    sing N N 368 
SER CA  CB   sing N N 369 
SER CA  HA   sing N N 370 
SER C   O    doub N N 371 
SER C   OXT  sing N N 372 
SER CB  OG   sing N N 373 
SER CB  HB2  sing N N 374 
SER CB  HB3  sing N N 375 
SER OG  HG   sing N N 376 
SER OXT HXT  sing N N 377 
THR N   CA   sing N N 378 
THR N   H    sing N N 379 
THR N   H2   sing N N 380 
THR CA  C    sing N N 381 
THR CA  CB   sing N N 382 
THR CA  HA   sing N N 383 
THR C   O    doub N N 384 
THR C   OXT  sing N N 385 
THR CB  OG1  sing N N 386 
THR CB  CG2  sing N N 387 
THR CB  HB   sing N N 388 
THR OG1 HG1  sing N N 389 
THR CG2 HG21 sing N N 390 
THR CG2 HG22 sing N N 391 
THR CG2 HG23 sing N N 392 
THR OXT HXT  sing N N 393 
TYR N   CA   sing N N 394 
TYR N   H    sing N N 395 
TYR N   H2   sing N N 396 
TYR CA  C    sing N N 397 
TYR CA  CB   sing N N 398 
TYR CA  HA   sing N N 399 
TYR C   O    doub N N 400 
TYR C   OXT  sing N N 401 
TYR CB  CG   sing N N 402 
TYR CB  HB2  sing N N 403 
TYR CB  HB3  sing N N 404 
TYR CG  CD1  doub Y N 405 
TYR CG  CD2  sing Y N 406 
TYR CD1 CE1  sing Y N 407 
TYR CD1 HD1  sing N N 408 
TYR CD2 CE2  doub Y N 409 
TYR CD2 HD2  sing N N 410 
TYR CE1 CZ   doub Y N 411 
TYR CE1 HE1  sing N N 412 
TYR CE2 CZ   sing Y N 413 
TYR CE2 HE2  sing N N 414 
TYR CZ  OH   sing N N 415 
TYR OH  HH   sing N N 416 
TYR OXT HXT  sing N N 417 
VAL N   CA   sing N N 418 
VAL N   H    sing N N 419 
VAL N   H2   sing N N 420 
VAL CA  C    sing N N 421 
VAL CA  CB   sing N N 422 
VAL CA  HA   sing N N 423 
VAL C   O    doub N N 424 
VAL C   OXT  sing N N 425 
VAL CB  CG1  sing N N 426 
VAL CB  CG2  sing N N 427 
VAL CB  HB   sing N N 428 
VAL CG1 HG11 sing N N 429 
VAL CG1 HG12 sing N N 430 
VAL CG1 HG13 sing N N 431 
VAL CG2 HG21 sing N N 432 
VAL CG2 HG22 sing N N 433 
VAL CG2 HG23 sing N N 434 
VAL OXT HXT  sing N N 435 
# 
_pdbx_initial_refinement_model.id               1 
_pdbx_initial_refinement_model.entity_id_list   ? 
_pdbx_initial_refinement_model.type             'experimental model' 
_pdbx_initial_refinement_model.source_name      PDB 
_pdbx_initial_refinement_model.accession_code   6S4I 
_pdbx_initial_refinement_model.details          ? 
# 
_atom_sites.entry_id                    6S4J 
_atom_sites.Cartn_transf_matrix[1][1]   ? 
_atom_sites.Cartn_transf_matrix[1][2]   ? 
_atom_sites.Cartn_transf_matrix[1][3]   ? 
_atom_sites.Cartn_transf_matrix[2][1]   ? 
_atom_sites.Cartn_transf_matrix[2][2]   ? 
_atom_sites.Cartn_transf_matrix[2][3]   ? 
_atom_sites.Cartn_transf_matrix[3][1]   ? 
_atom_sites.Cartn_transf_matrix[3][2]   ? 
_atom_sites.Cartn_transf_matrix[3][3]   ? 
_atom_sites.Cartn_transf_vector[1]      ? 
_atom_sites.Cartn_transf_vector[2]      ? 
_atom_sites.Cartn_transf_vector[3]      ? 
_atom_sites.fract_transf_matrix[1][1]   -0.00198480 
_atom_sites.fract_transf_matrix[1][2]   0.00398756 
_atom_sites.fract_transf_matrix[1][3]   -0.02527845 
_atom_sites.fract_transf_matrix[2][1]   0.01610291 
_atom_sites.fract_transf_matrix[2][2]   0.01617417 
_atom_sites.fract_transf_matrix[2][3]   -0.01174474 
_atom_sites.fract_transf_matrix[3][1]   0.01382814 
_atom_sites.fract_transf_matrix[3][2]   -0.01643858 
_atom_sites.fract_transf_matrix[3][3]   -0.00367887 
_atom_sites.fract_transf_vector[1]      -0.486963 
_atom_sites.fract_transf_vector[2]      0.504090 
_atom_sites.fract_transf_vector[3]      1.213921 
_atom_sites.solution_primary            ? 
_atom_sites.solution_secondary          ? 
_atom_sites.solution_hydrogens          ? 
_atom_sites.special_details             ? 
# 
loop_
_atom_type.symbol 
C 
H 
N 
O 
S 
# 
loop_
_atom_site.group_PDB 
_atom_site.id 
_atom_site.type_symbol 
_atom_site.label_atom_id 
_atom_site.label_alt_id 
_atom_site.label_comp_id 
_atom_site.label_asym_id 
_atom_site.label_entity_id 
_atom_site.label_seq_id 
_atom_site.pdbx_PDB_ins_code 
_atom_site.Cartn_x 
_atom_site.Cartn_y 
_atom_site.Cartn_z 
_atom_site.occupancy 
_atom_site.B_iso_or_equiv 
_atom_site.pdbx_formal_charge 
_atom_site.auth_seq_id 
_atom_site.auth_comp_id 
_atom_site.auth_asym_id 
_atom_site.auth_atom_id 
_atom_site.pdbx_PDB_model_num 
ATOM   1   N N    . GLY A 1 1  ? 6.386   -9.004  -4.219  1.00 47.95  ? 1   GLY A N    1 
ATOM   2   C CA   . GLY A 1 1  ? 6.265   -8.244  -2.941  1.00 41.26  ? 1   GLY A CA   1 
ATOM   3   C C    . GLY A 1 1  ? 5.292   -7.094  -3.078  1.00 42.04  ? 1   GLY A C    1 
ATOM   4   O O    . GLY A 1 1  ? 4.858   -6.790  -4.177  1.00 42.10  ? 1   GLY A O    1 
ATOM   5   H H1   . GLY A 1 1  ? 6.089   -9.835  -4.099  1.00 57.67  ? 1   GLY A H1   1 
ATOM   6   H H2   . GLY A 1 1  ? 5.902   -8.604  -4.849  1.00 57.67  ? 1   GLY A H2   1 
ATOM   7   H H3   . GLY A 1 1  ? 7.240   -9.029  -4.471  1.00 57.67  ? 1   GLY A H3   1 
ATOM   8   H HA2  . GLY A 1 1  ? 5.952   -8.835  -2.239  1.00 49.63  ? 1   GLY A HA2  1 
ATOM   9   H HA3  . GLY A 1 1  ? 7.133   -7.889  -2.691  1.00 49.63  ? 1   GLY A HA3  1 
ATOM   10  N N    . ILE A 1 2  ? 4.945   -6.453  -1.963  1.00 40.28  ? 2   ILE A N    1 
ATOM   11  C CA   . ILE A 1 2  ? 4.019   -5.327  -2.034  1.00 33.66  ? 2   ILE A CA   1 
ATOM   12  C C    . ILE A 1 2  ? 4.624   -4.199  -2.862  1.00 27.99  ? 2   ILE A C    1 
ATOM   13  O O    . ILE A 1 2  ? 3.914   -3.514  -3.615  1.00 29.51  ? 2   ILE A O    1 
ATOM   14  C CB   . ILE A 1 2  ? 3.627   -4.859  -0.619  1.00 35.27  ? 2   ILE A CB   1 
ATOM   15  C CG1  . ILE A 1 2  ? 2.507   -3.824  -0.684  1.00 37.68  ? 2   ILE A CG1  1 
ATOM   16  C CG2  . ILE A 1 2  ? 4.814   -4.268  0.132   1.00 37.56  ? 2   ILE A CG2  1 
ATOM   17  C CD1  . ILE A 1 2  ? 1.152   -4.413  -1.053  1.00 43.59  ? 2   ILE A CD1  1 
ATOM   18  H H    . ILE A 1 2  ? 5.224   -6.646  -1.173  1.00 48.46  ? 2   ILE A H    1 
ATOM   19  H HA   . ILE A 1 2  ? 3.209   -5.620  -2.477  1.00 40.52  ? 2   ILE A HA   1 
ATOM   20  H HB   . ILE A 1 2  ? 3.319   -5.645  -0.142  1.00 42.45  ? 2   ILE A HB   1 
ATOM   21  H HG12 . ILE A 1 2  ? 2.421   -3.403  0.185   1.00 45.34  ? 2   ILE A HG12 1 
ATOM   22  H HG13 . ILE A 1 2  ? 2.734   -3.159  -1.354  1.00 45.34  ? 2   ILE A HG13 1 
ATOM   23  H HG21 . ILE A 1 2  ? 4.526   -4.005  1.020   1.00 45.20  ? 2   ILE A HG21 1 
ATOM   24  H HG22 . ILE A 1 2  ? 5.512   -4.939  0.197   1.00 45.20  ? 2   ILE A HG22 1 
ATOM   25  H HG23 . ILE A 1 2  ? 5.142   -3.495  -0.352  1.00 45.20  ? 2   ILE A HG23 1 
ATOM   26  H HD11 . ILE A 1 2  ? 0.494   -3.700  -1.078  1.00 52.43  ? 2   ILE A HD11 1 
ATOM   27  H HD12 . ILE A 1 2  ? 1.217   -4.833  -1.925  1.00 52.43  ? 2   ILE A HD12 1 
ATOM   28  H HD13 . ILE A 1 2  ? 0.902   -5.072  -0.387  1.00 52.43  ? 2   ILE A HD13 1 
ATOM   29  N N    . VAL A 1 3  ? 5.934   -3.990  -2.748  1.00 31.96  ? 3   VAL A N    1 
ATOM   30  C CA   . VAL A 1 3  ? 6.596   -3.025  -3.618  1.00 34.76  ? 3   VAL A CA   1 
ATOM   31  C C    . VAL A 1 3  ? 6.322   -3.342  -5.078  1.00 46.82  ? 3   VAL A C    1 
ATOM   32  O O    . VAL A 1 3  ? 6.033   -2.453  -5.889  1.00 52.48  ? 3   VAL A O    1 
ATOM   33  C CB   . VAL A 1 3  ? 8.105   -3.008  -3.333  1.00 41.62  ? 3   VAL A CB   1 
ATOM   34  C CG1  . VAL A 1 3  ? 8.787   -2.163  -4.381  1.00 48.81  ? 3   VAL A CG1  1 
ATOM   35  C CG2  . VAL A 1 3  ? 8.377   -2.525  -1.912  1.00 40.68  ? 3   VAL A CG2  1 
ATOM   36  H H    . VAL A 1 3  ? 6.452   -4.385  -2.186  1.00 38.47  ? 3   VAL A H    1 
ATOM   37  H HA   . VAL A 1 3  ? 6.235   -2.145  -3.428  1.00 41.83  ? 3   VAL A HA   1 
ATOM   38  H HB   . VAL A 1 3  ? 8.477   -3.903  -3.384  1.00 50.07  ? 3   VAL A HB   1 
ATOM   39  H HG11 . VAL A 1 3  ? 9.636   -1.849  -4.031  1.00 58.69  ? 3   VAL A HG11 1 
ATOM   40  H HG12 . VAL A 1 3  ? 8.935   -2.702  -5.174  1.00 58.69  ? 3   VAL A HG12 1 
ATOM   41  H HG13 . VAL A 1 3  ? 8.219   -1.407  -4.596  1.00 58.69  ? 3   VAL A HG13 1 
ATOM   42  H HG21 . VAL A 1 3  ? 9.334   -2.528  -1.756  1.00 48.94  ? 3   VAL A HG21 1 
ATOM   43  H HG22 . VAL A 1 3  ? 8.028   -1.625  -1.813  1.00 48.94  ? 3   VAL A HG22 1 
ATOM   44  H HG23 . VAL A 1 3  ? 7.937   -3.121  -1.286  1.00 48.94  ? 3   VAL A HG23 1 
ATOM   45  N N    . GLU A 1 4  ? 6.403   -4.622  -5.434  1.00 54.73  ? 4   GLU A N    1 
ATOM   46  C CA   . GLU A 1 4  ? 6.214   -5.037  -6.819  1.00 53.20  ? 4   GLU A CA   1 
ATOM   47  C C    . GLU A 1 4  ? 4.777   -4.810  -7.265  1.00 48.54  ? 4   GLU A C    1 
ATOM   48  O O    . GLU A 1 4  ? 4.514   -4.094  -8.237  1.00 48.49  ? 4   GLU A O    1 
ATOM   49  C CB   . GLU A 1 4  ? 6.588   -6.518  -6.961  1.00 61.24  ? 4   GLU A CB   1 
ATOM   50  C CG   . GLU A 1 4  ? 8.092   -6.826  -6.919  1.00 63.24  ? 4   GLU A CG   1 
ATOM   51  C CD   . GLU A 1 4  ? 8.780   -6.342  -5.650  1.00 62.15  ? 4   GLU A CD   1 
ATOM   52  O OE1  . GLU A 1 4  ? 9.781   -5.595  -5.764  1.00 63.79  ? 4   GLU A OE1  1 
ATOM   53  O OE2  . GLU A 1 4  ? 8.325   -6.713  -4.543  1.00 58.66  ? 4   GLU A OE2  1 
ATOM   54  H H    . GLU A 1 4  ? 6.569   -5.269  -4.892  1.00 65.80  ? 4   GLU A H    1 
ATOM   55  H HA   . GLU A 1 4  ? 6.795   -4.511  -7.391  1.00 63.96  ? 4   GLU A HA   1 
ATOM   56  H HB2  . GLU A 1 4  ? 6.172   -7.008  -6.234  1.00 73.61  ? 4   GLU A HB2  1 
ATOM   57  H HB3  . GLU A 1 4  ? 6.252   -6.836  -7.812  1.00 73.61  ? 4   GLU A HB3  1 
ATOM   58  H HG2  . GLU A 1 4  ? 8.216   -7.787  -6.973  1.00 76.01  ? 4   GLU A HG2  1 
ATOM   59  H HG3  . GLU A 1 4  ? 8.522   -6.393  -7.672  1.00 76.01  ? 4   GLU A HG3  1 
ATOM   60  N N    . GLN A 1 5  ? 3.830   -5.437  -6.566  1.00 36.73  ? 5   GLN A N    1 
ATOM   61  C CA   . GLN A 1 5  ? 2.424   -5.262  -6.897  1.00 48.70  ? 5   GLN A CA   1 
ATOM   62  C C    . GLN A 1 5  ? 2.101   -3.792  -7.100  1.00 50.64  ? 5   GLN A C    1 
ATOM   63  O O    . GLN A 1 5  ? 1.427   -3.422  -8.067  1.00 55.99  ? 5   GLN A O    1 
ATOM   64  C CB   . GLN A 1 5  ? 1.531   -5.843  -5.792  1.00 44.54  ? 5   GLN A CB   1 
ATOM   65  C CG   . GLN A 1 5  ? 1.712   -7.333  -5.498  1.00 49.98  ? 5   GLN A CG   1 
ATOM   66  C CD   . GLN A 1 5  ? 1.604   -7.674  -4.012  1.00 64.14  ? 5   GLN A CD   1 
ATOM   67  O OE1  . GLN A 1 5  ? 2.589   -8.074  -3.385  1.00 78.88  ? 5   GLN A OE1  1 
ATOM   68  N NE2  . GLN A 1 5  ? 0.404   -7.531  -3.447  1.00 56.32  ? 5   GLN A NE2  1 
ATOM   69  H H    . GLN A 1 5  ? 3.977   -5.963  -5.902  1.00 44.20  ? 5   GLN A H    1 
ATOM   70  H HA   . GLN A 1 5  ? 2.240   -5.748  -7.715  1.00 58.57  ? 5   GLN A HA   1 
ATOM   71  H HB2  . GLN A 1 5  ? 1.718   -5.364  -4.968  1.00 53.58  ? 5   GLN A HB2  1 
ATOM   72  H HB3  . GLN A 1 5  ? 0.606   -5.711  -6.050  1.00 53.58  ? 5   GLN A HB3  1 
ATOM   73  H HG2  . GLN A 1 5  ? 1.026   -7.832  -5.968  1.00 60.10  ? 5   GLN A HG2  1 
ATOM   74  H HG3  . GLN A 1 5  ? 2.590   -7.609  -5.804  1.00 60.10  ? 5   GLN A HG3  1 
ATOM   75  H HE21 . GLN A 1 5  ? -0.262  -7.257  -3.917  1.00 67.71  ? 5   GLN A HE21 1 
ATOM   76  H HE22 . GLN A 1 5  ? 0.297   -7.711  -2.613  1.00 67.71  ? 5   GLN A HE22 1 
ATOM   77  N N    . CYS A 1 6  ? 2.572   -2.927  -6.195  1.00 32.07  ? 6   CYS A N    1 
ATOM   78  C CA   . CYS A 1 6  ? 2.006   -1.590  -6.170  1.00 26.75  ? 6   CYS A CA   1 
ATOM   79  C C    . CYS A 1 6  ? 2.834   -0.540  -6.894  1.00 24.70  ? 6   CYS A C    1 
ATOM   80  O O    . CYS A 1 6  ? 2.274   0.493   -7.248  1.00 27.50  ? 6   CYS A O    1 
ATOM   81  C CB   . CYS A 1 6  ? 1.761   -1.107  -4.744  1.00 26.28  ? 6   CYS A CB   1 
ATOM   82  S SG   . CYS A 1 6  ? 0.689   -2.076  -3.779  1.00 29.48  ? 6   CYS A SG   1 
ATOM   83  H H    . CYS A 1 6  ? 3.187   -3.090  -5.618  1.00 38.61  ? 6   CYS A H    1 
ATOM   84  H HA   . CYS A 1 6  ? 1.145   -1.647  -6.614  1.00 32.22  ? 6   CYS A HA   1 
ATOM   85  H HB2  . CYS A 1 6  ? 2.616   -1.081  -4.283  1.00 31.66  ? 6   CYS A HB2  1 
ATOM   86  H HB3  . CYS A 1 6  ? 1.381   -0.216  -4.787  1.00 31.66  ? 6   CYS A HB3  1 
ATOM   87  N N    . CYS A 1 7  ? 4.130   -0.756  -7.116  1.00 25.89  ? 7   CYS A N    1 
ATOM   88  C CA   . CYS A 1 7  ? 4.882   0.177   -7.951  1.00 33.67  ? 7   CYS A CA   1 
ATOM   89  C C    . CYS A 1 7  ? 4.908   -0.267  -9.409  1.00 32.17  ? 7   CYS A C    1 
ATOM   90  O O    . CYS A 1 7  ? 4.626   0.536   -10.298 1.00 34.02  ? 7   CYS A O    1 
ATOM   91  C CB   . CYS A 1 7  ? 6.309   0.354   -7.413  1.00 37.14  ? 7   CYS A CB   1 
ATOM   92  S SG   . CYS A 1 7  ? 7.393   1.442   -8.421  1.00 37.67  ? 7   CYS A SG   1 
ATOM   93  H H    . CYS A 1 7  ? 4.584   -1.416  -6.802  1.00 31.20  ? 7   CYS A H    1 
ATOM   94  H HA   . CYS A 1 7  ? 4.450   1.044   -7.910  1.00 40.53  ? 7   CYS A HA   1 
ATOM   95  H HB2  . CYS A 1 7  ? 6.256   0.739   -6.525  1.00 44.70  ? 7   CYS A HB2  1 
ATOM   96  H HB3  . CYS A 1 7  ? 6.732   -0.518  -7.372  1.00 44.70  ? 7   CYS A HB3  1 
ATOM   97  N N    . THR A 1 8  ? 5.238   -1.536  -9.673  1.00 29.56  ? 8   THR A N    1 
ATOM   98  C CA   . THR A 1 8  ? 5.238   -2.036  -11.042 1.00 34.22  ? 8   THR A CA   1 
ATOM   99  C C    . THR A 1 8  ? 3.823   -2.102  -11.592 1.00 35.72  ? 8   THR A C    1 
ATOM   100 O O    . THR A 1 8  ? 3.565   -1.696  -12.729 1.00 43.64  ? 8   THR A O    1 
ATOM   101 C CB   . THR A 1 8  ? 5.868   -3.425  -11.106 1.00 35.51  ? 8   THR A CB   1 
ATOM   102 O OG1  . THR A 1 8  ? 6.916   -3.516  -10.137 1.00 52.78  ? 8   THR A OG1  1 
ATOM   103 C CG2  . THR A 1 8  ? 6.400   -3.692  -12.488 1.00 41.65  ? 8   THR A CG2  1 
ATOM   104 H H    . THR A 1 8  ? 5.461   -2.119  -9.081  1.00 35.60  ? 8   THR A H    1 
ATOM   105 H HA   . THR A 1 8  ? 5.768   -1.432  -11.585 1.00 41.18  ? 8   THR A HA   1 
ATOM   106 H HB   . THR A 1 8  ? 5.204   -4.104  -10.911 1.00 42.73  ? 8   THR A HB   1 
ATOM   107 H HG1  . THR A 1 8  ? 7.317   -4.250  -10.214 1.00 63.46  ? 8   THR A HG1  1 
ATOM   108 H HG21 . THR A 1 8  ? 6.939   -4.498  -12.485 1.00 50.11  ? 8   THR A HG21 1 
ATOM   109 H HG22 . THR A 1 8  ? 5.664   -3.807  -13.109 1.00 50.11  ? 8   THR A HG22 1 
ATOM   110 H HG23 . THR A 1 8  ? 6.947   -2.947  -12.782 1.00 50.11  ? 8   THR A HG23 1 
ATOM   111 N N    . SER A 1 9  ? 2.899   -2.627  -10.798 1.00 32.23  ? 9   SER A N    1 
ATOM   112 C CA   . SER A 1 9  ? 1.509   -2.734  -11.194 1.00 26.58  ? 9   SER A CA   1 
ATOM   113 C C    . SER A 1 9  ? 0.700   -1.725  -10.396 1.00 29.69  ? 9   SER A C    1 
ATOM   114 O O    . SER A 1 9  ? 1.240   -0.911  -9.640  1.00 37.50  ? 9   SER A O    1 
ATOM   115 C CB   . SER A 1 9  ? 0.992   -4.155  -10.994 1.00 35.59  ? 9   SER A CB   1 
ATOM   116 O OG   . SER A 1 9  ? 1.771   -5.058  -11.755 1.00 42.41  ? 9   SER A OG   1 
ATOM   117 H H    . SER A 1 9  ? 3.061   -2.934  -10.011 1.00 38.81  ? 9   SER A H    1 
ATOM   118 H HA   . SER A 1 9  ? 1.437   -2.533  -12.140 1.00 32.03  ? 9   SER A HA   1 
ATOM   119 H HB2  . SER A 1 9  ? 1.056   -4.389  -10.056 1.00 42.83  ? 9   SER A HB2  1 
ATOM   120 H HB3  . SER A 1 9  ? 0.069   -4.203  -11.287 1.00 42.83  ? 9   SER A HB3  1 
ATOM   121 H HG   . SER A 1 9  ? 1.465   -5.837  -11.676 1.00 51.01  ? 9   SER A HG   1 
ATOM   122 N N    . ILE A 1 10 ? -0.611  -1.823  -10.532 1.00 27.13  ? 10  ILE A N    1 
ATOM   123 C CA   . ILE A 1 10 ? -1.568  -1.042  -9.772  1.00 19.75  ? 10  ILE A CA   1 
ATOM   124 C C    . ILE A 1 10 ? -2.185  -1.988  -8.770  1.00 19.12  ? 10  ILE A C    1 
ATOM   125 O O    . ILE A 1 10 ? -2.708  -3.038  -9.156  1.00 24.90  ? 10  ILE A O    1 
ATOM   126 C CB   . ILE A 1 10 ? -2.673  -0.454  -10.659 1.00 28.20  ? 10  ILE A CB   1 
ATOM   127 C CG1  . ILE A 1 10 ? -2.121  0.186   -11.921 1.00 36.04  ? 10  ILE A CG1  1 
ATOM   128 C CG2  . ILE A 1 10 ? -3.485  0.528   -9.866  1.00 27.52  ? 10  ILE A CG2  1 
ATOM   129 C CD1  . ILE A 1 10 ? -1.586  1.510   -11.659 1.00 34.37  ? 10  ILE A CD1  1 
ATOM   130 H H    A ILE A 1 10 ? -0.988  -2.362  -11.087 0.36 32.68  ? 10  ILE A H    1 
ATOM   131 H H    B ILE A 1 10 ? -0.988  -2.362  -11.087 0.64 32.68  ? 10  ILE A H    1 
ATOM   132 H HA   . ILE A 1 10 ? -1.107  -0.314  -9.327  1.00 23.82  ? 10  ILE A HA   1 
ATOM   133 H HB   . ILE A 1 10 ? -3.242  -1.185  -10.947 1.00 33.97  ? 10  ILE A HB   1 
ATOM   134 H HG12 . ILE A 1 10 ? -1.407  -0.367  -12.275 1.00 43.37  ? 10  ILE A HG12 1 
ATOM   135 H HG13 . ILE A 1 10 ? -2.832  0.268   -12.575 1.00 43.37  ? 10  ILE A HG13 1 
ATOM   136 H HG21 . ILE A 1 10 ? -4.033  1.048   -10.475 1.00 33.15  ? 10  ILE A HG21 1 
ATOM   137 H HG22 . ILE A 1 10 ? -4.049  0.043   -9.245  1.00 33.15  ? 10  ILE A HG22 1 
ATOM   138 H HG23 . ILE A 1 10 ? -2.884  1.113   -9.380  1.00 33.15  ? 10  ILE A HG23 1 
ATOM   139 H HD11 . ILE A 1 10 ? -2.320  2.140   -11.598 1.00 41.37  ? 10  ILE A HD11 1 
ATOM   140 H HD12 . ILE A 1 10 ? -1.095  1.493   -10.823 1.00 41.37  ? 10  ILE A HD12 1 
ATOM   141 H HD13 . ILE A 1 10 ? -0.994  1.760   -12.386 1.00 41.37  ? 10  ILE A HD13 1 
ATOM   142 N N    . CYS A 1 11 ? -2.111  -1.620  -7.496  1.00 23.11  ? 11  CYS A N    1 
ATOM   143 C CA   A CYS A 1 11 ? -2.743  -2.477  -6.510  0.55 21.31  ? 11  CYS A CA   1 
ATOM   144 C CA   B CYS A 1 11 ? -2.641  -2.358  -6.357  0.45 23.89  ? 11  CYS A CA   1 
ATOM   145 C C    . CYS A 1 11 ? -3.991  -1.820  -5.941  1.00 23.80  ? 11  CYS A C    1 
ATOM   146 O O    . CYS A 1 11 ? -4.216  -0.610  -6.029  1.00 25.22  ? 11  CYS A O    1 
ATOM   147 C CB   A CYS A 1 11 ? -1.769  -2.853  -5.393  0.55 26.46  ? 11  CYS A CB   1 
ATOM   148 C CB   B CYS A 1 11 ? -1.748  -2.196  -5.142  0.45 19.01  ? 11  CYS A CB   1 
ATOM   149 S SG   A CYS A 1 11 ? -1.188  -1.469  -4.459  0.55 20.99  ? 11  CYS A SG   1 
ATOM   150 S SG   B CYS A 1 11 ? -0.239  -3.067  -5.206  0.45 22.49  ? 11  CYS A SG   1 
ATOM   151 H H    A CYS A 1 11 ? -1.720  -0.914  -7.198  0.55 27.86  ? 11  CYS A H    1 
ATOM   152 H H    B CYS A 1 11 ? -1.728  -0.890  -7.248  0.45 27.86  ? 11  CYS A H    1 
ATOM   153 H HA   A CYS A 1 11 ? -3.023  -3.299  -6.942  0.55 25.70  ? 11  CYS A HA   1 
ATOM   154 H HA   B CYS A 1 11 ? -2.708  -3.289  -6.622  0.45 28.79  ? 11  CYS A HA   1 
ATOM   155 H HB2  A CYS A 1 11 ? -2.215  -3.457  -4.781  0.55 31.88  ? 11  CYS A HB2  1 
ATOM   156 H HB2  B CYS A 1 11 ? -1.536  -1.255  -5.041  0.45 22.94  ? 11  CYS A HB2  1 
ATOM   157 H HB3  A CYS A 1 11 ? -0.997  -3.290  -5.786  0.55 31.88  ? 11  CYS A HB3  1 
ATOM   158 H HB3  B CYS A 1 11 ? -2.232  -2.511  -4.362  0.45 22.94  ? 11  CYS A HB3  1 
ATOM   159 N N    . SER A 1 12 ? -4.824  -2.684  -5.391  1.00 21.69  ? 12  SER A N    1 
ATOM   160 C CA   . SER A 1 12 ? -6.108  -2.326  -4.838  1.00 23.54  ? 12  SER A CA   1 
ATOM   161 C C    . SER A 1 12 ? -5.973  -1.980  -3.368  1.00 20.23  ? 12  SER A C    1 
ATOM   162 O O    . SER A 1 12 ? -4.985  -2.293  -2.719  1.00 19.63  ? 12  SER A O    1 
ATOM   163 C CB   . SER A 1 12 ? -7.076  -3.482  -4.973  1.00 24.30  ? 12  SER A CB   1 
ATOM   164 O OG   . SER A 1 12 ? -6.648  -4.529  -4.123  1.00 22.70  ? 12  SER A OG   1 
ATOM   165 H H    . SER A 1 12 ? -4.657  -3.525  -5.324  1.00 26.15  ? 12  SER A H    1 
ATOM   166 H HA   . SER A 1 12 ? -6.452  -1.558  -5.321  1.00 28.37  ? 12  SER A HA   1 
ATOM   167 H HB2  . SER A 1 12 ? -7.965  -3.195  -4.712  1.00 29.29  ? 12  SER A HB2  1 
ATOM   168 H HB3  . SER A 1 12 ? -7.084  -3.793  -5.893  1.00 29.29  ? 12  SER A HB3  1 
ATOM   169 H HG   . SER A 1 12 ? -7.264  -5.092  -4.027  1.00 27.36  ? 12  SER A HG   1 
ATOM   170 N N    A LEU A 1 13 ? -7.008  -1.342  -2.823  0.59 20.71  ? 13  LEU A N    1 
ATOM   171 N N    B LEU A 1 13 ? -7.050  -1.395  -2.845  0.41 20.27  ? 13  LEU A N    1 
ATOM   172 C CA   A LEU A 1 13 ? -7.040  -1.120  -1.380  0.59 21.87  ? 13  LEU A CA   1 
ATOM   173 C CA   B LEU A 1 13 ? -7.147  -1.094  -1.423  0.41 22.15  ? 13  LEU A CA   1 
ATOM   174 C C    A LEU A 1 13 ? -6.849  -2.429  -0.621  0.59 17.24  ? 13  LEU A C    1 
ATOM   175 C C    B LEU A 1 13 ? -7.046  -2.350  -0.560  0.41 22.39  ? 13  LEU A C    1 
ATOM   176 O O    A LEU A 1 13 ? -6.092  -2.482  0.364   0.59 19.40  ? 13  LEU A O    1 
ATOM   177 O O    B LEU A 1 13 ? -6.545  -2.279  0.566   0.41 18.34  ? 13  LEU A O    1 
ATOM   178 C CB   A LEU A 1 13 ? -8.360  -0.472  -0.966  0.59 21.45  ? 13  LEU A CB   1 
ATOM   179 C CB   B LEU A 1 13 ? -8.470  -0.358  -1.181  0.41 23.92  ? 13  LEU A CB   1 
ATOM   180 C CG   A LEU A 1 13 ? -8.547  0.957   -1.439  0.59 19.80  ? 13  LEU A CG   1 
ATOM   181 C CG   B LEU A 1 13 ? -8.786  0.137   0.219   0.41 19.96  ? 13  LEU A CG   1 
ATOM   182 C CD1  A LEU A 1 13 ? -9.873  1.456   -0.938  0.59 22.57  ? 13  LEU A CD1  1 
ATOM   183 C CD1  B LEU A 1 13 ? -7.665  0.970   0.727   0.41 20.79  ? 13  LEU A CD1  1 
ATOM   184 C CD2  A LEU A 1 13 ? -7.404  1.823   -0.940  0.59 22.54  ? 13  LEU A CD2  1 
ATOM   185 C CD2  B LEU A 1 13 ? -10.084 0.918   0.266   0.41 21.56  ? 13  LEU A CD2  1 
ATOM   186 H H    A LEU A 1 13 ? -7.687  -1.036  -3.255  0.59 24.98  ? 13  LEU A H    1 
ATOM   187 H H    B LEU A 1 13 ? -7.743  -1.160  -3.297  0.41 24.45  ? 13  LEU A H    1 
ATOM   188 H HA   A LEU A 1 13 ? -6.317  -0.516  -1.151  0.59 26.37  ? 13  LEU A HA   1 
ATOM   189 H HA   B LEU A 1 13 ? -6.414  -0.518  -1.155  0.41 26.71  ? 13  LEU A HA   1 
ATOM   190 H HB2  A LEU A 1 13 ? -9.088  -0.999  -1.332  0.59 25.86  ? 13  LEU A HB2  1 
ATOM   191 H HB2  B LEU A 1 13 ? -8.480  0.422   -1.758  0.41 28.82  ? 13  LEU A HB2  1 
ATOM   192 H HB3  A LEU A 1 13 ? -8.408  -0.467  0.002   0.59 25.86  ? 13  LEU A HB3  1 
ATOM   193 H HB3  B LEU A 1 13 ? -9.188  -0.961  -1.428  0.41 28.82  ? 13  LEU A HB3  1 
ATOM   194 H HG   A LEU A 1 13 ? -8.544  1.005   -2.408  0.59 23.89  ? 13  LEU A HG   1 
ATOM   195 H HG   B LEU A 1 13 ? -8.897  -0.635  0.796   0.41 24.08  ? 13  LEU A HG   1 
ATOM   196 H HD11 A LEU A 1 13 ? -10.579 0.902   -1.307  0.59 27.21  ? 13  LEU A HD11 1 
ATOM   197 H HD11 B LEU A 1 13 ? -6.885  0.407   0.852   0.41 25.07  ? 13  LEU A HD11 1 
ATOM   198 H HD12 A LEU A 1 13 ? -9.884  1.405   0.030   0.59 27.21  ? 13  LEU A HD12 1 
ATOM   199 H HD12 B LEU A 1 13 ? -7.469  1.665   0.080   0.41 25.07  ? 13  LEU A HD12 1 
ATOM   200 H HD13 A LEU A 1 13 ? -9.991  2.375   -1.223  0.59 27.21  ? 13  LEU A HD13 1 
ATOM   201 H HD13 B LEU A 1 13 ? -7.925  1.368   1.572   0.41 25.07  ? 13  LEU A HD13 1 
ATOM   202 H HD21 A LEU A 1 13 ? -6.626  1.676   -1.502  0.59 27.18  ? 13  LEU A HD21 1 
ATOM   203 H HD21 B LEU A 1 13 ? -10.805 0.354   -0.058  0.41 26.00  ? 13  LEU A HD21 1 
ATOM   204 H HD22 A LEU A 1 13 ? -7.671  2.755   -0.983  0.59 27.18  ? 13  LEU A HD22 1 
ATOM   205 H HD22 B LEU A 1 13 ? -10.260 1.185   1.182   0.41 26.00  ? 13  LEU A HD22 1 
ATOM   206 H HD23 A LEU A 1 13 ? -7.200  1.579   -0.024  0.59 27.18  ? 13  LEU A HD23 1 
ATOM   207 H HD23 B LEU A 1 13 ? -10.001 1.704   -0.297  0.41 26.00  ? 13  LEU A HD23 1 
ATOM   208 N N    . GLU A 1 14 ? -7.576  -3.482  -1.032  1.00 20.38  ? 14  GLU A N    1 
ATOM   209 C CA   . GLU A 1 14 ? -7.526  -4.735  -0.269  1.00 23.51  ? 14  GLU A CA   1 
ATOM   210 C C    . GLU A 1 14 ? -6.109  -5.276  -0.228  1.00 22.77  ? 14  GLU A C    1 
ATOM   211 O O    . GLU A 1 14 ? -5.652  -5.798  0.799   1.00 22.02  ? 14  GLU A O    1 
ATOM   212 C CB   . GLU A 1 14 ? -8.489  -5.746  -0.869  1.00 21.59  ? 14  GLU A CB   1 
ATOM   213 C CG   . GLU A 1 14 ? -9.888  -5.405  -0.534  1.00 25.50  ? 14  GLU A CG   1 
ATOM   214 C CD   . GLU A 1 14 ? -10.550 -4.526  -1.573  1.00 24.52  ? 14  GLU A CD   1 
ATOM   215 O OE1  . GLU A 1 14 ? -9.880  -4.072  -2.530  1.00 26.15  ? 14  GLU A OE1  1 
ATOM   216 O OE2  . GLU A 1 14 ? -11.788 -4.308  -1.429  1.00 30.37  ? 14  GLU A OE2  1 
ATOM   217 H H    . GLU A 1 14 ? -8.086  -3.491  -1.723  1.00 24.58  ? 14  GLU A H    1 
ATOM   218 H HA   . GLU A 1 14 ? -7.810  -4.574  0.643   1.00 28.34  ? 14  GLU A HA   1 
ATOM   219 H HB2  . GLU A 1 14 ? -8.395  -5.748  -1.834  1.00 26.03  ? 14  GLU A HB2  1 
ATOM   220 H HB3  . GLU A 1 14 ? -8.294  -6.627  -0.514  1.00 26.03  ? 14  GLU A HB3  1 
ATOM   221 H HG2  . GLU A 1 14 ? -10.403 -6.225  -0.465  1.00 30.73  ? 14  GLU A HG2  1 
ATOM   222 H HG3  . GLU A 1 14 ? -9.903  -4.931  0.312   1.00 30.73  ? 14  GLU A HG3  1 
ATOM   223 N N    . GLN A 1 15 ? -5.377  -5.102  -1.331  1.00 22.16  ? 15  GLN A N    1 
ATOM   224 C CA   . GLN A 1 15 ? -3.995  -5.550  -1.344  1.00 20.91  ? 15  GLN A CA   1 
ATOM   225 C C    . GLN A 1 15 ? -3.144  -4.781  -0.348  1.00 24.27  ? 15  GLN A C    1 
ATOM   226 O O    . GLN A 1 15 ? -2.274  -5.363  0.305   1.00 26.36  ? 15  GLN A O    1 
ATOM   227 C CB   . GLN A 1 15 ? -3.446  -5.405  -2.747  1.00 24.19  ? 15  GLN A CB   1 
ATOM   228 C CG   . GLN A 1 15 ? -3.890  -6.475  -3.711  1.00 24.89  ? 15  GLN A CG   1 
ATOM   229 C CD   . GLN A 1 15 ? -3.361  -6.186  -5.093  1.00 23.12  ? 15  GLN A CD   1 
ATOM   230 O OE1  . GLN A 1 15 ? -3.821  -5.271  -5.757  1.00 29.04  ? 15  GLN A OE1  1 
ATOM   231 N NE2  . GLN A 1 15 ? -2.346  -6.921  -5.508  1.00 33.71  ? 15  GLN A NE2  1 
ATOM   232 H H    . GLN A 1 15 ? -5.652  -4.738  -2.060  1.00 26.71  ? 15  GLN A H    1 
ATOM   233 H HA   . GLN A 1 15 ? -3.958  -6.484  -1.086  1.00 25.22  ? 15  GLN A HA   1 
ATOM   234 H HB2  . GLN A 1 15 ? -3.737  -4.552  -3.105  1.00 29.15  ? 15  GLN A HB2  1 
ATOM   235 H HB3  . GLN A 1 15 ? -2.478  -5.434  -2.704  1.00 29.15  ? 15  GLN A HB3  1 
ATOM   236 H HG2  . GLN A 1 15 ? -3.549  -7.336  -3.421  1.00 30.00  ? 15  GLN A HG2  1 
ATOM   237 H HG3  . GLN A 1 15 ? -4.859  -6.499  -3.748  1.00 30.00  ? 15  GLN A HG3  1 
ATOM   238 H HE21 . GLN A 1 15 ? -2.021  -7.532  -4.998  1.00 40.57  ? 15  GLN A HE21 1 
ATOM   239 H HE22 . GLN A 1 15 ? -2.013  -6.791  -6.290  1.00 40.57  ? 15  GLN A HE22 1 
ATOM   240 N N    . LEU A 1 16 ? -3.376  -3.479  -0.224  1.00 17.97  ? 16  LEU A N    1 
ATOM   241 C CA   . LEU A 1 16 ? -2.717  -2.657  0.778   1.00 18.64  ? 16  LEU A CA   1 
ATOM   242 C C    . LEU A 1 16 ? -3.147  -3.054  2.185   1.00 19.95  ? 16  LEU A C    1 
ATOM   243 O O    . LEU A 1 16 ? -2.324  -3.061  3.104   1.00 20.78  ? 16  LEU A O    1 
ATOM   244 C CB   . LEU A 1 16 ? -3.035  -1.180  0.517   1.00 20.92  ? 16  LEU A CB   1 
ATOM   245 C CG   . LEU A 1 16 ? -2.443  -0.592  -0.762  1.00 18.18  ? 16  LEU A CG   1 
ATOM   246 C CD1  . LEU A 1 16 ? -3.114  0.716   -1.002  1.00 23.02  ? 16  LEU A CD1  1 
ATOM   247 C CD2  . LEU A 1 16 ? -0.993  -0.369  -0.645  1.00 27.34  ? 16  LEU A CD2  1 
ATOM   248 H H    . LEU A 1 16 ? -3.924  -3.038  -0.719  1.00 21.69  ? 16  LEU A H    1 
ATOM   249 H HA   . LEU A 1 16 ? -1.758  -2.780  0.711   1.00 22.50  ? 16  LEU A HA   1 
ATOM   250 H HB2  . LEU A 1 16 ? -3.998  -1.082  0.461   1.00 25.23  ? 16  LEU A HB2  1 
ATOM   251 H HB3  . LEU A 1 16 ? -2.691  -0.660  1.260   1.00 25.23  ? 16  LEU A HB3  1 
ATOM   252 H HG   . LEU A 1 16 ? -2.580  -1.208  -1.498  1.00 21.94  ? 16  LEU A HG   1 
ATOM   253 H HD11 . LEU A 1 16 ? -4.067  0.568   -1.099  1.00 27.75  ? 16  LEU A HD11 1 
ATOM   254 H HD12 . LEU A 1 16 ? -2.944  1.301   -0.246  1.00 27.75  ? 16  LEU A HD12 1 
ATOM   255 H HD13 . LEU A 1 16 ? -2.755  1.112   -1.811  1.00 27.75  ? 16  LEU A HD13 1 
ATOM   256 H HD21 . LEU A 1 16 ? -0.832  0.320   0.019   1.00 32.93  ? 16  LEU A HD21 1 
ATOM   257 H HD22 . LEU A 1 16 ? -0.567  -1.196  -0.373  1.00 32.93  ? 16  LEU A HD22 1 
ATOM   258 H HD23 . LEU A 1 16 ? -0.647  -0.086  -1.506  1.00 32.93  ? 16  LEU A HD23 1 
ATOM   259 N N    . GLU A 1 17 ? -4.445  -3.313  2.377   1.00 19.90  ? 17  GLU A N    1 
ATOM   260 C CA   . GLU A 1 17 ? -4.964  -3.683  3.687   1.00 21.91  ? 17  GLU A CA   1 
ATOM   261 C C    . GLU A 1 17 ? -4.309  -4.933  4.228   1.00 18.86  ? 17  GLU A C    1 
ATOM   262 O O    . GLU A 1 17 ? -4.342  -5.160  5.437   1.00 24.72  ? 17  GLU A O    1 
ATOM   263 C CB   . GLU A 1 17 ? -6.481  -3.834  3.605   1.00 27.77  ? 17  GLU A CB   1 
ATOM   264 C CG   . GLU A 1 17 ? -7.178  -2.547  3.983   1.00 31.92  ? 17  GLU A CG   1 
ATOM   265 C CD   . GLU A 1 17 ? -8.496  -2.357  3.335   1.00 39.89  ? 17  GLU A CD   1 
ATOM   266 O OE1  . GLU A 1 17 ? -8.972  -3.309  2.682   1.00 46.33  ? 17  GLU A OE1  1 
ATOM   267 O OE2  . GLU A 1 17 ? -9.054  -1.248  3.485   1.00 44.29  ? 17  GLU A OE2  1 
ATOM   268 H H    . GLU A 1 17 ? -5.045  -3.281  1.760   1.00 24.00  ? 17  GLU A H    1 
ATOM   269 H HA   . GLU A 1 17 ? -4.776  -2.976  4.325   1.00 26.42  ? 17  GLU A HA   1 
ATOM   270 H HB2  . GLU A 1 17 ? -6.733  -4.064  2.697   1.00 33.45  ? 17  GLU A HB2  1 
ATOM   271 H HB3  . GLU A 1 17 ? -6.768  -4.531  4.216   1.00 33.45  ? 17  GLU A HB3  1 
ATOM   272 H HG2  . GLU A 1 17 ? -7.320  -2.540  4.943   1.00 38.43  ? 17  GLU A HG2  1 
ATOM   273 H HG3  . GLU A 1 17 ? -6.614  -1.800  3.727   1.00 38.43  ? 17  GLU A HG3  1 
ATOM   274 N N    . ASN A 1 18 ? -3.775  -5.804  3.371   1.00 25.04  ? 18  ASN A N    1 
ATOM   275 C CA   . ASN A 1 18 ? -3.136  -6.999  3.893   1.00 25.60  ? 18  ASN A CA   1 
ATOM   276 C C    . ASN A 1 18 ? -1.888  -6.699  4.705   1.00 26.28  ? 18  ASN A C    1 
ATOM   277 O O    . ASN A 1 18 ? -1.402  -7.600  5.406   1.00 25.26  ? 18  ASN A O    1 
ATOM   278 C CB   . ASN A 1 18 ? -2.753  -7.957  2.776   1.00 23.71  ? 18  ASN A CB   1 
ATOM   279 C CG   . ASN A 1 18 ? -3.935  -8.698  2.224   1.00 29.58  ? 18  ASN A CG   1 
ATOM   280 O OD1  . ASN A 1 18 ? -4.737  -9.276  2.970   1.00 35.05  ? 18  ASN A OD1  1 
ATOM   281 N ND2  . ASN A 1 18 ? -4.048  -8.714  0.902   1.00 39.59  ? 18  ASN A ND2  1 
ATOM   282 H H    . ASN A 1 18 ? -3.773  -5.724  2.514   1.00 30.17  ? 18  ASN A H    1 
ATOM   283 H HA   . ASN A 1 18 ? -3.787  -7.440  4.460   1.00 30.85  ? 18  ASN A HA   1 
ATOM   284 H HB2  . ASN A 1 18 ? -2.348  -7.454  2.052   1.00 28.57  ? 18  ASN A HB2  1 
ATOM   285 H HB3  . ASN A 1 18 ? -2.122  -8.609  3.120   1.00 28.57  ? 18  ASN A HB3  1 
ATOM   286 H HD21 . ASN A 1 18 ? -4.707  -9.125  0.532   1.00 47.64  ? 18  ASN A HD21 1 
ATOM   287 H HD22 . ASN A 1 18 ? -3.462  -8.314  0.416   1.00 47.64  ? 18  ASN A HD22 1 
ATOM   288 N N    . TYR A 1 19 ? -1.346  -5.472  4.609   1.00 23.28  ? 19  TYR A N    1 
ATOM   289 C CA   . TYR A 1 19 ? -0.136  -5.081  5.314   1.00 21.40  ? 19  TYR A CA   1 
ATOM   290 C C    . TYR A 1 19 ? -0.429  -4.312  6.594   1.00 22.26  ? 19  TYR A C    1 
ATOM   291 O O    . TYR A 1 19 ? 0.508   -3.913  7.286   1.00 25.62  ? 19  TYR A O    1 
ATOM   292 C CB   . TYR A 1 19 ? 0.768   -4.310  4.358   1.00 23.36  ? 19  TYR A CB   1 
ATOM   293 C CG   . TYR A 1 19 ? 1.462   -5.290  3.461   1.00 19.88  ? 19  TYR A CG   1 
ATOM   294 C CD1  . TYR A 1 19 ? 0.839   -5.791  2.345   1.00 25.36  ? 19  TYR A CD1  1 
ATOM   295 C CD2  . TYR A 1 19 ? 2.687   -5.788  3.797   1.00 25.98  ? 19  TYR A CD2  1 
ATOM   296 C CE1  . TYR A 1 19 ? 1.464   -6.726  1.565   1.00 25.83  ? 19  TYR A CE1  1 
ATOM   297 C CE2  . TYR A 1 19 ? 3.318   -6.718  3.028   1.00 31.09  ? 19  TYR A CE2  1 
ATOM   298 C CZ   . TYR A 1 19 ? 2.699   -7.200  1.924   1.00 29.00  ? 19  TYR A CZ   1 
ATOM   299 O OH   . TYR A 1 19 ? 3.354   -8.137  1.163   1.00 41.14  ? 19  TYR A OH   1 
ATOM   300 H H    . TYR A 1 19 ? -1.678  -4.841  4.128   1.00 28.06  ? 19  TYR A H    1 
ATOM   301 H HA   . TYR A 1 19 ? 0.366   -5.864  5.592   1.00 25.80  ? 19  TYR A HA   1 
ATOM   302 H HB2  . TYR A 1 19 ? 0.239   -3.703  3.818   1.00 28.15  ? 19  TYR A HB2  1 
ATOM   303 H HB3  . TYR A 1 19 ? 1.433   -3.812  4.860   1.00 28.15  ? 19  TYR A HB3  1 
ATOM   304 H HD1  . TYR A 1 19 ? -0.012  -5.493  2.117   1.00 30.55  ? 19  TYR A HD1  1 
ATOM   305 H HD2  . TYR A 1 19 ? 3.103   -5.484  4.572   1.00 31.31  ? 19  TYR A HD2  1 
ATOM   306 H HE1  . TYR A 1 19 ? 1.052   -7.039  0.792   1.00 31.12  ? 19  TYR A HE1  1 
ATOM   307 H HE2  . TYR A 1 19 ? 4.167   -7.019  3.259   1.00 37.43  ? 19  TYR A HE2  1 
ATOM   308 H HH   . TYR A 1 19 ? 4.116   -8.289  1.486   1.00 49.49  ? 19  TYR A HH   1 
ATOM   309 N N    . CYS A 1 20 ? -1.696  -4.077  6.920   1.00 23.00  ? 20  CYS A N    1 
ATOM   310 C CA   . CYS A 1 20 ? -2.042  -3.399  8.154   1.00 27.12  ? 20  CYS A CA   1 
ATOM   311 C C    . CYS A 1 20 ? -1.886  -4.383  9.302   1.00 30.35  ? 20  CYS A C    1 
ATOM   312 O O    . CYS A 1 20 ? -2.110  -5.588  9.142   1.00 29.94  ? 20  CYS A O    1 
ATOM   313 C CB   . CYS A 1 20 ? -3.480  -2.867  8.156   1.00 24.88  ? 20  CYS A CB   1 
ATOM   314 S SG   . CYS A 1 20 ? -4.001  -1.814  6.801   1.00 23.21  ? 20  CYS A SG   1 
ATOM   315 H H    . CYS A 1 20 ? -2.374  -4.304  6.440   1.00 27.72  ? 20  CYS A H    1 
ATOM   316 H HA   . CYS A 1 20 ? -1.461  -2.631  8.265   1.00 32.67  ? 20  CYS A HA   1 
ATOM   317 H HB2  . CYS A 1 20 ? -4.075  -3.633  8.157   1.00 29.98  ? 20  CYS A HB2  1 
ATOM   318 H HB3  . CYS A 1 20 ? -3.600  -2.353  8.969   1.00 29.98  ? 20  CYS A HB3  1 
ATOM   319 N N    . ASN A 1 21 ? -1.495  -3.854  10.456  1.00 28.52  ? 21  ASN A N    1 
ATOM   320 C CA   . ASN A 1 21 ? -1.391  -4.620  11.693  1.00 26.80  ? 21  ASN A CA   1 
ATOM   321 C C    . ASN A 1 21 ? -2.789  -5.093  12.145  1.00 33.39  ? 21  ASN A C    1 
ATOM   322 O O    . ASN A 1 21 ? -3.856  -4.650  11.676  1.00 32.50  ? 21  ASN A O    1 
ATOM   323 C CB   . ASN A 1 21 ? -0.776  -3.796  12.849  1.00 27.51  ? 21  ASN A CB   1 
ATOM   324 C CG   . ASN A 1 21 ? 0.710   -3.404  12.647  1.00 33.83  ? 21  ASN A CG   1 
ATOM   325 O OD1  . ASN A 1 21 ? 1.486   -4.125  12.030  1.00 36.34  ? 21  ASN A OD1  1 
ATOM   326 N ND2  . ASN A 1 21 ? 1.114   -2.256  13.260  1.00 35.60  ? 21  ASN A ND2  1 
ATOM   327 O OXT  . ASN A 1 21 ? -2.905  -5.919  13.047  1.00 41.37  ? 21  ASN A OXT  1 
ATOM   328 H H    . ASN A 1 21 ? -1.278  -3.028  10.554  1.00 34.35  ? 21  ASN A H    1 
ATOM   329 H HA   . ASN A 1 21 ? -0.809  -5.376  11.518  1.00 32.28  ? 21  ASN A HA   1 
ATOM   330 H HB2  . ASN A 1 21 ? -1.283  -2.975  12.947  1.00 33.14  ? 21  ASN A HB2  1 
ATOM   331 H HB3  . ASN A 1 21 ? -0.831  -4.321  13.663  1.00 33.14  ? 21  ASN A HB3  1 
ATOM   332 H HD21 . ASN A 1 21 ? 1.928   -1.991  13.181  1.00 42.84  ? 21  ASN A HD21 1 
ATOM   333 H HD22 . ASN A 1 21 ? 0.555   -1.798  13.725  1.00 42.84  ? 21  ASN A HD22 1 
ATOM   334 N N    . PHE B 2 1  ? -10.263 2.203   -7.689  1.00 34.70  ? 1   PHE B N    1 
ATOM   335 C CA   . PHE B 2 1  ? -10.022 3.274   -6.698  1.00 35.04  ? 1   PHE B CA   1 
ATOM   336 C C    . PHE B 2 1  ? -8.583  3.777   -6.799  1.00 37.84  ? 1   PHE B C    1 
ATOM   337 O O    . PHE B 2 1  ? -8.345  4.988   -6.939  1.00 37.40  ? 1   PHE B O    1 
ATOM   338 C CB   . PHE B 2 1  ? -10.314 2.765   -5.292  1.00 30.97  ? 1   PHE B CB   1 
ATOM   339 C CG   . PHE B 2 1  ? -10.361 3.846   -4.270  1.00 32.21  ? 1   PHE B CG   1 
ATOM   340 C CD1  . PHE B 2 1  ? -11.410 4.764   -4.261  1.00 37.12  ? 1   PHE B CD1  1 
ATOM   341 C CD2  . PHE B 2 1  ? -9.357  3.958   -3.341  1.00 44.54  ? 1   PHE B CD2  1 
ATOM   342 C CE1  . PHE B 2 1  ? -11.454 5.768   -3.326  1.00 34.36  ? 1   PHE B CE1  1 
ATOM   343 C CE2  . PHE B 2 1  ? -9.390  4.957   -2.401  1.00 50.37  ? 1   PHE B CE2  1 
ATOM   344 C CZ   . PHE B 2 1  ? -10.444 5.866   -2.383  1.00 42.38  ? 1   PHE B CZ   1 
ATOM   345 H H1   . PHE B 2 1  ? -11.099 1.908   -7.612  1.00 41.77  ? 1   PHE B H1   1 
ATOM   346 H H2   . PHE B 2 1  ? -10.137 2.525   -8.510  1.00 41.77  ? 1   PHE B H2   1 
ATOM   347 H H3   . PHE B 2 1  ? -9.698  1.531   -7.544  1.00 41.77  ? 1   PHE B H3   1 
ATOM   348 H HA   . PHE B 2 1  ? -10.617 4.021   -6.870  1.00 42.18  ? 1   PHE B HA   1 
ATOM   349 H HB2  . PHE B 2 1  ? -11.176 2.319   -5.293  1.00 37.29  ? 1   PHE B HB2  1 
ATOM   350 H HB3  . PHE B 2 1  ? -9.618  2.142   -5.033  1.00 37.29  ? 1   PHE B HB3  1 
ATOM   351 H HD1  . PHE B 2 1  ? -12.087 4.695   -4.896  1.00 44.67  ? 1   PHE B HD1  1 
ATOM   352 H HD2  . PHE B 2 1  ? -8.651  3.354   -3.348  1.00 53.58  ? 1   PHE B HD2  1 
ATOM   353 H HE1  . PHE B 2 1  ? -12.158 6.377   -3.324  1.00 41.36  ? 1   PHE B HE1  1 
ATOM   354 H HE2  . PHE B 2 1  ? -8.707  5.027   -1.774  1.00 60.57  ? 1   PHE B HE2  1 
ATOM   355 H HZ   . PHE B 2 1  ? -10.468 6.538   -1.741  1.00 50.98  ? 1   PHE B HZ   1 
ATOM   356 N N    . VAL B 2 2  ? -7.635  2.844   -6.745  1.00 36.22  ? 2   VAL B N    1 
ATOM   357 C CA   . VAL B 2 2  ? -6.232  3.180   -6.980  1.00 30.22  ? 2   VAL B CA   1 
ATOM   358 C C    . VAL B 2 2  ? -6.036  3.287   -8.498  1.00 30.28  ? 2   VAL B C    1 
ATOM   359 O O    . VAL B 2 2  ? -6.421  2.399   -9.266  1.00 31.23  ? 2   VAL B O    1 
ATOM   360 C CB   . VAL B 2 2  ? -5.287  2.152   -6.327  1.00 26.30  ? 2   VAL B CB   1 
ATOM   361 C CG1  . VAL B 2 2  ? -3.775  2.566   -6.425  1.00 27.60  ? 2   VAL B CG1  1 
ATOM   362 C CG2  . VAL B 2 2  ? -5.620  1.956   -4.842  1.00 27.51  ? 2   VAL B CG2  1 
ATOM   363 H H    . VAL B 2 2  ? -7.776  2.014   -6.575  1.00 43.59  ? 2   VAL B H    1 
ATOM   364 H HA   . VAL B 2 2  ? -6.019  4.040   -6.585  1.00 36.39  ? 2   VAL B HA   1 
ATOM   365 H HB   . VAL B 2 2  ? -5.418  1.325   -6.817  1.00 31.68  ? 2   VAL B HB   1 
ATOM   366 H HG11 . VAL B 2 2  ? -3.225  1.833   -6.104  1.00 33.24  ? 2   VAL B HG11 1 
ATOM   367 H HG12 . VAL B 2 2  ? -3.560  2.759   -7.351  1.00 33.24  ? 2   VAL B HG12 1 
ATOM   368 H HG13 . VAL B 2 2  ? -3.626  3.353   -5.879  1.00 33.24  ? 2   VAL B HG13 1 
ATOM   369 H HG21 . VAL B 2 2  ? -6.226  2.658   -4.559  1.00 33.13  ? 2   VAL B HG21 1 
ATOM   370 H HG22 . VAL B 2 2  ? -6.041  1.089   -4.725  1.00 33.13  ? 2   VAL B HG22 1 
ATOM   371 H HG23 . VAL B 2 2  ? -4.800  1.998   -4.326  1.00 33.13  ? 2   VAL B HG23 1 
ATOM   372 N N    . ASN B 2 3  ? -5.534  4.425   -8.942  1.00 32.96  ? 3   ASN B N    1 
ATOM   373 C CA   . ASN B 2 3  ? -5.303  4.615   -10.366 1.00 42.29  ? 3   ASN B CA   1 
ATOM   374 C C    . ASN B 2 3  ? -3.863  5.025   -10.630 1.00 32.62  ? 3   ASN B C    1 
ATOM   375 O O    . ASN B 2 3  ? -3.546  5.445   -11.749 1.00 43.02  ? 3   ASN B O    1 
ATOM   376 C CB   . ASN B 2 3  ? -6.282  5.646   -10.950 1.00 56.86  ? 3   ASN B CB   1 
ATOM   377 C CG   . ASN B 2 3  ? -6.620  6.757   -9.969  1.00 60.22  ? 3   ASN B CG   1 
ATOM   378 O OD1  . ASN B 2 3  ? -5.732  7.304   -9.312  1.00 50.01  ? 3   ASN B OD1  1 
ATOM   379 N ND2  . ASN B 2 3  ? -7.909  7.090   -9.861  1.00 67.36  ? 3   ASN B ND2  1 
ATOM   380 H H    . ASN B 2 3  ? -5.322  5.096   -8.447  1.00 39.68  ? 3   ASN B H    1 
ATOM   381 H HA   . ASN B 2 3  ? -5.474  3.786   -10.839 1.00 50.87  ? 3   ASN B HA   1 
ATOM   382 H HB2  . ASN B 2 3  ? -5.883  6.050   -11.737 1.00 68.36  ? 3   ASN B HB2  1 
ATOM   383 H HB3  . ASN B 2 3  ? -7.108  5.197   -11.191 1.00 68.36  ? 3   ASN B HB3  1 
ATOM   384 H HD21 . ASN B 2 3  ? -8.500  6.682   -10.334 1.00 80.96  ? 3   ASN B HD21 1 
ATOM   385 H HD22 . ASN B 2 3  ? -8.148  7.714   -9.320  1.00 80.96  ? 3   ASN B HD22 1 
ATOM   386 N N    . GLN B 2 4  ? -2.985  4.886   -9.638  1.00 36.24  ? 4   GLN B N    1 
ATOM   387 C CA   . GLN B 2 4  ? -1.602  5.302   -9.750  1.00 37.69  ? 4   GLN B CA   1 
ATOM   388 C C    . GLN B 2 4  ? -0.688  4.168   -9.299  1.00 31.90  ? 4   GLN B C    1 
ATOM   389 O O    . GLN B 2 4  ? -1.029  3.375   -8.415  1.00 27.55  ? 4   GLN B O    1 
ATOM   390 C CB   . GLN B 2 4  ? -1.276  6.562   -8.887  1.00 46.64  ? 4   GLN B CB   1 
ATOM   391 C CG   . GLN B 2 4  ? -1.744  7.908   -9.455  1.00 70.73  ? 4   GLN B CG   1 
ATOM   392 C CD   . GLN B 2 4  ? -2.223  8.894   -8.376  1.00 90.24  ? 4   GLN B CD   1 
ATOM   393 O OE1  . GLN B 2 4  ? -2.451  10.075  -8.653  1.00 97.58  ? 4   GLN B OE1  1 
ATOM   394 N NE2  . GLN B 2 4  ? -2.394  8.405   -7.156  1.00 91.66  ? 4   GLN B NE2  1 
ATOM   395 H H    . GLN B 2 4  ? -3.180  4.545   -8.874  1.00 43.62  ? 4   GLN B H    1 
ATOM   396 H HA   . GLN B 2 4  ? -1.426  5.515   -10.680 1.00 45.35  ? 4   GLN B HA   1 
ATOM   397 H HB2  . GLN B 2 4  ? -1.700  6.454   -8.020  1.00 56.10  ? 4   GLN B HB2  1 
ATOM   398 H HB3  . GLN B 2 4  ? -0.313  6.616   -8.780  1.00 56.10  ? 4   GLN B HB3  1 
ATOM   399 H HG2  . GLN B 2 4  ? -1.006  8.323   -9.929  1.00 85.00  ? 4   GLN B HG2  1 
ATOM   400 H HG3  . GLN B 2 4  ? -2.483  7.752   -10.063 1.00 85.00  ? 4   GLN B HG3  1 
ATOM   401 H HE21 . GLN B 2 4  ? -2.237  7.574   -7.000  1.00 110.11 ? 4   GLN B HE21 1 
ATOM   402 H HE22 . GLN B 2 4  ? -2.660  8.919   -6.521  1.00 110.11 ? 4   GLN B HE22 1 
ATOM   403 N N    . HIS B 2 5  ? 0.492   4.132   -9.900  1.00 30.81  ? 5   HIS B N    1 
ATOM   404 C CA   . HIS B 2 5  ? 1.563   3.365   -9.305  1.00 23.14  ? 5   HIS B CA   1 
ATOM   405 C C    . HIS B 2 5  ? 2.017   4.047   -8.031  1.00 24.03  ? 5   HIS B C    1 
ATOM   406 O O    . HIS B 2 5  ? 2.036   5.276   -7.941  1.00 27.70  ? 5   HIS B O    1 
ATOM   407 C CB   . HIS B 2 5  ? 2.711   3.248   -10.276 1.00 26.07  ? 5   HIS B CB   1 
ATOM   408 C CG   . HIS B 2 5  ? 2.311   2.628   -11.571 1.00 26.27  ? 5   HIS B CG   1 
ATOM   409 N ND1  . HIS B 2 5  ? 2.183   1.269   -11.741 1.00 31.69  ? 5   HIS B ND1  1 
ATOM   410 C CD2  . HIS B 2 5  ? 1.998   3.187   -12.763 1.00 38.41  ? 5   HIS B CD2  1 
ATOM   411 C CE1  . HIS B 2 5  ? 1.826   1.014   -12.986 1.00 36.12  ? 5   HIS B CE1  1 
ATOM   412 N NE2  . HIS B 2 5  ? 1.703   2.162   -13.624 1.00 39.00  ? 5   HIS B NE2  1 
ATOM   413 H H    . HIS B 2 5  ? 0.688   4.535   -10.634 1.00 37.09  ? 5   HIS B H    1 
ATOM   414 H HA   . HIS B 2 5  ? 1.266   2.467   -9.091  1.00 27.90  ? 5   HIS B HA   1 
ATOM   415 H HB2  . HIS B 2 5  ? 3.059   4.134   -10.462 1.00 31.41  ? 5   HIS B HB2  1 
ATOM   416 H HB3  . HIS B 2 5  ? 3.403   2.695   -9.880  1.00 31.41  ? 5   HIS B HB3  1 
ATOM   417 H HD1  . HIS B 2 5  ? 2.315   0.677   -11.131 1.00 38.15  ? 5   HIS B HD1  1 
ATOM   418 H HD2  . HIS B 2 5  ? 1.987   4.095   -12.960 1.00 46.21  ? 5   HIS B HD2  1 
ATOM   419 H HE1  . HIS B 2 5  ? 1.687   0.170   -13.351 1.00 43.47  ? 5   HIS B HE1  1 
ATOM   420 N N    . LEU B 2 6  ? 2.404   3.234   -7.051  1.00 22.18  ? 6   LEU B N    1 
ATOM   421 C CA   . LEU B 2 6  ? 2.753   3.686   -5.707  1.00 22.74  ? 6   LEU B CA   1 
ATOM   422 C C    . LEU B 2 6  ? 4.185   3.242   -5.500  1.00 24.68  ? 6   LEU B C    1 
ATOM   423 O O    . LEU B 2 6  ? 4.434   2.115   -5.072  1.00 21.52  ? 6   LEU B O    1 
ATOM   424 C CB   . LEU B 2 6  ? 1.796   3.107   -4.658  1.00 20.31  ? 6   LEU B CB   1 
ATOM   425 C CG   . LEU B 2 6  ? 0.363   3.588   -4.716  1.00 23.01  ? 6   LEU B CG   1 
ATOM   426 C CD1  . LEU B 2 6  ? -0.437  2.734   -3.797  1.00 23.81  ? 6   LEU B CD1  1 
ATOM   427 C CD2  . LEU B 2 6  ? 0.222   5.033   -4.334  1.00 21.83  ? 6   LEU B CD2  1 
ATOM   428 H H    . LEU B 2 6  ? 2.474   2.382   -7.146  1.00 26.74  ? 6   LEU B H    1 
ATOM   429 H HA   . LEU B 2 6  ? 2.695   4.651   -5.635  1.00 27.41  ? 6   LEU B HA   1 
ATOM   430 H HB2  . LEU B 2 6  ? 1.779   2.143   -4.766  1.00 24.50  ? 6   LEU B HB2  1 
ATOM   431 H HB3  . LEU B 2 6  ? 2.140   3.336   -3.780  1.00 24.50  ? 6   LEU B HB3  1 
ATOM   432 H HG   . LEU B 2 6  ? 0.038   3.519   -5.627  1.00 27.74  ? 6   LEU B HG   1 
ATOM   433 H HD11 . LEU B 2 6  ? 0.031   2.653   -2.952  1.00 28.69  ? 6   LEU B HD11 1 
ATOM   434 H HD12 . LEU B 2 6  ? -1.304  3.148   -3.657  1.00 28.69  ? 6   LEU B HD12 1 
ATOM   435 H HD13 . LEU B 2 6  ? -0.552  1.858   -4.199  1.00 28.69  ? 6   LEU B HD13 1 
ATOM   436 H HD21 . LEU B 2 6  ? 0.513   5.147   -3.416  1.00 26.32  ? 6   LEU B HD21 1 
ATOM   437 H HD22 . LEU B 2 6  ? 0.772   5.571   -4.925  1.00 26.32  ? 6   LEU B HD22 1 
ATOM   438 H HD23 . LEU B 2 6  ? -0.709  5.293   -4.421  1.00 26.32  ? 6   LEU B HD23 1 
ATOM   439 N N    . CYS B 2 7  ? 5.126   4.135   -5.802  1.00 22.50  ? 7   CYS B N    1 
ATOM   440 C CA   . CYS B 2 7  ? 6.553   3.835   -5.760  1.00 21.22  ? 7   CYS B CA   1 
ATOM   441 C C    . CYS B 2 7  ? 7.242   4.588   -4.627  1.00 19.82  ? 7   CYS B C    1 
ATOM   442 O O    . CYS B 2 7  ? 6.831   5.681   -4.224  1.00 22.86  ? 7   CYS B O    1 
ATOM   443 C CB   . CYS B 2 7  ? 7.246   4.181   -7.075  1.00 26.81  ? 7   CYS B CB   1 
ATOM   444 S SG   . CYS B 2 7  ? 6.501   3.296   -8.439  1.00 28.39  ? 7   CYS B SG   1 
ATOM   445 H H    . CYS B 2 7  ? 4.955   4.944   -6.040  1.00 27.13  ? 7   CYS B H    1 
ATOM   446 H HA   . CYS B 2 7  ? 6.651   2.883   -5.599  1.00 25.58  ? 7   CYS B HA   1 
ATOM   447 H HB2  . CYS B 2 7  ? 7.164   5.133   -7.243  1.00 32.29  ? 7   CYS B HB2  1 
ATOM   448 H HB3  . CYS B 2 7  ? 8.182   3.933   -7.021  1.00 32.29  ? 7   CYS B HB3  1 
ATOM   449 N N    . GLY B 2 8  ? 8.282   3.970   -4.095  1.00 22.56  ? 8   GLY B N    1 
ATOM   450 C CA   . GLY B 2 8  ? 9.072   4.614   -3.058  1.00 26.22  ? 8   GLY B CA   1 
ATOM   451 C C    . GLY B 2 8  ? 8.184   5.047   -1.905  1.00 19.60  ? 8   GLY B C    1 
ATOM   452 O O    . GLY B 2 8  ? 7.339   4.290   -1.420  1.00 19.56  ? 8   GLY B O    1 
ATOM   453 H H    . GLY B 2 8  ? 8.552   3.184   -4.313  1.00 27.20  ? 8   GLY B H    1 
ATOM   454 H HA2  . GLY B 2 8  ? 9.741   3.996   -2.723  1.00 31.58  ? 8   GLY B HA2  1 
ATOM   455 H HA3  . GLY B 2 8  ? 9.518   5.395   -3.421  1.00 31.58  ? 8   GLY B HA3  1 
ATOM   456 N N    . SER B 2 9  ? 8.365   6.283   -1.420  1.00 23.42  ? 9   SER B N    1 
ATOM   457 C CA   . SER B 2 9  ? 7.616   6.785   -0.281  1.00 20.29  ? 9   SER B CA   1 
ATOM   458 C C    . SER B 2 9  ? 6.111   6.799   -0.501  1.00 17.95  ? 9   SER B C    1 
ATOM   459 O O    . SER B 2 9  ? 5.363   6.851   0.468   1.00 19.07  ? 9   SER B O    1 
ATOM   460 C CB   . SER B 2 9  ? 8.094   8.206   0.073   1.00 21.88  ? 9   SER B CB   1 
ATOM   461 O OG   . SER B 2 9  ? 7.879   9.090   -1.013  1.00 21.34  ? 9   SER B OG   1 
ATOM   462 H H    . SER B 2 9  ? 8.924   6.852   -1.742  1.00 28.23  ? 9   SER B H    1 
ATOM   463 H HA   . SER B 2 9  ? 7.792   6.196   0.470   1.00 24.47  ? 9   SER B HA   1 
ATOM   464 H HB2  . SER B 2 9  ? 7.598   8.525   0.843   1.00 26.38  ? 9   SER B HB2  1 
ATOM   465 H HB3  . SER B 2 9  ? 9.042   8.181   0.278   1.00 26.38  ? 9   SER B HB3  1 
ATOM   466 H HG   . SER B 2 9  ? 7.123   9.450   -0.945  1.00 25.73  ? 9   SER B HG   1 
ATOM   467 N N    . HIS B 2 10 ? 5.660   6.840   -1.761  1.00 17.56  ? 10  HIS B N    1 
ATOM   468 C CA   . HIS B 2 10 ? 4.227   6.882   -2.021  1.00 20.15  ? 10  HIS B CA   1 
ATOM   469 C C    . HIS B 2 10 ? 3.527   5.640   -1.481  1.00 16.03  ? 10  HIS B C    1 
ATOM   470 O O    . HIS B 2 10 ? 2.402   5.712   -0.975  1.00 20.73  ? 10  HIS B O    1 
ATOM   471 C CB   . HIS B 2 10 ? 3.968   7.044   -3.515  1.00 22.08  ? 10  HIS B CB   1 
ATOM   472 C CG   . HIS B 2 10 ? 4.123   8.453   -3.978  1.00 21.70  ? 10  HIS B CG   1 
ATOM   473 N ND1  . HIS B 2 10 ? 4.136   8.794   -5.304  1.00 27.40  ? 10  HIS B ND1  1 
ATOM   474 C CD2  . HIS B 2 10 ? 4.234   9.614   -3.285  1.00 23.77  ? 10  HIS B CD2  1 
ATOM   475 C CE1  . HIS B 2 10 ? 4.287   10.102  -5.422  1.00 24.44  ? 10  HIS B CE1  1 
ATOM   476 N NE2  . HIS B 2 10 ? 4.370   10.624  -4.212  1.00 24.09  ? 10  HIS B NE2  1 
ATOM   477 H H    . HIS B 2 10 ? 6.156   6.844   -2.464  1.00 21.20  ? 10  HIS B H    1 
ATOM   478 H HA   . HIS B 2 10 ? 3.851   7.654   -1.570  1.00 24.31  ? 10  HIS B HA   1 
ATOM   479 H HB2  . HIS B 2 10 ? 4.600   6.494   -4.006  1.00 26.62  ? 10  HIS B HB2  1 
ATOM   480 H HB3  . HIS B 2 10 ? 3.060   6.761   -3.710  1.00 26.62  ? 10  HIS B HB3  1 
ATOM   481 H HD2  . HIS B 2 10 ? 4.220   9.710   -2.360  1.00 28.65  ? 10  HIS B HD2  1 
ATOM   482 H HE1  . HIS B 2 10 ? 4.327   10.576  -6.223  1.00 29.46  ? 10  HIS B HE1  1 
ATOM   483 H HE2  . HIS B 2 10 ? 4.488   11.457  -4.033  1.00 29.03  ? 10  HIS B HE2  1 
ATOM   484 N N    . LEU B 2 11 ? 4.194   4.487   -1.549  1.00 17.39  ? 11  LEU B N    1 
ATOM   485 C CA   . LEU B 2 11 ? 3.571   3.292   -1.012  1.00 16.08  ? 11  LEU B CA   1 
ATOM   486 C C    . LEU B 2 11 ? 3.445   3.393   0.496   1.00 16.16  ? 11  LEU B C    1 
ATOM   487 O O    . LEU B 2 11 ? 2.448   2.935   1.075   1.00 18.86  ? 11  LEU B O    1 
ATOM   488 C CB   . LEU B 2 11 ? 4.380   2.048   -1.390  1.00 20.64  ? 11  LEU B CB   1 
ATOM   489 C CG   . LEU B 2 11 ? 3.809   0.691   -0.945  1.00 23.77  ? 11  LEU B CG   1 
ATOM   490 C CD1  . LEU B 2 11 ? 2.337   0.450   -1.282  1.00 20.41  ? 11  LEU B CD1  1 
ATOM   491 C CD2  . LEU B 2 11 ? 4.673   -0.372  -1.584  1.00 28.41  ? 11  LEU B CD2  1 
ATOM   492 H H    . LEU B 2 11 ? 4.977   4.379   -1.887  1.00 21.00  ? 11  LEU B H    1 
ATOM   493 H HA   . LEU B 2 11 ? 2.687   3.199   -1.400  1.00 19.42  ? 11  LEU B HA   1 
ATOM   494 H HB2  . LEU B 2 11 ? 4.456   2.021   -2.356  1.00 24.89  ? 11  LEU B HB2  1 
ATOM   495 H HB3  . LEU B 2 11 ? 5.260   2.130   -0.990  1.00 24.89  ? 11  LEU B HB3  1 
ATOM   496 H HG   . LEU B 2 11 ? 3.824   0.660   0.024   1.00 28.65  ? 11  LEU B HG   1 
ATOM   497 H HD11 . LEU B 2 11 ? 2.092   -0.447  -1.001  1.00 24.62  ? 11  LEU B HD11 1 
ATOM   498 H HD12 . LEU B 2 11 ? 1.794   1.103   -0.814  1.00 24.62  ? 11  LEU B HD12 1 
ATOM   499 H HD13 . LEU B 2 11 ? 2.213   0.541   -2.240  1.00 24.62  ? 11  LEU B HD13 1 
ATOM   500 H HD21 . LEU B 2 11 ? 4.613   -0.291  -2.548  1.00 34.22  ? 11  LEU B HD21 1 
ATOM   501 H HD22 . LEU B 2 11 ? 5.592   -0.246  -1.298  1.00 34.22  ? 11  LEU B HD22 1 
ATOM   502 H HD23 . LEU B 2 11 ? 4.357   -1.246  -1.303  1.00 34.22  ? 11  LEU B HD23 1 
ATOM   503 N N    . VAL B 2 12 ? 4.441   3.967   1.163   1.00 17.15  ? 12  VAL B N    1 
ATOM   504 C CA   . VAL B 2 12 ? 4.378   4.109   2.607   1.00 18.56  ? 12  VAL B CA   1 
ATOM   505 C C    . VAL B 2 12 ? 3.275   5.105   3.005   1.00 15.82  ? 12  VAL B C    1 
ATOM   506 O O    . VAL B 2 12 ? 2.540   4.882   3.959   1.00 17.17  ? 12  VAL B O    1 
ATOM   507 C CB   . VAL B 2 12 ? 5.760   4.520   3.141   1.00 18.24  ? 12  VAL B CB   1 
ATOM   508 C CG1  . VAL B 2 12 ? 5.669   4.751   4.598   1.00 20.30  ? 12  VAL B CG1  1 
ATOM   509 C CG2  . VAL B 2 12 ? 6.784   3.431   2.820   1.00 20.14  ? 12  VAL B CG2  1 
ATOM   510 H H    . VAL B 2 12 ? 5.157   4.280   0.804   1.00 20.71  ? 12  VAL B H    1 
ATOM   511 H HA   . VAL B 2 12 ? 4.145   3.255   3.004   1.00 22.40  ? 12  VAL B HA   1 
ATOM   512 H HB   . VAL B 2 12 ? 6.055   5.341   2.717   1.00 22.01  ? 12  VAL B HB   1 
ATOM   513 H HG11 . VAL B 2 12 ? 5.139   4.043   4.997   1.00 24.49  ? 12  VAL B HG11 1 
ATOM   514 H HG12 . VAL B 2 12 ? 6.563   4.747   4.975   1.00 24.49  ? 12  VAL B HG12 1 
ATOM   515 H HG13 . VAL B 2 12 ? 5.246   5.610   4.756   1.00 24.49  ? 12  VAL B HG13 1 
ATOM   516 H HG21 . VAL B 2 12 ? 6.350   2.729   2.312   1.00 24.29  ? 12  VAL B HG21 1 
ATOM   517 H HG22 . VAL B 2 12 ? 7.504   3.820   2.300   1.00 24.29  ? 12  VAL B HG22 1 
ATOM   518 H HG23 . VAL B 2 12 ? 7.132   3.071   3.651   1.00 24.29  ? 12  VAL B HG23 1 
ATOM   519 N N    . GLU B 2 13 ? 3.112   6.186   2.235   1.00 16.60  ? 13  GLU B N    1 
ATOM   520 C CA   . GLU B 2 13 ? 2.052   7.143   2.506   1.00 18.10  ? 13  GLU B CA   1 
ATOM   521 C C    . GLU B 2 13 ? 0.697   6.458   2.357   1.00 16.49  ? 13  GLU B C    1 
ATOM   522 O O    . GLU B 2 13 ? -0.213  6.662   3.167   1.00 21.12  ? 13  GLU B O    1 
ATOM   523 C CB   . GLU B 2 13 ? 2.154   8.335   1.549   1.00 20.76  ? 13  GLU B CB   1 
ATOM   524 C CG   . GLU B 2 13 ? 3.298   9.308   1.808   1.00 23.23  ? 13  GLU B CG   1 
ATOM   525 C CD   . GLU B 2 13 ? 3.316   10.474  0.810   1.00 36.81  ? 13  GLU B CD   1 
ATOM   526 O OE1  . GLU B 2 13 ? 2.629   11.491  1.056   1.00 53.15  ? 13  GLU B OE1  1 
ATOM   527 O OE2  . GLU B 2 13 ? 4.011   10.396  -0.218  1.00 40.29  ? 13  GLU B OE2  1 
ATOM   528 H H    . GLU B 2 13 ? 3.601   6.382   1.555   1.00 20.05  ? 13  GLU B H    1 
ATOM   529 H HA   . GLU B 2 13 ? 2.144   7.485   3.410   1.00 21.85  ? 13  GLU B HA   1 
ATOM   530 H HB2  . GLU B 2 13 ? 2.269   7.992   0.649   1.00 25.04  ? 13  GLU B HB2  1 
ATOM   531 H HB3  . GLU B 2 13 ? 1.329   8.842   1.607   1.00 25.04  ? 13  GLU B HB3  1 
ATOM   532 H HG2  . GLU B 2 13 ? 3.205   9.677   2.700   1.00 28.00  ? 13  GLU B HG2  1 
ATOM   533 H HG3  . GLU B 2 13 ? 4.141   8.834   1.732   1.00 28.00  ? 13  GLU B HG3  1 
ATOM   534 N N    . ALA B 2 14 ? 0.538   5.638   1.311   1.00 18.53  ? 14  ALA B N    1 
ATOM   535 C CA   . ALA B 2 14 ? -0.697  4.915   1.079   1.00 19.35  ? 14  ALA B CA   1 
ATOM   536 C C    . ALA B 2 14 ? -1.025  3.994   2.242   1.00 18.74  ? 14  ALA B C    1 
ATOM   537 O O    . ALA B 2 14 ? -2.190  3.897   2.666   1.00 18.60  ? 14  ALA B O    1 
ATOM   538 C CB   . ALA B 2 14 ? -0.576  4.125   -0.228  1.00 18.06  ? 14  ALA B CB   1 
ATOM   539 H H    . ALA B 2 14 ? 1.142   5.486   0.718   1.00 22.36  ? 14  ALA B H    1 
ATOM   540 H HA   . ALA B 2 14 ? -1.429  5.546   0.993   1.00 23.34  ? 14  ALA B HA   1 
ATOM   541 H HB1  . ALA B 2 14 ? -1.421  3.685   -0.409  1.00 21.79  ? 14  ALA B HB1  1 
ATOM   542 H HB2  . ALA B 2 14 ? -0.361  4.738   -0.948  1.00 21.79  ? 14  ALA B HB2  1 
ATOM   543 H HB3  . ALA B 2 14 ? 0.128   3.465   -0.133  1.00 21.79  ? 14  ALA B HB3  1 
ATOM   544 N N    . LEU B 2 15 ? -0.020  3.257   2.726   1.00 18.23  ? 15  LEU B N    1 
ATOM   545 C CA   . LEU B 2 15 ? -0.274  2.323   3.825   1.00 14.65  ? 15  LEU B CA   1 
ATOM   546 C C    . LEU B 2 15 ? -0.626  3.073   5.093   1.00 18.50  ? 15  LEU B C    1 
ATOM   547 O O    . LEU B 2 15 ? -1.452  2.607   5.883   1.00 19.63  ? 15  LEU B O    1 
ATOM   548 C CB   . LEU B 2 15 ? 0.928   1.398   4.019   1.00 15.87  ? 15  LEU B CB   1 
ATOM   549 C CG   . LEU B 2 15 ? 1.266   0.342   2.984   1.00 18.26  ? 15  LEU B CG   1 
ATOM   550 C CD1  . LEU B 2 15 ? 2.581   -0.239  3.216   1.00 20.76  ? 15  LEU B CD1  1 
ATOM   551 C CD2  . LEU B 2 15 ? 0.229   -0.744  2.985   1.00 22.63  ? 15  LEU B CD2  1 
ATOM   552 H H    . LEU B 2 15 ? 0.793   3.278   2.445   1.00 22.00  ? 15  LEU B H    1 
ATOM   553 H HA   . LEU B 2 15 ? -1.030  1.757   3.603   1.00 17.70  ? 15  LEU B HA   1 
ATOM   554 H HB2  . LEU B 2 15 ? 1.713   1.964   4.089   1.00 19.17  ? 15  LEU B HB2  1 
ATOM   555 H HB3  . LEU B 2 15 ? 0.787   0.921   4.852   1.00 19.17  ? 15  LEU B HB3  1 
ATOM   556 H HG   . LEU B 2 15 ? 1.279   0.772   2.115   1.00 22.04  ? 15  LEU B HG   1 
ATOM   557 H HD11 . LEU B 2 15 ? 2.708   -0.984  2.609   1.00 25.04  ? 15  LEU B HD11 1 
ATOM   558 H HD12 . LEU B 2 15 ? 3.258   0.437   3.055   1.00 25.04  ? 15  LEU B HD12 1 
ATOM   559 H HD13 . LEU B 2 15 ? 2.633   -0.547  4.134   1.00 25.04  ? 15  LEU B HD13 1 
ATOM   560 H HD21 . LEU B 2 15 ? 0.254   -1.203  3.838   1.00 27.28  ? 15  LEU B HD21 1 
ATOM   561 H HD22 . LEU B 2 15 ? -0.645  -0.344  2.850   1.00 27.28  ? 15  LEU B HD22 1 
ATOM   562 H HD23 . LEU B 2 15 ? 0.423   -1.366  2.267   1.00 27.28  ? 15  LEU B HD23 1 
ATOM   563 N N    . TYR B 2 16 ? 0.061   4.191   5.333   1.00 19.29  ? 16  TYR B N    1 
ATOM   564 C CA   . TYR B 2 16 ? -0.241  5.028   6.480   1.00 20.50  ? 16  TYR B CA   1 
ATOM   565 C C    . TYR B 2 16 ? -1.691  5.457   6.452   1.00 18.13  ? 16  TYR B C    1 
ATOM   566 O O    . TYR B 2 16 ? -2.415  5.327   7.449   1.00 22.30  ? 16  TYR B O    1 
ATOM   567 C CB   . TYR B 2 16 ? 0.684   6.240   6.491   1.00 16.88  ? 16  TYR B CB   1 
ATOM   568 C CG   . TYR B 2 16 ? 0.460   7.182   7.614   1.00 24.34  ? 16  TYR B CG   1 
ATOM   569 C CD1  . TYR B 2 16 ? 1.037   6.964   8.841   1.00 26.57  ? 16  TYR B CD1  1 
ATOM   570 C CD2  . TYR B 2 16 ? -0.331  8.297   7.439   1.00 24.45  ? 16  TYR B CD2  1 
ATOM   571 C CE1  . TYR B 2 16 ? 0.798   7.825   9.887   1.00 31.67  ? 16  TYR B CE1  1 
ATOM   572 C CE2  . TYR B 2 16 ? -0.554  9.166   8.446   1.00 35.67  ? 16  TYR B CE2  1 
ATOM   573 C CZ   . TYR B 2 16 ? 0.016   8.934   9.676   1.00 38.06  ? 16  TYR B CZ   1 
ATOM   574 O OH   . TYR B 2 16 ? -0.206  9.809   10.702  1.00 47.11  ? 16  TYR B OH   1 
ATOM   575 H H    . TYR B 2 16 ? 0.706   4.483   4.844   1.00 23.28  ? 16  TYR B H    1 
ATOM   576 H HA   . TYR B 2 16 ? -0.085  4.528   7.296   1.00 24.73  ? 16  TYR B HA   1 
ATOM   577 H HB2  . TYR B 2 16 ? 1.600   5.928   6.549   1.00 20.38  ? 16  TYR B HB2  1 
ATOM   578 H HB3  . TYR B 2 16 ? 0.553   6.734   5.666   1.00 20.38  ? 16  TYR B HB3  1 
ATOM   579 H HD1  . TYR B 2 16 ? 1.592   6.228   8.966   1.00 32.00  ? 16  TYR B HD1  1 
ATOM   580 H HD2  . TYR B 2 16 ? -0.718  8.454   6.608   1.00 29.47  ? 16  TYR B HD2  1 
ATOM   581 H HE1  . TYR B 2 16 ? 1.163   7.661   10.726  1.00 38.13  ? 16  TYR B HE1  1 
ATOM   582 H HE2  . TYR B 2 16 ? -1.089  9.915   8.310   1.00 42.93  ? 16  TYR B HE2  1 
ATOM   583 H HH   . TYR B 2 16 ? -0.685  10.446  10.438  1.00 56.66  ? 16  TYR B HH   1 
ATOM   584 N N    A LEU B 2 17 ? -2.156  5.897   5.280   0.56 16.88  ? 17  LEU B N    1 
ATOM   585 N N    B LEU B 2 17 ? -2.143  5.979   5.318   0.44 19.54  ? 17  LEU B N    1 
ATOM   586 C CA   A LEU B 2 17 ? -3.519  6.398   5.166   0.56 21.38  ? 17  LEU B CA   1 
ATOM   587 C CA   B LEU B 2 17 ? -3.542  6.365   5.218   0.44 22.28  ? 17  LEU B CA   1 
ATOM   588 C C    A LEU B 2 17 ? -4.536  5.264   5.214   0.56 23.38  ? 17  LEU B C    1 
ATOM   589 C C    B LEU B 2 17 ? -4.440  5.155   5.384   0.44 23.64  ? 17  LEU B C    1 
ATOM   590 O O    A LEU B 2 17 ? -5.566  5.380   5.885   0.56 20.05  ? 17  LEU B O    1 
ATOM   591 O O    B LEU B 2 17 ? -5.272  5.098   6.296   0.44 28.54  ? 17  LEU B O    1 
ATOM   592 C CB   A LEU B 2 17 ? -3.684  7.186   3.872   0.56 27.73  ? 17  LEU B CB   1 
ATOM   593 C CB   B LEU B 2 17 ? -3.816  7.035   3.882   0.44 25.60  ? 17  LEU B CB   1 
ATOM   594 C CG   A LEU B 2 17 ? -5.090  7.718   3.612   0.56 26.36  ? 17  LEU B CG   1 
ATOM   595 C CG   B LEU B 2 17 ? -3.184  8.415   3.851   0.44 22.76  ? 17  LEU B CG   1 
ATOM   596 C CD1  A LEU B 2 17 ? -5.459  8.767   4.648   0.56 24.79  ? 17  LEU B CD1  1 
ATOM   597 C CD1  B LEU B 2 17 ? -3.274  9.019   2.447   0.44 29.80  ? 17  LEU B CD1  1 
ATOM   598 C CD2  A LEU B 2 17 ? -5.198  8.265   2.191   0.56 34.32  ? 17  LEU B CD2  1 
ATOM   599 C CD2  B LEU B 2 17 ? -3.858  9.285   4.925   0.44 29.02  ? 17  LEU B CD2  1 
ATOM   600 H H    A LEU B 2 17 ? -1.706  5.915   4.549   0.56 20.38  ? 17  LEU B H    1 
ATOM   601 H H    B LEU B 2 17 ? -1.671  6.116   4.611   0.44 23.57  ? 17  LEU B H    1 
ATOM   602 H HA   A LEU B 2 17 ? -3.689  6.994   5.912   0.56 25.79  ? 17  LEU B HA   1 
ATOM   603 H HA   B LEU B 2 17 ? -3.735  7.005   5.920   0.44 26.86  ? 17  LEU B HA   1 
ATOM   604 H HB2  A LEU B 2 17 ? -3.085  7.949   3.902   0.56 33.41  ? 17  LEU B HB2  1 
ATOM   605 H HB2  B LEU B 2 17 ? -3.437  6.501   3.167   0.44 30.85  ? 17  LEU B HB2  1 
ATOM   606 H HB3  A LEU B 2 17 ? -3.448  6.608   3.131   0.56 33.41  ? 17  LEU B HB3  1 
ATOM   607 H HB3  B LEU B 2 17 ? -4.774  7.127   3.755   0.44 30.85  ? 17  LEU B HB3  1 
ATOM   608 H HG   A LEU B 2 17 ? -5.731  6.994   3.692   0.56 31.76  ? 17  LEU B HG   1 
ATOM   609 H HG   B LEU B 2 17 ? -2.236  8.373   4.055   0.44 27.44  ? 17  LEU B HG   1 
ATOM   610 H HD11 A LEU B 2 17 ? -6.077  9.399   4.250   0.56 29.87  ? 17  LEU B HD11 1 
ATOM   611 H HD11 B LEU B 2 17 ? -2.377  9.151   2.102   0.44 35.89  ? 17  LEU B HD11 1 
ATOM   612 H HD12 A LEU B 2 17 ? -5.876  8.329   5.406   0.56 29.87  ? 17  LEU B HD12 1 
ATOM   613 H HD12 B LEU B 2 17 ? -3.763  8.409   1.873   0.44 35.89  ? 17  LEU B HD12 1 
ATOM   614 H HD13 A LEU B 2 17 ? -4.653  9.226   4.933   0.56 29.87  ? 17  LEU B HD13 1 
ATOM   615 H HD13 B LEU B 2 17 ? -3.737  9.869   2.499   0.44 35.89  ? 17  LEU B HD13 1 
ATOM   616 H HD21 A LEU B 2 17 ? -4.998  7.553   1.563   0.56 41.31  ? 17  LEU B HD21 1 
ATOM   617 H HD21 B LEU B 2 17 ? -4.616  8.804   5.290   0.44 34.95  ? 17  LEU B HD21 1 
ATOM   618 H HD22 A LEU B 2 17 ? -6.100  8.590   2.045   0.56 41.31  ? 17  LEU B HD22 1 
ATOM   619 H HD22 B LEU B 2 17 ? -3.216  9.475   5.627   0.44 34.95  ? 17  LEU B HD22 1 
ATOM   620 H HD23 A LEU B 2 17 ? -4.563  8.990   2.083   0.56 41.31  ? 17  LEU B HD23 1 
ATOM   621 H HD23 B LEU B 2 17 ? -4.157  10.114  4.518   0.44 34.95  ? 17  LEU B HD23 1 
ATOM   622 N N    . VAL B 2 18 ? -4.271  4.164   4.504   1.00 21.01  ? 18  VAL B N    1 
ATOM   623 C CA   . VAL B 2 18 ? -5.212  3.051   4.459   1.00 19.44  ? 18  VAL B CA   1 
ATOM   624 C C    . VAL B 2 18 ? -5.378  2.396   5.815   1.00 21.19  ? 18  VAL B C    1 
ATOM   625 O O    . VAL B 2 18 ? -6.494  2.033   6.221   1.00 25.30  ? 18  VAL B O    1 
ATOM   626 C CB   . VAL B 2 18 ? -4.745  2.019   3.417   1.00 21.98  ? 18  VAL B CB   1 
ATOM   627 C CG1  . VAL B 2 18 ? -5.423  0.728   3.601   1.00 26.01  ? 18  VAL B CG1  1 
ATOM   628 C CG2  . VAL B 2 18 ? -4.987  2.563   2.042   1.00 27.91  ? 18  VAL B CG2  1 
ATOM   629 H H    A VAL B 2 18 ? -3.555  4.040   4.043   0.56 25.33  ? 18  VAL B H    1 
ATOM   630 H H    B VAL B 2 18 ? -3.629  4.115   3.934   0.44 25.33  ? 18  VAL B H    1 
ATOM   631 H HA   . VAL B 2 18 ? -6.076  3.407   4.199   1.00 23.45  ? 18  VAL B HA   1 
ATOM   632 H HB   . VAL B 2 18 ? -3.795  1.856   3.529   1.00 26.51  ? 18  VAL B HB   1 
ATOM   633 H HG11 . VAL B 2 18 ? -6.326  0.888   3.918   1.00 31.34  ? 18  VAL B HG11 1 
ATOM   634 H HG12 . VAL B 2 18 ? -5.449  0.261   2.751   1.00 31.34  ? 18  VAL B HG12 1 
ATOM   635 H HG13 . VAL B 2 18 ? -4.932  0.203   4.252   1.00 31.34  ? 18  VAL B HG13 1 
ATOM   636 H HG21 . VAL B 2 18 ? -4.675  1.917   1.387   1.00 33.62  ? 18  VAL B HG21 1 
ATOM   637 H HG22 . VAL B 2 18 ? -5.937  2.719   1.927   1.00 33.62  ? 18  VAL B HG22 1 
ATOM   638 H HG23 . VAL B 2 18 ? -4.500  3.396   1.942   1.00 33.62  ? 18  VAL B HG23 1 
ATOM   639 N N    . CYS B 2 19 ? -4.270  2.208   6.531   1.00 21.86  ? 19  CYS B N    1 
ATOM   640 C CA   . CYS B 2 19 ? -4.299  1.426   7.749   1.00 17.88  ? 19  CYS B CA   1 
ATOM   641 C C    . CYS B 2 19 ? -4.700  2.241   8.960   1.00 25.88  ? 19  CYS B C    1 
ATOM   642 O O    . CYS B 2 19 ? -5.080  1.653   9.964   1.00 25.44  ? 19  CYS B O    1 
ATOM   643 C CB   . CYS B 2 19 ? -2.948  0.740   7.987   1.00 22.91  ? 19  CYS B CB   1 
ATOM   644 S SG   . CYS B 2 19 ? -2.482  -0.434  6.683   1.00 21.26  ? 19  CYS B SG   1 
ATOM   645 H H    . CYS B 2 19 ? -3.498  2.525   6.328   1.00 26.36  ? 19  CYS B H    1 
ATOM   646 H HA   . CYS B 2 19 ? -4.952  0.717   7.649   1.00 21.58  ? 19  CYS B HA   1 
ATOM   647 H HB2  . CYS B 2 19 ? -2.257  1.419   8.034   1.00 27.62  ? 19  CYS B HB2  1 
ATOM   648 H HB3  . CYS B 2 19 ? -2.990  0.252   8.824   1.00 27.62  ? 19  CYS B HB3  1 
ATOM   649 N N    . GLY B 2 20 ? -4.662  3.561   8.893   1.00 27.60  ? 20  GLY B N    1 
ATOM   650 C CA   . GLY B 2 20 ? -5.230  4.312   10.003  1.00 24.63  ? 20  GLY B CA   1 
ATOM   651 C C    . GLY B 2 20 ? -4.589  3.968   11.337  1.00 28.39  ? 20  GLY B C    1 
ATOM   652 O O    . GLY B 2 20 ? -3.376  3.813   11.461  1.00 25.72  ? 20  GLY B O    1 
ATOM   653 H H    . GLY B 2 20 ? -4.329  4.026   8.250   1.00 33.25  ? 20  GLY B H    1 
ATOM   654 H HA2  . GLY B 2 20 ? -5.106  5.261   9.843   1.00 29.69  ? 20  GLY B HA2  1 
ATOM   655 H HA3  . GLY B 2 20 ? -6.179  4.124   10.064  1.00 29.69  ? 20  GLY B HA3  1 
ATOM   656 N N    . GLU B 2 21 ? -5.425  3.855   12.355  1.00 28.93  ? 21  GLU B N    1 
ATOM   657 C CA   . GLU B 2 21 ? -4.895  3.653   13.690  1.00 30.60  ? 21  GLU B CA   1 
ATOM   658 C C    . GLU B 2 21 ? -4.358  2.243   13.894  1.00 28.77  ? 21  GLU B C    1 
ATOM   659 O O    . GLU B 2 21 ? -3.674  2.013   14.901  1.00 29.36  ? 21  GLU B O    1 
ATOM   660 C CB   . GLU B 2 21 ? -5.968  3.993   14.715  1.00 35.72  ? 21  GLU B CB   1 
ATOM   661 C CG   . GLU B 2 21 ? -7.281  3.297   14.485  1.00 50.71  ? 21  GLU B CG   1 
ATOM   662 C CD   . GLU B 2 21 ? -8.171  3.279   15.730  1.00 68.70  ? 21  GLU B CD   1 
ATOM   663 O OE1  . GLU B 2 21 ? -8.725  4.344   16.099  1.00 73.39  ? 21  GLU B OE1  1 
ATOM   664 O OE2  . GLU B 2 21 ? -8.318  2.191   16.332  1.00 68.31  ? 21  GLU B OE2  1 
ATOM   665 H H    . GLU B 2 21 ? -6.283  3.891   12.301  1.00 34.84  ? 21  GLU B H    1 
ATOM   666 H HA   . GLU B 2 21 ? -4.151  4.256   13.844  1.00 36.84  ? 21  GLU B HA   1 
ATOM   667 H HB2  . GLU B 2 21 ? -5.650  3.738   15.595  1.00 42.99  ? 21  GLU B HB2  1 
ATOM   668 H HB3  . GLU B 2 21 ? -6.133  4.949   14.686  1.00 42.99  ? 21  GLU B HB3  1 
ATOM   669 H HG2  . GLU B 2 21 ? -7.764  3.757   13.779  1.00 60.97  ? 21  GLU B HG2  1 
ATOM   670 H HG3  . GLU B 2 21 ? -7.110  2.379   14.224  1.00 60.97  ? 21  GLU B HG3  1 
ATOM   671 N N    . ARG B 2 22 ? -4.650  1.307   12.974  1.00 28.82  ? 22  ARG B N    1 
ATOM   672 C CA   . ARG B 2 22 ? -4.076  -0.034  13.058  1.00 27.09  ? 22  ARG B CA   1 
ATOM   673 C C    . ARG B 2 22 ? -2.557  -0.021  12.893  1.00 25.90  ? 22  ARG B C    1 
ATOM   674 O O    . ARG B 2 22 ? -1.868  -0.875  13.457  1.00 27.62  ? 22  ARG B O    1 
ATOM   675 C CB   . ARG B 2 22 ? -4.643  -0.951  11.966  1.00 31.87  ? 22  ARG B CB   1 
ATOM   676 C CG   . ARG B 2 22 ? -6.043  -1.489  12.143  1.00 37.68  ? 22  ARG B CG   1 
ATOM   677 C CD   . ARG B 2 22 ? -6.488  -2.208  10.836  1.00 48.61  ? 22  ARG B CD   1 
ATOM   678 N NE   . ARG B 2 22 ? -6.798  -1.272  9.738   1.00 71.55  ? 22  ARG B NE   1 
ATOM   679 C CZ   . ARG B 2 22 ? -7.341  -1.597  8.554   1.00 80.44  ? 22  ARG B CZ   1 
ATOM   680 N NH1  . ARG B 2 22 ? -7.659  -2.856  8.251   1.00 78.82  ? 22  ARG B NH1  1 
ATOM   681 N NH2  . ARG B 2 22 ? -7.576  -0.644  7.653   1.00 76.64  ? 22  ARG B NH2  1 
ATOM   682 H H    . ARG B 2 22 ? -5.171  1.427   12.301  1.00 34.71  ? 22  ARG B H    1 
ATOM   683 H HA   . ARG B 2 22 ? -4.316  -0.384  13.930  1.00 32.63  ? 22  ARG B HA   1 
ATOM   684 H HB2  . ARG B 2 22 ? -4.641  -0.452  11.133  1.00 38.37  ? 22  ARG B HB2  1 
ATOM   685 H HB3  . ARG B 2 22 ? -4.057  -1.720  11.894  1.00 38.37  ? 22  ARG B HB3  1 
ATOM   686 H HG2  . ARG B 2 22 ? -6.060  -2.126  12.873  1.00 45.34  ? 22  ARG B HG2  1 
ATOM   687 H HG3  . ARG B 2 22 ? -6.655  -0.759  12.323  1.00 45.34  ? 22  ARG B HG3  1 
ATOM   688 H HD2  . ARG B 2 22 ? -5.773  -2.791  10.537  1.00 58.46  ? 22  ARG B HD2  1 
ATOM   689 H HD3  . ARG B 2 22 ? -7.286  -2.728  11.019  1.00 58.46  ? 22  ARG B HD3  1 
ATOM   690 H HE   . ARG B 2 22 ? -6.613  -0.442  9.869   1.00 85.98  ? 22  ARG B HE   1 
ATOM   691 H HH11 . ARG B 2 22 ? -7.516  -3.484  8.822   1.00 94.71  ? 22  ARG B HH11 1 
ATOM   692 H HH12 . ARG B 2 22 ? -8.005  -3.041  7.487   1.00 94.71  ? 22  ARG B HH12 1 
ATOM   693 H HH21 . ARG B 2 22 ? -7.378  0.174   7.830   1.00 92.10  ? 22  ARG B HH21 1 
ATOM   694 H HH22 . ARG B 2 22 ? -7.923  -0.847  6.892   1.00 92.10  ? 22  ARG B HH22 1 
ATOM   695 N N    . GLY B 2 23 ? -2.016  0.906   12.103  1.00 23.39  ? 23  GLY B N    1 
ATOM   696 C CA   . GLY B 2 23 ? -0.618  0.841   11.714  1.00 23.50  ? 23  GLY B CA   1 
ATOM   697 C C    . GLY B 2 23 ? -0.390  -0.295  10.731  1.00 21.02  ? 23  GLY B C    1 
ATOM   698 O O    . GLY B 2 23 ? -1.312  -1.046  10.361  1.00 24.36  ? 23  GLY B O    1 
ATOM   699 H H    . GLY B 2 23 ? -2.442  1.580   11.781  1.00 28.19  ? 23  GLY B H    1 
ATOM   700 H HA2  . GLY B 2 23 ? -0.354  1.675   11.296  1.00 28.32  ? 23  GLY B HA2  1 
ATOM   701 H HA3  . GLY B 2 23 ? -0.066  0.692   12.498  1.00 28.32  ? 23  GLY B HA3  1 
ATOM   702 N N    . PHE B 2 24 ? 0.865   -0.417  10.305  1.00 21.60  ? 24  PHE B N    1 
ATOM   703 C CA   . PHE B 2 24 ? 1.220   -1.332  9.229   1.00 22.92  ? 24  PHE B CA   1 
ATOM   704 C C    . PHE B 2 24 ? 2.678   -1.773  9.347   1.00 26.47  ? 24  PHE B C    1 
ATOM   705 O O    . PHE B 2 24 ? 3.479   -1.223  10.117  1.00 21.57  ? 24  PHE B O    1 
ATOM   706 C CB   . PHE B 2 24 ? 0.974   -0.685  7.866   1.00 24.26  ? 24  PHE B CB   1 
ATOM   707 C CG   . PHE B 2 24 ? 1.865   0.469   7.594   1.00 18.45  ? 24  PHE B CG   1 
ATOM   708 C CD1  . PHE B 2 24 ? 1.501   1.769   7.943   1.00 20.45  ? 24  PHE B CD1  1 
ATOM   709 C CD2  . PHE B 2 24 ? 3.090   0.271   7.004   1.00 19.75  ? 24  PHE B CD2  1 
ATOM   710 C CE1  . PHE B 2 24 ? 2.351   2.846   7.690   1.00 24.05  ? 24  PHE B CE1  1 
ATOM   711 C CE2  . PHE B 2 24 ? 3.949   1.329   6.748   1.00 21.38  ? 24  PHE B CE2  1 
ATOM   712 C CZ   . PHE B 2 24 ? 3.571   2.625   7.093   1.00 21.17  ? 24  PHE B CZ   1 
ATOM   713 H H    . PHE B 2 24 ? 1.532   0.021   10.626  1.00 26.05  ? 24  PHE B H    1 
ATOM   714 H HA   . PHE B 2 24 ? 0.673   -2.128  9.320   1.00 27.63  ? 24  PHE B HA   1 
ATOM   715 H HB2  . PHE B 2 24 ? 1.125   -1.347  7.173   1.00 29.24  ? 24  PHE B HB2  1 
ATOM   716 H HB3  . PHE B 2 24 ? 0.058   -0.370  7.829   1.00 29.24  ? 24  PHE B HB3  1 
ATOM   717 H HD1  . PHE B 2 24 ? 0.679   1.921   8.350   1.00 24.67  ? 24  PHE B HD1  1 
ATOM   718 H HD2  . PHE B 2 24 ? 3.349   -0.592  6.773   1.00 23.82  ? 24  PHE B HD2  1 
ATOM   719 H HE1  . PHE B 2 24 ? 2.094   3.708   7.924   1.00 28.98  ? 24  PHE B HE1  1 
ATOM   720 H HE2  . PHE B 2 24 ? 4.774   1.174   6.347   1.00 25.78  ? 24  PHE B HE2  1 
ATOM   721 H HZ   . PHE B 2 24 ? 4.142   3.339   6.921   1.00 25.53  ? 24  PHE B HZ   1 
ATOM   722 N N    . HIS B 2 25 ? 3.009   -2.797  8.567   1.00 22.46  ? 25  HIS B N    1 
ATOM   723 C CA   . HIS B 2 25 ? 4.372   -3.274  8.405   1.00 26.57  ? 25  HIS B CA   1 
ATOM   724 C C    . HIS B 2 25 ? 4.744   -3.156  6.936   1.00 23.69  ? 25  HIS B C    1 
ATOM   725 O O    . HIS B 2 25 ? 3.884   -3.244  6.057   1.00 23.65  ? 25  HIS B O    1 
ATOM   726 C CB   . HIS B 2 25 ? 4.564   -4.707  8.899   1.00 29.09  ? 25  HIS B CB   1 
ATOM   727 C CG   . HIS B 2 25 ? 3.524   -5.668  8.426   1.00 30.63  ? 25  HIS B CG   1 
ATOM   728 N ND1  . HIS B 2 25 ? 3.693   -6.465  7.315   1.00 35.08  ? 25  HIS B ND1  1 
ATOM   729 C CD2  . HIS B 2 25 ? 2.311   -5.984  8.934   1.00 35.77  ? 25  HIS B CD2  1 
ATOM   730 C CE1  . HIS B 2 25 ? 2.616   -7.210  7.137   1.00 33.88  ? 25  HIS B CE1  1 
ATOM   731 N NE2  . HIS B 2 25 ? 1.764   -6.944  8.109   1.00 34.90  ? 25  HIS B NE2  1 
ATOM   732 H H    . HIS B 2 25 ? 2.439   -3.247  8.106   1.00 27.08  ? 25  HIS B H    1 
ATOM   733 H HA   . HIS B 2 25 ? 4.975   -2.728  8.933   1.00 32.01  ? 25  HIS B HA   1 
ATOM   734 H HB2  . HIS B 2 25 ? 5.425   -5.029  8.587   1.00 35.03  ? 25  HIS B HB2  1 
ATOM   735 H HB3  . HIS B 2 25 ? 4.543   -4.706  9.869   1.00 35.03  ? 25  HIS B HB3  1 
ATOM   736 H HD1  . HIS B 2 25 ? 4.393   -6.477  6.815   1.00 42.22  ? 25  HIS B HD1  1 
ATOM   737 H HD2  . HIS B 2 25 ? 1.920   -5.622  9.695   1.00 43.05  ? 25  HIS B HD2  1 
ATOM   738 H HE1  . HIS B 2 25 ? 2.481   -7.817  6.445   1.00 40.78  ? 25  HIS B HE1  1 
ATOM   739 N N    . TYR B 2 26 ? 6.045   -2.929  6.685   1.00 25.02  ? 26  TYR B N    1 
ATOM   740 C CA   . TYR B 2 26 ? 6.561   -2.581  5.371   1.00 28.00  ? 26  TYR B CA   1 
ATOM   741 C C    . TYR B 2 26 ? 8.069   -2.749  5.366   1.00 28.47  ? 26  TYR B C    1 
ATOM   742 O O    . TYR B 2 26 ? 8.717   -2.421  6.364   1.00 34.70  ? 26  TYR B O    1 
ATOM   743 C CB   . TYR B 2 26 ? 6.197   -1.142  5.023   1.00 25.71  ? 26  TYR B CB   1 
ATOM   744 C CG   . TYR B 2 26 ? 6.947   -0.587  3.841   1.00 27.31  ? 26  TYR B CG   1 
ATOM   745 C CD1  . TYR B 2 26 ? 8.213   -0.037  3.985   1.00 31.83  ? 26  TYR B CD1  1 
ATOM   746 C CD2  . TYR B 2 26 ? 6.381   -0.629  2.561   1.00 27.27  ? 26  TYR B CD2  1 
ATOM   747 C CE1  . TYR B 2 26 ? 8.879   0.468   2.899   1.00 27.09  ? 26  TYR B CE1  1 
ATOM   748 C CE2  . TYR B 2 26 ? 7.040   -0.141  1.470   1.00 27.69  ? 26  TYR B CE2  1 
ATOM   749 C CZ   . TYR B 2 26 ? 8.295   0.401   1.634   1.00 26.99  ? 26  TYR B CZ   1 
ATOM   750 O OH   . TYR B 2 26 ? 8.974   0.894   0.547   1.00 27.67  ? 26  TYR B OH   1 
ATOM   751 H H    . TYR B 2 26 ? 6.660   -2.973  7.285   1.00 30.15  ? 26  TYR B H    1 
ATOM   752 H HA   . TYR B 2 26 ? 6.175   -3.167  4.701   1.00 33.73  ? 26  TYR B HA   1 
ATOM   753 H HB2  . TYR B 2 26 ? 5.251   -1.101  4.817   1.00 30.98  ? 26  TYR B HB2  1 
ATOM   754 H HB3  . TYR B 2 26 ? 6.394   -0.578  5.787   1.00 30.98  ? 26  TYR B HB3  1 
ATOM   755 H HD1  . TYR B 2 26 ? 8.614   -0.011  4.825   1.00 38.33  ? 26  TYR B HD1  1 
ATOM   756 H HD2  . TYR B 2 26 ? 5.536   -1.001  2.452   1.00 32.85  ? 26  TYR B HD2  1 
ATOM   757 H HE1  . TYR B 2 26 ? 9.718   0.854   3.004   1.00 32.64  ? 26  TYR B HE1  1 
ATOM   758 H HE2  . TYR B 2 26 ? 6.647   -0.174  0.628   1.00 33.35  ? 26  TYR B HE2  1 
ATOM   759 H HH   . TYR B 2 26 ? 9.601   0.375   0.340   1.00 33.32  ? 26  TYR B HH   1 
ATOM   760 N N    . PRO B 2 27 ? 8.678   -3.225  4.268   1.00 35.59  ? 27  PRO B N    1 
ATOM   761 C CA   . PRO B 2 27 ? 8.073   -3.708  3.025   1.00 36.98  ? 27  PRO B CA   1 
ATOM   762 C C    . PRO B 2 27 ? 7.686   -5.171  3.084   1.00 37.93  ? 27  PRO B C    1 
ATOM   763 O O    . PRO B 2 27 ? 7.106   -5.676  2.138   1.00 35.83  ? 27  PRO B O    1 
ATOM   764 C CB   . PRO B 2 27 ? 9.188   -3.489  1.991   1.00 34.42  ? 27  PRO B CB   1 
ATOM   765 C CG   . PRO B 2 27 ? 10.452  -3.622  2.765   1.00 38.53  ? 27  PRO B CG   1 
ATOM   766 C CD   . PRO B 2 27 ? 10.145  -3.106  4.153   1.00 38.26  ? 27  PRO B CD   1 
ATOM   767 H HA   . PRO B 2 27 ? 7.294   -3.178  2.795   1.00 44.50  ? 27  PRO B HA   1 
ATOM   768 H HB2  . PRO B 2 27 ? 9.133   -4.163  1.296   1.00 41.43  ? 27  PRO B HB2  1 
ATOM   769 H HB3  . PRO B 2 27 ? 9.109   -2.604  1.602   1.00 41.43  ? 27  PRO B HB3  1 
ATOM   770 H HG2  . PRO B 2 27 ? 10.720  -4.554  2.797   1.00 46.36  ? 27  PRO B HG2  1 
ATOM   771 H HG3  . PRO B 2 27 ? 11.149  -3.090  2.348   1.00 46.36  ? 27  PRO B HG3  1 
ATOM   772 H HD2  . PRO B 2 27 ? 10.585  -3.649  4.824   1.00 46.04  ? 27  PRO B HD2  1 
ATOM   773 H HD3  . PRO B 2 27 ? 10.420  -2.179  4.241   1.00 46.04  ? 27  PRO B HD3  1 
ATOM   774 N N    . LYS B 2 28 ? 8.033   -5.826  4.183   1.00 42.26  ? 28  LYS B N    1 
ATOM   775 C CA   . LYS B 2 28 ? 7.752   -7.244  4.394   1.00 52.91  ? 28  LYS B CA   1 
ATOM   776 C C    . LYS B 2 28 ? 6.381   -7.362  5.070   1.00 55.23  ? 28  LYS B C    1 
ATOM   777 O O    . LYS B 2 28 ? 5.967   -6.418  5.754   1.00 53.80  ? 28  LYS B O    1 
ATOM   778 C CB   . LYS B 2 28 ? 8.831   -7.902  5.276   1.00 66.27  ? 28  LYS B CB   1 
ATOM   779 C CG   . LYS B 2 28 ? 10.067  -8.465  4.561   1.00 66.29  ? 28  LYS B CG   1 
ATOM   780 C CD   . LYS B 2 28 ? 10.513  -9.819  5.162   1.00 71.70  ? 28  LYS B CD   1 
ATOM   781 C CE   . LYS B 2 28 ? 11.354  -9.685  6.444   1.00 78.53  ? 28  LYS B CE   1 
ATOM   782 N NZ   . LYS B 2 28 ? 12.380  -10.797 6.582   1.00 77.78  ? 28  LYS B NZ   1 
ATOM   783 O OXT  . LYS B 2 28 ? 5.685   -8.380  4.985   1.00 48.76  ? 28  LYS B OXT  1 
ATOM   784 H H    . LYS B 2 28 ? 8.446   -5.462  4.844   1.00 50.84  ? 28  LYS B H    1 
ATOM   785 H HA   . LYS B 2 28 ? 7.753   -7.718  3.548   1.00 63.62  ? 28  LYS B HA   1 
ATOM   786 H HB2  . LYS B 2 28 ? 9.149   -7.237  5.906   1.00 79.64  ? 28  LYS B HB2  1 
ATOM   787 H HB3  . LYS B 2 28 ? 8.420   -8.641  5.751   1.00 79.64  ? 28  LYS B HB3  1 
ATOM   788 H HG2  . LYS B 2 28 ? 9.860   -8.603  3.624   1.00 79.67  ? 28  LYS B HG2  1 
ATOM   789 H HG3  . LYS B 2 28 ? 10.802  -7.838  4.650   1.00 79.67  ? 28  LYS B HG3  1 
ATOM   790 H HD2  . LYS B 2 28 ? 9.723   -10.339 5.380   1.00 86.16  ? 28  LYS B HD2  1 
ATOM   791 H HD3  . LYS B 2 28 ? 11.049  -10.291 4.505   1.00 86.16  ? 28  LYS B HD3  1 
ATOM   792 H HE2  . LYS B 2 28 ? 11.828  -8.839  6.427   1.00 94.36  ? 28  LYS B HE2  1 
ATOM   793 H HE3  . LYS B 2 28 ? 10.766  -9.719  7.216   1.00 94.36  ? 28  LYS B HE3  1 
ATOM   794 H HZ3  . LYS B 2 28 ? 12.213  -11.440 5.990   1.00 93.46  ? 28  LYS B HZ3  1 
HETATM 795 N N1   . IMD C 3 .  ? -4.786  5.717   -3.414  1.00 60.35  ? 101 IMD B N1   1 
HETATM 796 C C2   . IMD C 3 .  ? -3.958  6.793   -3.314  1.00 61.01  ? 101 IMD B C2   1 
HETATM 797 N N3   . IMD C 3 .  ? -3.399  6.815   -2.076  1.00 59.01  ? 101 IMD B N3   1 
HETATM 798 C C4   . IMD C 3 .  ? -3.880  5.752   -1.396  1.00 55.97  ? 101 IMD B C4   1 
HETATM 799 C C5   . IMD C 3 .  ? -4.749  5.054   -2.236  1.00 55.03  ? 101 IMD B C5   1 
HETATM 800 H HN1  . IMD C 3 .  ? -5.314  5.467   -4.201  1.00 72.54  ? 101 IMD B HN1  1 
HETATM 801 H H2   . IMD C 3 .  ? -3.792  7.449   -4.023  1.00 73.34  ? 101 IMD B H2   1 
HETATM 802 H HN3  . IMD C 3 .  ? -2.762  7.480   -1.739  1.00 70.94  ? 101 IMD B HN3  1 
HETATM 803 H H4   . IMD C 3 .  ? -3.659  5.513   -0.472  1.00 67.29  ? 101 IMD B H4   1 
HETATM 804 H H5   . IMD C 3 .  ? -5.240  4.237   -2.014  1.00 66.16  ? 101 IMD B H5   1 
HETATM 805 C C28  . KUT D 4 .  ? 8.667   -10.587 10.023  0.00 30.02  ? 102 KUT B C28  1 
HETATM 806 C C29  . KUT D 4 .  ? 9.124   -12.040 10.086  0.00 34.36  ? 102 KUT B C29  1 
HETATM 807 C C30  . KUT D 4 .  ? 11.078  -13.401 10.231  0.00 43.53  ? 102 KUT B C30  1 
HETATM 808 C C27  . KUT D 4 .  ? 9.382   -9.439  12.087  0.00 29.29  ? 102 KUT B C27  1 
HETATM 809 C C26  . KUT D 4 .  ? 8.226   -10.070 12.830  0.00 30.81  ? 102 KUT B C26  1 
HETATM 810 C C23  . KUT D 4 .  ? 3.555   -7.249  13.111  0.00 41.57  ? 102 KUT B C23  1 
HETATM 811 C C22  . KUT D 4 .  ? 3.974   -6.394  11.921  0.00 47.45  ? 102 KUT B C22  1 
HETATM 812 C C21  . KUT D 4 .  ? 6.341   -5.959  11.534  1.00 69.26  ? 102 KUT B C21  1 
HETATM 813 C C19  . KUT D 4 .  ? 8.603   -5.097  10.827  1.00 44.64  ? 102 KUT B C19  1 
HETATM 814 C C14  . KUT D 4 .  ? 7.454   1.320   8.802   1.00 37.49  ? 102 KUT B C14  1 
HETATM 815 C C15  . KUT D 4 .  ? 8.346   0.132   9.156   1.00 39.28  ? 102 KUT B C15  1 
HETATM 816 C C16  . KUT D 4 .  ? 7.513   -0.921  9.840   1.00 41.54  ? 102 KUT B C16  1 
HETATM 817 C C13  . KUT D 4 .  ? 8.274   2.562   8.479   1.00 40.81  ? 102 KUT B C13  1 
HETATM 818 C C12  . KUT D 4 .  ? 7.442   3.688   7.886   1.00 33.16  ? 102 KUT B C12  1 
HETATM 819 C C11  . KUT D 4 .  ? 6.430   4.240   8.868   1.00 31.46  ? 102 KUT B C11  1 
HETATM 820 O O10  . KUT D 4 .  ? 11.093  -4.624  9.450   1.00 84.90  ? 102 KUT B O10  1 
HETATM 821 C C6   . KUT D 4 .  ? 3.432   13.339  11.785  1.00 55.65  ? 102 KUT B C6   1 
HETATM 822 C C5   . KUT D 4 .  ? 4.462   12.456  11.070  1.00 61.54  ? 102 KUT B C5   1 
HETATM 823 C C4   . KUT D 4 .  ? 4.410   11.011  11.599  1.00 57.49  ? 102 KUT B C4   1 
HETATM 824 C C2   . KUT D 4 .  ? 4.886   8.610   10.899  1.00 42.84  ? 102 KUT B C2   1 
HETATM 825 C C1   . KUT D 4 .  ? 5.377   7.855   9.668   1.00 41.19  ? 102 KUT B C1   1 
HETATM 826 C C8   . KUT D 4 .  ? 1.977   15.318  11.513  1.00 44.02  ? 102 KUT B C8   1 
HETATM 827 C C7   . KUT D 4 .  ? 3.433   14.840  11.443  1.00 46.86  ? 102 KUT B C7   1 
HETATM 828 N N    . KUT D 4 .  ? 8.968   -2.606  10.686  1.00 40.37  ? 102 KUT B N    1 
HETATM 829 C C    . KUT D 4 .  ? 5.502   6.351   9.860   1.00 37.80  ? 102 KUT B C    1 
HETATM 830 O O    . KUT D 4 .  ? 0.703   17.368  11.489  1.00 44.64  ? 102 KUT B O    1 
HETATM 831 C C10  . KUT D 4 .  ? 6.390   5.753   8.776   1.00 30.95  ? 102 KUT B C10  1 
HETATM 832 C C17  . KUT D 4 .  ? 8.076   -2.317  9.755   1.00 42.20  ? 102 KUT B C17  1 
HETATM 833 C C18  . KUT D 4 .  ? 9.519   -3.905  11.094  1.00 55.73  ? 102 KUT B C18  1 
HETATM 834 C C20  . KUT D 4 .  ? 7.565   -5.172  11.943  1.00 55.11  ? 102 KUT B C20  1 
HETATM 835 C C24  . KUT D 4 .  ? 4.605   -9.335  12.684  0.00 33.80  ? 102 KUT B C24  1 
HETATM 836 C C25  . KUT D 4 .  ? 5.870   -10.139 12.970  0.00 32.85  ? 102 KUT B C25  1 
HETATM 837 C C3   . KUT D 4 .  ? 5.369   10.060  10.884  1.00 47.10  ? 102 KUT B C3   1 
HETATM 838 C C31  . KUT D 4 .  ? 10.907  -14.167 8.923   0.00 48.22  ? 102 KUT B C31  1 
HETATM 839 C C32  . KUT D 4 .  ? 12.526  -12.925 7.686   0.00 61.03  ? 102 KUT B C32  1 
HETATM 840 C C33  . KUT D 4 .  ? 12.625  -11.419 7.736   0.00 69.91  ? 102 KUT B C33  1 
HETATM 841 C C34  . KUT D 4 .  ? 10.916  -4.103  10.539  1.00 74.62  ? 102 KUT B C34  1 
HETATM 842 C C9   . KUT D 4 .  ? 1.783   16.811  11.690  1.00 51.49  ? 102 KUT B C9   1 
HETATM 843 N N1   . KUT D 4 .  ? 5.202   -5.673  12.188  1.00 57.08  ? 102 KUT B N1   1 
HETATM 844 N N2   . KUT D 4 .  ? 9.541   -9.714  10.789  0.00 29.03  ? 102 KUT B N2   1 
HETATM 845 O O1   . KUT D 4 .  ? 2.781   17.569  12.110  1.00 59.82  ? 102 KUT B O1   1 
HETATM 846 O O11  . KUT D 4 .  ? 11.989  -3.707  11.231  1.00 74.85  ? 102 KUT B O11  1 
HETATM 847 O O2   . KUT D 4 .  ? 7.646   -3.084  8.922   1.00 36.20  ? 102 KUT B O2   1 
HETATM 848 O O3   . KUT D 4 .  ? 6.427   -6.814  10.657  1.00 77.87  ? 102 KUT B O3   1 
HETATM 849 O O4   . KUT D 4 .  ? 4.614   -8.139  13.461  0.00 37.21  ? 102 KUT B O4   1 
HETATM 850 O O5   . KUT D 4 .  ? 7.001   -9.459  12.431  0.00 29.72  ? 102 KUT B O5   1 
HETATM 851 O O6   . KUT D 4 .  ? 10.143  -8.697  12.685  0.00 28.87  ? 102 KUT B O6   1 
HETATM 852 O O7   . KUT D 4 .  ? 10.549  -12.080 10.107  0.00 37.45  ? 102 KUT B O7   1 
HETATM 853 O O8   . KUT D 4 .  ? 11.158  -13.314 7.806   0.00 51.90  ? 102 KUT B O8   1 
HETATM 854 O O9   . KUT D 4 .  ? 12.257  -10.867 8.757   1.00 73.80  ? 102 KUT B O9   1 
HETATM 855 H H51  . KUT D 4 .  ? 8.652   -10.258 8.982   0.00 36.15  ? 102 KUT B H51  1 
HETATM 856 H H52  . KUT D 4 .  ? 7.651   -10.511 10.415  0.00 36.15  ? 102 KUT B H52  1 
HETATM 857 H H53  . KUT D 4 .  ? 8.749   -12.587 9.217   0.00 41.36  ? 102 KUT B H53  1 
HETATM 858 H H54  . KUT D 4 .  ? 8.723   -12.519 10.982  0.00 41.36  ? 102 KUT B H54  1 
HETATM 859 H H55  . KUT D 4 .  ? 10.562  -13.928 11.035  0.00 52.37  ? 102 KUT B H55  1 
HETATM 860 H H56  . KUT D 4 .  ? 12.137  -13.348 10.490  0.00 52.37  ? 102 KUT B H56  1 
HETATM 861 H H48  . KUT D 4 .  ? 8.191   -11.140 12.618  0.00 37.09  ? 102 KUT B H48  1 
HETATM 862 H H49  . KUT D 4 .  ? 8.367   -9.944  13.906  0.00 37.09  ? 102 KUT B H49  1 
HETATM 863 H H42  . KUT D 4 .  ? 2.660   -7.822  12.858  0.00 50.01  ? 102 KUT B H42  1 
HETATM 864 H H43  . KUT D 4 .  ? 3.314   -6.608  13.961  0.00 50.01  ? 102 KUT B H43  1 
HETATM 865 H H41  . KUT D 4 .  ? 3.179   -5.682  11.691  1.00 57.06  ? 102 KUT B H41  1 
HETATM 866 H H40  . KUT D 4 .  ? 4.113   -7.035  11.047  1.00 57.06  ? 102 KUT B H40  1 
HETATM 867 H H36  . KUT D 4 .  ? 8.106   -4.979  9.862   1.00 53.70  ? 102 KUT B H36  1 
HETATM 868 H H35  . KUT D 4 .  ? 9.186   -6.019  10.794  1.00 53.70  ? 102 KUT B H35  1 
HETATM 869 H H29  . KUT D 4 .  ? 6.835   1.062   7.939   1.00 45.12  ? 102 KUT B H29  1 
HETATM 870 H H28  . KUT D 4 .  ? 6.788   1.534   9.640   1.00 45.12  ? 102 KUT B H28  1 
HETATM 871 H H31  . KUT D 4 .  ? 9.154   0.457   9.816   1.00 47.26  ? 102 KUT B H31  1 
HETATM 872 H H30  . KUT D 4 .  ? 8.798   -0.278  8.251   1.00 47.26  ? 102 KUT B H30  1 
HETATM 873 H H33  . KUT D 4 .  ? 6.516   -0.921  9.392   1.00 49.98  ? 102 KUT B H33  1 
HETATM 874 H H32  . KUT D 4 .  ? 7.408   -0.652  10.893  1.00 49.98  ? 102 KUT B H32  1 
HETATM 875 H H27  . KUT D 4 .  ? 8.753   2.918   9.394   1.00 49.10  ? 102 KUT B H27  1 
HETATM 876 H H26  . KUT D 4 .  ? 9.062   2.292   7.772   1.00 49.10  ? 102 KUT B H26  1 
HETATM 877 H H25  . KUT D 4 .  ? 8.107   4.494   7.568   1.00 39.91  ? 102 KUT B H25  1 
HETATM 878 H H24  . KUT D 4 .  ? 6.918   3.317   7.003   1.00 39.91  ? 102 KUT B H24  1 
HETATM 879 H H23  . KUT D 4 .  ? 5.442   3.831   8.648   1.00 37.88  ? 102 KUT B H23  1 
HETATM 880 H H22  . KUT D 4 .  ? 6.699   3.939   9.883   1.00 37.88  ? 102 KUT B H22  1 
HETATM 881 H H14  . KUT D 4 .  ? 2.439   12.946  11.558  1.00 66.90  ? 102 KUT B H14  1 
HETATM 882 H H13  . KUT D 4 .  ? 3.595   13.240  12.860  1.00 66.90  ? 102 KUT B H13  1 
HETATM 883 H H12  . KUT D 4 .  ? 5.462   12.865  11.226  1.00 73.97  ? 102 KUT B H12  1 
HETATM 884 H H11  . KUT D 4 .  ? 4.262   12.458  9.996   1.00 73.97  ? 102 KUT B H11  1 
HETATM 885 H H10  . KUT D 4 .  ? 3.393   10.633  11.488  1.00 69.11  ? 102 KUT B H10  1 
HETATM 886 H H9   . KUT D 4 .  ? 4.652   11.018  12.664  1.00 69.11  ? 102 KUT B H9   1 
HETATM 887 H H6   . KUT D 4 .  ? 3.794   8.591   10.926  1.00 51.53  ? 102 KUT B H6   1 
HETATM 888 H H5   . KUT D 4 .  ? 5.252   8.114   11.799  1.00 51.53  ? 102 KUT B H5   1 
HETATM 889 H H4   . KUT D 4 .  ? 6.353   8.253   9.384   1.00 49.55  ? 102 KUT B H4   1 
HETATM 890 H H3   . KUT D 4 .  ? 4.685   8.045   8.845   1.00 49.55  ? 102 KUT B H3   1 
HETATM 891 H H18  . KUT D 4 .  ? 1.473   15.013  10.595  1.00 52.95  ? 102 KUT B H18  1 
HETATM 892 H H17  . KUT D 4 .  ? 1.490   14.809  12.348  1.00 52.95  ? 102 KUT B H17  1 
HETATM 893 H H16  . KUT D 4 .  ? 4.052   15.394  12.153  1.00 56.35  ? 102 KUT B H16  1 
HETATM 894 H H15  . KUT D 4 .  ? 3.842   15.004  10.443  1.00 56.35  ? 102 KUT B H15  1 
HETATM 895 H H34  . KUT D 4 .  ? 9.334   -1.821  11.207  1.00 48.57  ? 102 KUT B H34  1 
HETATM 896 H H2   . KUT D 4 .  ? 4.512   5.891   9.818   1.00 45.49  ? 102 KUT B H2   1 
HETATM 897 H H1   . KUT D 4 .  ? 5.929   6.139   10.842  1.00 45.49  ? 102 KUT B H1   1 
HETATM 898 H H21  . KUT D 4 .  ? 7.402   6.150   8.877   1.00 37.26  ? 102 KUT B H21  1 
HETATM 899 H H20  . KUT D 4 .  ? 6.011   6.047   7.794   1.00 37.26  ? 102 KUT B H20  1 
HETATM 900 H H    . KUT D 4 .  ? 9.575   -3.899  12.191  1.00 67.00  ? 102 KUT B H    1 
HETATM 901 H H38  . KUT D 4 .  ? 8.016   -5.641  12.820  1.00 66.25  ? 102 KUT B H38  1 
HETATM 902 H H37  . KUT D 4 .  ? 7.265   -4.160  12.221  1.00 66.25  ? 102 KUT B H37  1 
HETATM 903 H H44  . KUT D 4 .  ? 4.557   -9.086  11.622  0.00 40.69  ? 102 KUT B H44  1 
HETATM 904 H H45  . KUT D 4 .  ? 3.724   -9.930  12.929  0.00 40.69  ? 102 KUT B H45  1 
HETATM 905 H H46  . KUT D 4 .  ? 5.786   -11.131 12.524  0.00 39.55  ? 102 KUT B H46  1 
HETATM 906 H H47  . KUT D 4 .  ? 5.991   -10.264 14.048  0.00 39.55  ? 102 KUT B H47  1 
HETATM 907 H H8   . KUT D 4 .  ? 6.348   10.115  11.364  1.00 56.65  ? 102 KUT B H8   1 
HETATM 908 H H7   . KUT D 4 .  ? 5.484   10.385  9.847   1.00 56.65  ? 102 KUT B H7   1 
HETATM 909 H H57  . KUT D 4 .  ? 9.891   -14.563 8.861   0.00 57.99  ? 102 KUT B H57  1 
HETATM 910 H H58  . KUT D 4 .  ? 11.598  -15.012 8.901   0.00 57.99  ? 102 KUT B H58  1 
HETATM 911 H H60  . KUT D 4 .  ? 13.109  -13.363 8.499   0.00 73.36  ? 102 KUT B H60  1 
HETATM 912 H H59  . KUT D 4 .  ? 12.936  -13.293 6.743   0.00 73.36  ? 102 KUT B H59  1 
HETATM 913 H H61  . KUT D 4 .  ? 13.054  -10.871 6.916   0.00 84.01  ? 102 KUT B H61  1 
HETATM 914 H H39  . KUT D 4 .  ? 5.190   -4.941  12.884  1.00 68.62  ? 102 KUT B H39  1 
HETATM 915 H H50  . KUT D 4 .  ? 10.317  -9.293  10.296  0.00 34.96  ? 102 KUT B H50  1 
HETATM 916 H H19  . KUT D 4 .  ? 2.448   18.210  12.754  1.00 71.90  ? 102 KUT B H19  1 
HETATM 917 H H62  . KUT D 4 .  ? 11.704  -3.261  12.040  1.00 89.94  ? 102 KUT B H62  1 
HETATM 918 O O    . HOH E 5 .  ? -1.343  -7.630  -0.650  1.00 29.67  ? 101 HOH A O    1 
HETATM 919 O O    . HOH E 5 .  ? -0.872  -7.830  8.486   1.00 38.81  ? 102 HOH A O    1 
HETATM 920 O O    . HOH E 5 .  ? -4.235  -6.937  7.454   1.00 32.71  ? 103 HOH A O    1 
HETATM 921 O O    . HOH E 5 .  ? -7.373  -7.177  -4.554  1.00 39.21  ? 104 HOH A O    1 
HETATM 922 O O    . HOH E 5 .  ? -0.559  0.831   -7.168  1.00 22.48  ? 105 HOH A O    1 
HETATM 923 O O    . HOH E 5 .  ? -0.957  -5.833  -8.100  1.00 32.40  ? 106 HOH A O    1 
HETATM 924 O O    . HOH E 5 .  ? -4.053  -9.605  6.433   1.00 46.42  ? 107 HOH A O    1 
HETATM 925 O O    . HOH E 5 .  ? -8.959  -6.260  -6.196  0.33 45.40  ? 108 HOH A O    1 
HETATM 926 O O    . HOH E 5 .  ? -10.740 -4.655  -6.468  0.33 21.58  ? 109 HOH A O    1 
HETATM 927 O O    . HOH E 5 .  ? -7.144  -8.945  -3.442  1.00 43.82  ? 110 HOH A O    1 
HETATM 928 O O    . HOH E 5 .  ? 10.208  -0.193  -6.751  1.00 42.45  ? 111 HOH A O    1 
HETATM 929 O O    . HOH F 5 .  ? 14.137  -4.438  12.003  1.00 59.94  ? 201 HOH B O    1 
HETATM 930 O O    . HOH F 5 .  ? -0.727  16.388  13.352  1.00 29.94  ? 202 HOH B O    1 
HETATM 931 O O    . HOH F 5 .  ? 6.822   11.202  -0.045  1.00 26.56  ? 203 HOH B O    1 
HETATM 932 O O    . HOH F 5 .  ? -9.332  2.913   -10.061 1.00 47.59  ? 204 HOH B O    1 
HETATM 933 O O    . HOH F 5 .  ? 7.929   1.587   -1.800  1.00 29.14  ? 205 HOH B O    1 
HETATM 934 O O    . HOH F 5 .  ? 6.372   0.512   -4.177  1.00 33.91  ? 206 HOH B O    1 
HETATM 935 O O    . HOH F 5 .  ? -1.438  3.799   9.565   1.00 25.23  ? 207 HOH B O    1 
HETATM 936 O O    . HOH F 5 .  ? -6.056  7.171   7.886   1.00 41.50  ? 208 HOH B O    1 
HETATM 937 O O    . HOH F 5 .  ? -4.991  6.540   -6.751  1.00 41.78  ? 209 HOH B O    1 
HETATM 938 O O    . HOH F 5 .  ? -2.471  -2.446  15.662  1.00 39.91  ? 210 HOH B O    1 
HETATM 939 O O    . HOH F 5 .  ? 4.481   6.520   -7.185  1.00 26.76  ? 211 HOH B O    1 
HETATM 940 O O    . HOH F 5 .  ? 9.210   1.329   -4.593  1.00 42.43  ? 212 HOH B O    1 
HETATM 941 O O    . HOH F 5 .  ? -1.429  4.303   13.487  1.00 28.94  ? 213 HOH B O    1 
HETATM 942 O O    . HOH F 5 .  ? 8.273   -5.428  7.332   1.00 39.26  ? 214 HOH B O    1 
HETATM 943 O O    . HOH F 5 .  ? 1.447   6.239   -11.794 1.00 45.49  ? 215 HOH B O    1 
HETATM 944 O O    . HOH F 5 .  ? -10.042 0.745   8.786   1.00 43.24  ? 216 HOH B O    1 
HETATM 945 O O    . HOH F 5 .  ? -0.698  8.465   -1.584  1.00 41.11  ? 217 HOH B O    1 
HETATM 946 O O    . HOH F 5 .  ? -2.312  7.541   11.831  1.00 48.82  ? 218 HOH B O    1 
HETATM 947 O O    . HOH F 5 .  ? -3.891  7.864   9.568   1.00 45.99  ? 219 HOH B O    1 
HETATM 948 O O    . HOH F 5 .  ? -8.771  3.587   9.153   0.50 43.01  ? 220 HOH B O    1 
HETATM 949 O O    . HOH F 5 .  ? 3.872   7.162   -11.115 1.00 43.89  ? 221 HOH B O    1 
HETATM 950 O O    . HOH F 5 .  ? 10.842  -5.063  -0.523  1.00 53.77  ? 222 HOH B O    1 
HETATM 951 O O    . HOH F 5 .  ? 11.398  -6.725  0.647   1.00 48.69  ? 223 HOH B O    1 
HETATM 952 O O    . HOH F 5 .  ? 8.722   6.352   -9.843  1.00 46.59  ? 224 HOH B O    1 
HETATM 953 O O    . HOH F 5 .  ? 12.461  2.115   6.381   0.33 52.35  ? 225 HOH B O    1 
# 
loop_
_atom_site_anisotrop.id 
_atom_site_anisotrop.type_symbol 
_atom_site_anisotrop.pdbx_label_atom_id 
_atom_site_anisotrop.pdbx_label_alt_id 
_atom_site_anisotrop.pdbx_label_comp_id 
_atom_site_anisotrop.pdbx_label_asym_id 
_atom_site_anisotrop.pdbx_label_seq_id 
_atom_site_anisotrop.pdbx_PDB_ins_code 
_atom_site_anisotrop.U[1][1] 
_atom_site_anisotrop.U[2][2] 
_atom_site_anisotrop.U[3][3] 
_atom_site_anisotrop.U[1][2] 
_atom_site_anisotrop.U[1][3] 
_atom_site_anisotrop.U[2][3] 
_atom_site_anisotrop.pdbx_auth_seq_id 
_atom_site_anisotrop.pdbx_auth_comp_id 
_atom_site_anisotrop.pdbx_auth_asym_id 
_atom_site_anisotrop.pdbx_auth_atom_id 
1   N N   . GLY A 1  ? 0.6556 0.5725 0.5939 0.0013  -0.0681 -0.0755 1   GLY A N   
2   C CA  . GLY A 1  ? 0.5616 0.4964 0.5096 -0.0067 -0.0682 -0.0544 1   GLY A CA  
3   C C   . GLY A 1  ? 0.5666 0.5187 0.5120 -0.0293 -0.0643 -0.0464 1   GLY A C   
4   O O   . GLY A 1  ? 0.5693 0.5246 0.5059 -0.0375 -0.0618 -0.0556 1   GLY A O   
10  N N   . ILE A 2  ? 0.5383 0.5019 0.4902 -0.0380 -0.0646 -0.0297 2   ILE A N   
11  C CA  . ILE A 2  ? 0.4495 0.4290 0.4007 -0.0557 -0.0616 -0.0234 2   ILE A CA  
12  C C   . ILE A 2  ? 0.3677 0.3775 0.3182 -0.0564 -0.0539 -0.0309 2   ILE A C   
13  O O   . ILE A 2  ? 0.3875 0.4012 0.3328 -0.0661 -0.0519 -0.0313 2   ILE A O   
14  C CB  . ILE A 2  ? 0.4647 0.4526 0.4227 -0.0623 -0.0623 -0.0071 2   ILE A CB  
15  C CG1 . ILE A 2  ? 0.4904 0.4904 0.4510 -0.0740 -0.0573 -0.0021 2   ILE A CG1 
16  C CG2 . ILE A 2  ? 0.4824 0.4970 0.4479 -0.0527 -0.0590 -0.0048 2   ILE A CG2 
17  C CD1 . ILE A 2  ? 0.5716 0.5535 0.5310 -0.0806 -0.0583 -0.0002 2   ILE A CD1 
29  N N   . VAL A 3  ? 0.4082 0.4408 0.3652 -0.0451 -0.0489 -0.0355 3   VAL A N   
30  C CA  . VAL A 3  ? 0.4350 0.4960 0.3898 -0.0483 -0.0405 -0.0423 3   VAL A CA  
31  C C   . VAL A 3  ? 0.5954 0.6480 0.5356 -0.0501 -0.0388 -0.0546 3   VAL A C   
32  O O   . VAL A 3  ? 0.6670 0.7282 0.5988 -0.0600 -0.0346 -0.0527 3   VAL A O   
33  C CB  . VAL A 3  ? 0.5079 0.5985 0.4750 -0.0356 -0.0354 -0.0478 3   VAL A CB  
34  C CG1 . VAL A 3  ? 0.5903 0.7106 0.5536 -0.0418 -0.0253 -0.0555 3   VAL A CG1 
35  C CG2 . VAL A 3  ? 0.4877 0.5909 0.4668 -0.0363 -0.0381 -0.0361 3   VAL A CG2 
45  N N   . GLU A 4  ? 0.7039 0.7351 0.6404 -0.0385 -0.0422 -0.0657 4   GLU A N   
46  C CA  . GLU A 4  ? 0.6925 0.7158 0.6129 -0.0388 -0.0409 -0.0810 4   GLU A CA  
47  C C   . GLU A 4  ? 0.6436 0.6488 0.5520 -0.0558 -0.0476 -0.0758 4   GLU A C   
48  O O   . GLU A 4  ? 0.6420 0.6570 0.5433 -0.0602 -0.0435 -0.0732 4   GLU A O   
49  C CB  . GLU A 4  ? 0.8031 0.8009 0.7228 -0.0211 -0.0448 -0.0960 4   GLU A CB  
50  C CG  . GLU A 4  ? 0.8167 0.8384 0.7478 0.0006  -0.0380 -0.1074 4   GLU A CG  
51  C CD  . GLU A 4  ? 0.7887 0.8330 0.7396 0.0053  -0.0375 -0.0936 4   GLU A CD  
52  O OE1 . GLU A 4  ? 0.7923 0.8794 0.7522 0.0072  -0.0283 -0.0963 4   GLU A OE1 
53  O OE2 . GLU A 4  ? 0.7506 0.7713 0.7068 0.0055  -0.0465 -0.0800 4   GLU A OE2 
60  N N   . GLN A 5  ? 0.5016 0.4793 0.4145 -0.0604 -0.0567 -0.0685 5   GLN A N   
61  C CA  . GLN A 5  ? 0.6540 0.6253 0.5713 -0.0686 -0.0593 -0.0602 5   GLN A CA  
62  C C   . GLN A 5  ? 0.6685 0.6631 0.5926 -0.0697 -0.0522 -0.0471 5   GLN A C   
63  O O   . GLN A 5  ? 0.7369 0.7336 0.6567 -0.0715 -0.0522 -0.0466 5   GLN A O   
64  C CB  . GLN A 5  ? 0.6037 0.5570 0.5316 -0.0745 -0.0644 -0.0490 5   GLN A CB  
65  C CG  . GLN A 5  ? 0.6885 0.6023 0.6081 -0.0739 -0.0740 -0.0567 5   GLN A CG  
66  C CD  . GLN A 5  ? 0.8699 0.7697 0.7976 -0.0764 -0.0784 -0.0411 5   GLN A CD  
67  O OE1 . GLN A 5  ? 1.0569 0.9520 0.9881 -0.0612 -0.0774 -0.0394 5   GLN A OE1 
68  N NE2 . GLN A 5  ? 0.7655 0.6715 0.7030 -0.0871 -0.0761 -0.0268 5   GLN A NE2 
77  N N   . CYS A 6  ? 0.4256 0.4342 0.3587 -0.0689 -0.0471 -0.0372 6   CYS A N   
78  C CA  . CYS A 6  ? 0.3532 0.3710 0.2921 -0.0703 -0.0419 -0.0249 6   CYS A CA  
79  C C   . CYS A 6  ? 0.3249 0.3569 0.2566 -0.0720 -0.0353 -0.0242 6   CYS A C   
80  O O   . CYS A 6  ? 0.3604 0.3932 0.2911 -0.0750 -0.0336 -0.0163 6   CYS A O   
81  C CB  . CYS A 6  ? 0.3421 0.3628 0.2935 -0.0693 -0.0395 -0.0145 6   CYS A CB  
82  S SG  . CYS A 6  ? 0.3842 0.3931 0.3426 -0.0717 -0.0444 -0.0106 6   CYS A SG  
87  N N   . CYS A 7  ? 0.3375 0.3826 0.2639 -0.0712 -0.0314 -0.0325 7   CYS A N   
88  C CA  . CYS A 7  ? 0.4327 0.4949 0.3516 -0.0765 -0.0237 -0.0318 7   CYS A CA  
89  C C   . CYS A 7  ? 0.4193 0.4820 0.3210 -0.0772 -0.0232 -0.0414 7   CYS A C   
90  O O   . CYS A 7  ? 0.4452 0.5097 0.3378 -0.0838 -0.0216 -0.0354 7   CYS A O   
91  C CB  . CYS A 7  ? 0.4660 0.5534 0.3917 -0.0764 -0.0169 -0.0356 7   CYS A CB  
92  S SG  . CYS A 7  ? 0.4652 0.5815 0.3843 -0.0878 -0.0056 -0.0352 7   CYS A SG  
97  N N   . THR A 8  ? 0.3897 0.4487 0.2847 -0.0701 -0.0253 -0.0574 8   THR A N   
98  C CA  . THR A 8  ? 0.4553 0.5128 0.3320 -0.0688 -0.0245 -0.0691 8   THR A CA  
99  C C   . THR A 8  ? 0.4830 0.5199 0.3544 -0.0718 -0.0339 -0.0641 8   THR A C   
100 O O   . THR A 8  ? 0.5867 0.6272 0.4443 -0.0757 -0.0333 -0.0632 8   THR A O   
101 C CB  . THR A 8  ? 0.4749 0.5282 0.3461 -0.0577 -0.0246 -0.0906 8   THR A CB  
102 O OG1 . THR A 8  ? 0.6827 0.7549 0.5678 -0.0511 -0.0197 -0.0951 8   THR A OG1 
103 C CG2 . THR A 8  ? 0.5550 0.6191 0.4085 -0.0544 -0.0175 -0.1044 8   THR A CG2 
111 N N   . SER A 9  ? 0.4407 0.4602 0.3239 -0.0706 -0.0424 -0.0612 9   SER A N   
112 C CA  . SER A 9  ? 0.3722 0.3808 0.2572 -0.0734 -0.0504 -0.0577 9   SER A CA  
113 C C   . SER A 9  ? 0.4050 0.4171 0.3060 -0.0762 -0.0499 -0.0407 9   SER A C   
114 O O   . SER A 9  ? 0.4990 0.5189 0.4070 -0.0763 -0.0440 -0.0322 9   SER A O   
115 C CB  . SER A 9  ? 0.4916 0.4812 0.3795 -0.0719 -0.0586 -0.0691 9   SER A CB  
116 O OG  . SER A 9  ? 0.5866 0.5680 0.4567 -0.0668 -0.0592 -0.0881 9   SER A OG  
122 N N   . ILE A 10 ? 0.3722 0.3795 0.2788 -0.0780 -0.0562 -0.0377 10  ILE A N   
123 C CA  . ILE A 10 ? 0.2729 0.2835 0.1938 -0.0786 -0.0562 -0.0257 10  ILE A CA  
124 C C   . ILE A 10 ? 0.2625 0.2668 0.1973 -0.0791 -0.0584 -0.0266 10  ILE A C   
125 O O   . ILE A 10 ? 0.3385 0.3351 0.2724 -0.0823 -0.0641 -0.0344 10  ILE A O   
126 C CB  . ILE A 10 ? 0.3800 0.3943 0.2973 -0.0808 -0.0623 -0.0226 10  ILE A CB  
127 C CG1 . ILE A 10 ? 0.4847 0.5023 0.3822 -0.0830 -0.0622 -0.0227 10  ILE A CG1 
128 C CG2 . ILE A 10 ? 0.3655 0.3845 0.2956 -0.0795 -0.0622 -0.0123 10  ILE A CG2 
129 C CD1 . ILE A 10 ? 0.4630 0.4840 0.3589 -0.0846 -0.0570 -0.0120 10  ILE A CD1 
142 N N   . CYS A 11 ? 0.3085 0.3155 0.2542 -0.0773 -0.0539 -0.0186 11  CYS A N   
143 C CA  A CYS A 11 ? 0.2840 0.2858 0.2398 -0.0800 -0.0554 -0.0170 11  CYS A CA  
144 C CA  B CYS A 11 ? 0.3162 0.3188 0.2727 -0.0794 -0.0545 -0.0159 11  CYS A CA  
145 C C   . CYS A 11 ? 0.3087 0.3201 0.2756 -0.0806 -0.0551 -0.0096 11  CYS A C   
146 O O   . CYS A 11 ? 0.3237 0.3433 0.2911 -0.0775 -0.0537 -0.0052 11  CYS A O   
147 C CB  A CYS A 11 ? 0.3502 0.3475 0.3076 -0.0787 -0.0524 -0.0151 11  CYS A CB  
148 C CB  B CYS A 11 ? 0.2530 0.2567 0.2127 -0.0766 -0.0495 -0.0111 11  CYS A CB  
149 S SG  A CYS A 11 ? 0.2753 0.2852 0.2371 -0.0734 -0.0449 -0.0065 11  CYS A SG  
150 S SG  B CYS A 11 ? 0.3025 0.2978 0.2541 -0.0758 -0.0511 -0.0197 11  CYS A SG  
159 N N   . SER A 12 ? 0.2800 0.2895 0.2544 -0.0862 -0.0575 -0.0091 12  SER A N   
160 C CA  . SER A 12 ? 0.2957 0.3175 0.2814 -0.0889 -0.0581 -0.0045 12  SER A CA  
161 C C   . SER A 12 ? 0.2502 0.2773 0.2410 -0.0872 -0.0523 0.0024  12  SER A C   
162 O O   . SER A 12 ? 0.2468 0.2663 0.2327 -0.0859 -0.0492 0.0044  12  SER A O   
163 C CB  . SER A 12 ? 0.3041 0.3235 0.2958 -0.0984 -0.0630 -0.0077 12  SER A CB  
164 O OG  . SER A 12 ? 0.2890 0.2949 0.2785 -0.1041 -0.0618 -0.0050 12  SER A OG  
170 N N   A LEU A 13 ? 0.2479 0.2905 0.2487 -0.0881 -0.0519 0.0054  13  LEU A N   
171 N N   B LEU A 13 ? 0.2423 0.2846 0.2431 -0.0885 -0.0521 0.0052  13  LEU A N   
172 C CA  A LEU A 13 ? 0.2585 0.3087 0.2637 -0.0880 -0.0467 0.0102  13  LEU A CA  
173 C CA  B LEU A 13 ? 0.2613 0.3128 0.2675 -0.0882 -0.0470 0.0100  13  LEU A CA  
174 C C   A LEU A 13 ? 0.2038 0.2453 0.2060 -0.0959 -0.0461 0.0141  13  LEU A C   
175 C C   B LEU A 13 ? 0.2675 0.3120 0.2715 -0.0963 -0.0459 0.0142  13  LEU A C   
176 O O   A LEU A 13 ? 0.2340 0.2727 0.2305 -0.0953 -0.0431 0.0189  13  LEU A O   
177 O O   B LEU A 13 ? 0.2169 0.2628 0.2173 -0.0961 -0.0422 0.0194  13  LEU A O   
178 C CB  A LEU A 13 ? 0.2412 0.3127 0.2610 -0.0891 -0.0470 0.0099  13  LEU A CB  
179 C CB  B LEU A 13 ? 0.2719 0.3443 0.2925 -0.0885 -0.0481 0.0090  13  LEU A CB  
180 C CG  A LEU A 13 ? 0.2161 0.2956 0.2407 -0.0806 -0.0494 0.0067  13  LEU A CG  
181 C CG  B LEU A 13 ? 0.2141 0.3018 0.2426 -0.0878 -0.0428 0.0113  13  LEU A CG  
182 C CD1 A LEU A 13 ? 0.2369 0.3401 0.2807 -0.0806 -0.0512 0.0041  13  LEU A CD1 
183 C CD1 B LEU A 13 ? 0.2295 0.3109 0.2495 -0.0803 -0.0388 0.0120  13  LEU A CD1 
184 C CD2 A LEU A 13 ? 0.2561 0.3282 0.2723 -0.0739 -0.0449 0.0081  13  LEU A CD2 
185 C CD2 B LEU A 13 ? 0.2201 0.3321 0.2671 -0.0867 -0.0453 0.0076  13  LEU A CD2 
208 N N   . GLU A 14 ? 0.2441 0.2809 0.2493 -0.1055 -0.0504 0.0129  14  GLU A N   
209 C CA  . GLU A 14 ? 0.2890 0.3139 0.2904 -0.1164 -0.0513 0.0188  14  GLU A CA  
210 C C   . GLU A 14 ? 0.2912 0.2939 0.2800 -0.1137 -0.0532 0.0197  14  GLU A C   
211 O O   . GLU A 14 ? 0.2863 0.2809 0.2695 -0.1181 -0.0534 0.0277  14  GLU A O   
212 C CB  . GLU A 14 ? 0.2646 0.2843 0.2713 -0.1283 -0.0564 0.0160  14  GLU A CB  
213 C CG  . GLU A 14 ? 0.3007 0.3460 0.3223 -0.1343 -0.0547 0.0171  14  GLU A CG  
214 C CD  . GLU A 14 ? 0.2797 0.3410 0.3112 -0.1278 -0.0578 0.0093  14  GLU A CD  
215 O OE1 . GLU A 14 ? 0.3056 0.3582 0.3298 -0.1184 -0.0602 0.0041  14  GLU A OE1 
216 O OE2 . GLU A 14 ? 0.3409 0.4252 0.3881 -0.1332 -0.0585 0.0086  14  GLU A OE2 
223 N N   . GLN A 15 ? 0.2878 0.2823 0.2718 -0.1068 -0.0551 0.0118  15  GLN A N   
224 C CA  . GLN A 15 ? 0.2812 0.2578 0.2556 -0.1038 -0.0575 0.0104  15  GLN A CA  
225 C C   . GLN A 15 ? 0.3208 0.3074 0.2939 -0.0979 -0.0533 0.0163  15  GLN A C   
226 O O   . GLN A 15 ? 0.3535 0.3273 0.3209 -0.1000 -0.0571 0.0206  15  GLN A O   
227 C CB  . GLN A 15 ? 0.3256 0.2980 0.2953 -0.0981 -0.0592 -0.0009 15  GLN A CB  
228 C CG  . GLN A 15 ? 0.3413 0.2967 0.3078 -0.1045 -0.0654 -0.0096 15  GLN A CG  
229 C CD  . GLN A 15 ? 0.3207 0.2775 0.2802 -0.0984 -0.0665 -0.0217 15  GLN A CD  
230 O OE1 . GLN A 15 ? 0.3890 0.3632 0.3511 -0.0951 -0.0648 -0.0222 15  GLN A OE1 
231 N NE2 . GLN A 15 ? 0.4648 0.4023 0.4136 -0.0964 -0.0700 -0.0317 15  GLN A NE2 
240 N N   . LEU A 16 ? 0.2328 0.2394 0.2107 -0.0910 -0.0472 0.0164  16  LEU A N   
241 C CA  . LEU A 16 ? 0.2381 0.2550 0.2152 -0.0862 -0.0428 0.0205  16  LEU A CA  
242 C C   . LEU A 16 ? 0.2533 0.2751 0.2297 -0.0934 -0.0428 0.0295  16  LEU A C   
243 O O   . LEU A 16 ? 0.2648 0.2884 0.2365 -0.0939 -0.0434 0.0348  16  LEU A O   
244 C CB  . LEU A 16 ? 0.2611 0.2911 0.2427 -0.0786 -0.0376 0.0173  16  LEU A CB  
245 C CG  . LEU A 16 ? 0.2283 0.2549 0.2076 -0.0730 -0.0375 0.0114  16  LEU A CG  
246 C CD1 . LEU A 16 ? 0.2859 0.3205 0.2683 -0.0701 -0.0361 0.0114  16  LEU A CD1 
247 C CD2 . LEU A 16 ? 0.3460 0.3718 0.3209 -0.0698 -0.0354 0.0104  16  LEU A CD2 
259 N N   . GLU A 17 ? 0.2487 0.2770 0.2303 -0.0999 -0.0424 0.0315  17  GLU A N   
260 C CA  . GLU A 17 ? 0.2717 0.3086 0.2522 -0.1086 -0.0414 0.0401  17  GLU A CA  
261 C C   . GLU A 17 ? 0.2425 0.2599 0.2140 -0.1170 -0.0474 0.0491  17  GLU A C   
262 O O   . GLU A 17 ? 0.3161 0.3398 0.2832 -0.1233 -0.0470 0.0585  17  GLU A O   
263 C CB  . GLU A 17 ? 0.3386 0.3876 0.3289 -0.1158 -0.0397 0.0393  17  GLU A CB  
264 C CG  . GLU A 17 ? 0.3797 0.4543 0.3788 -0.1104 -0.0340 0.0354  17  GLU A CG  
265 C CD  . GLU A 17 ? 0.4714 0.5591 0.4850 -0.1126 -0.0343 0.0305  17  GLU A CD  
266 O OE1 . GLU A 17 ? 0.5552 0.6339 0.5713 -0.1205 -0.0382 0.0305  17  GLU A OE1 
267 O OE2 . GLU A 17 ? 0.5173 0.6247 0.5408 -0.1070 -0.0315 0.0259  17  GLU A OE2 
274 N N   . ASN A 18 ? 0.3306 0.3221 0.2987 -0.1179 -0.0537 0.0468  18  ASN A N   
275 C CA  . ASN A 18 ? 0.3499 0.3138 0.3091 -0.1246 -0.0612 0.0562  18  ASN A CA  
276 C C   . ASN A 18 ? 0.3599 0.3250 0.3135 -0.1205 -0.0637 0.0632  18  ASN A C   
277 O O   . ASN A 18 ? 0.3576 0.2995 0.3025 -0.1239 -0.0698 0.0755  18  ASN A O   
278 C CB  . ASN A 18 ? 0.3385 0.2683 0.2939 -0.1243 -0.0685 0.0494  18  ASN A CB  
279 C CG  . ASN A 18 ? 0.4146 0.3360 0.3731 -0.1331 -0.0687 0.0464  18  ASN A CG  
280 O OD1 . ASN A 18 ? 0.4844 0.4046 0.4426 -0.1440 -0.0677 0.0557  18  ASN A OD1 
281 N ND2 . ASN A 18 ? 0.5421 0.4590 0.5032 -0.1297 -0.0698 0.0331  18  ASN A ND2 
288 N N   . TYR A 19 ? 0.3123 0.3017 0.2704 -0.1119 -0.0593 0.0565  19  TYR A N   
289 C CA  . TYR A 19 ? 0.2862 0.2843 0.2424 -0.1096 -0.0621 0.0614  19  TYR A CA  
290 C C   . TYR A 19 ? 0.2883 0.3149 0.2426 -0.1108 -0.0560 0.0669  19  TYR A C   
291 O O   . TYR A 19 ? 0.3274 0.3670 0.2790 -0.1064 -0.0569 0.0699  19  TYR A O   
292 C CB  . TYR A 19 ? 0.3061 0.3138 0.2677 -0.0976 -0.0611 0.0469  19  TYR A CB  
293 C CG  . TYR A 19 ? 0.2720 0.2529 0.2305 -0.0888 -0.0671 0.0407  19  TYR A CG  
294 C CD1 . TYR A 19 ? 0.3480 0.3098 0.3057 -0.0946 -0.0696 0.0331  19  TYR A CD1 
295 C CD2 . TYR A 19 ? 0.3523 0.3269 0.3082 -0.0732 -0.0708 0.0416  19  TYR A CD2 
296 C CE1 . TYR A 19 ? 0.3644 0.2998 0.3173 -0.0845 -0.0743 0.0248  19  TYR A CE1 
297 C CE2 . TYR A 19 ? 0.4255 0.3760 0.3796 -0.0611 -0.0756 0.0338  19  TYR A CE2 
298 C CZ  . TYR A 19 ? 0.4070 0.3361 0.3585 -0.0668 -0.0768 0.0248  19  TYR A CZ  
299 O OH  . TYR A 19 ? 0.5703 0.4742 0.5185 -0.0530 -0.0813 0.0140  19  TYR A OH  
309 N N   . CYS A 20 ? 0.2932 0.3320 0.2488 -0.1134 -0.0499 0.0653  20  CYS A N   
310 C CA  . CYS A 20 ? 0.3372 0.4024 0.2909 -0.1151 -0.0451 0.0672  20  CYS A CA  
311 C C   . CYS A 20 ? 0.3822 0.4418 0.3290 -0.1231 -0.0481 0.0814  20  CYS A C   
312 O O   . CYS A 20 ? 0.3873 0.4208 0.3296 -0.1288 -0.0521 0.0899  20  CYS A O   
313 C CB  . CYS A 20 ? 0.3017 0.3821 0.2612 -0.1158 -0.0377 0.0611  20  CYS A CB  
314 S SG  . CYS A 20 ? 0.2774 0.3573 0.2471 -0.1046 -0.0324 0.0473  20  CYS A SG  
319 N N   . ASN A 21 ? 0.3531 0.4337 0.2970 -0.1218 -0.0454 0.0832  21  ASN A N   
320 C CA  . ASN A 21 ? 0.3362 0.4130 0.2689 -0.1253 -0.0457 0.0965  21  ASN A CA  
321 C C   . ASN A 21 ? 0.4185 0.5004 0.3496 -0.1375 -0.0410 0.1011  21  ASN A C   
322 O O   . ASN A 21 ? 0.3998 0.4951 0.3398 -0.1407 -0.0364 0.0924  21  ASN A O   
323 C CB  . ASN A 21 ? 0.3379 0.4400 0.2674 -0.1199 -0.0420 0.0940  21  ASN A CB  
324 C CG  . ASN A 21 ? 0.4186 0.5182 0.3485 -0.1063 -0.0457 0.0897  21  ASN A CG  
325 O OD1 . ASN A 21 ? 0.4592 0.5357 0.3858 -0.0991 -0.0533 0.0948  21  ASN A OD1 
326 N ND2 . ASN A 21 ? 0.4315 0.5557 0.3651 -0.1016 -0.0407 0.0794  21  ASN A ND2 
327 O OXT . ASN A 21 ? 0.5260 0.5999 0.4458 -0.1439 -0.0411 0.1142  21  ASN A OXT 
334 N N   . PHE B 1  ? 0.4086 0.4916 0.4183 -0.0745 -0.0891 -0.0066 1   PHE B N   
335 C CA  . PHE B 1  ? 0.4101 0.4954 0.4259 -0.0676 -0.0850 -0.0034 1   PHE B CA  
336 C C   . PHE B 1  ? 0.4579 0.5241 0.4558 -0.0662 -0.0788 0.0014  1   PHE B C   
337 O O   . PHE B 1  ? 0.4551 0.5182 0.4477 -0.0622 -0.0823 0.0053  1   PHE B O   
338 C CB  . PHE B 1  ? 0.3509 0.4443 0.3816 -0.0703 -0.0778 -0.0040 1   PHE B CB  
339 C CG  . PHE B 1  ? 0.3607 0.4624 0.4006 -0.0638 -0.0760 -0.0033 1   PHE B CG  
340 C CD1 . PHE B 1  ? 0.4106 0.5329 0.4669 -0.0573 -0.0855 -0.0063 1   PHE B CD1 
341 C CD2 . PHE B 1  ? 0.5226 0.6139 0.5560 -0.0634 -0.0667 -0.0006 1   PHE B CD2 
342 C CE1 . PHE B 1  ? 0.3692 0.5006 0.4358 -0.0505 -0.0858 -0.0074 1   PHE B CE1 
343 C CE2 . PHE B 1  ? 0.5909 0.6906 0.6324 -0.0583 -0.0661 -0.0016 1   PHE B CE2 
344 C CZ  . PHE B 1  ? 0.4775 0.5969 0.5358 -0.0520 -0.0757 -0.0053 1   PHE B CZ  
356 N N   . VAL B 2  ? 0.4446 0.4987 0.4330 -0.0709 -0.0713 0.0016  2   VAL B N   
357 C CA  . VAL B 2  ? 0.3780 0.4186 0.3515 -0.0704 -0.0657 0.0045  2   VAL B CA  
358 C C   . VAL B 2  ? 0.3855 0.4215 0.3436 -0.0725 -0.0712 0.0040  2   VAL B C   
359 O O   . VAL B 2  ? 0.3979 0.4355 0.3531 -0.0754 -0.0753 -0.0011 2   VAL B O   
360 C CB  . VAL B 2  ? 0.3313 0.3653 0.3026 -0.0727 -0.0576 0.0034  2   VAL B CB  
361 C CG1 . VAL B 2  ? 0.3539 0.3806 0.3140 -0.0718 -0.0515 0.0051  2   VAL B CG1 
362 C CG2 . VAL B 2  ? 0.3407 0.3804 0.3240 -0.0720 -0.0535 0.0051  2   VAL B CG2 
372 N N   . ASN B 3  ? 0.4250 0.4557 0.3719 -0.0728 -0.0729 0.0099  3   ASN B N   
373 C CA  . ASN B 3  ? 0.5506 0.5773 0.4789 -0.0767 -0.0780 0.0115  3   ASN B CA  
374 C C   . ASN B 3  ? 0.4359 0.4543 0.3490 -0.0820 -0.0708 0.0153  3   ASN B C   
375 O O   . ASN B 3  ? 0.5750 0.5900 0.4696 -0.0870 -0.0740 0.0187  3   ASN B O   
376 C CB  . ASN B 3  ? 0.7353 0.7644 0.6607 -0.0742 -0.0907 0.0171  3   ASN B CB  
377 C CG  . ASN B 3  ? 0.7744 0.8028 0.7108 -0.0692 -0.0936 0.0220  3   ASN B CG  
378 O OD1 . ASN B 3  ? 0.6490 0.6680 0.5832 -0.0713 -0.0874 0.0255  3   ASN B OD1 
379 N ND2 . ASN B 3  ? 0.8564 0.8972 0.8058 -0.0623 -0.1041 0.0210  3   ASN B ND2 
386 N N   . GLN B 4  ? 0.4799 0.4974 0.3997 -0.0817 -0.0614 0.0146  4   GLN B N   
387 C CA  . GLN B 4  ? 0.5025 0.5176 0.4117 -0.0880 -0.0543 0.0172  4   GLN B CA  
388 C C   . GLN B 4  ? 0.4257 0.4465 0.3398 -0.0861 -0.0460 0.0095  4   GLN B C   
389 O O   . GLN B 4  ? 0.3661 0.3875 0.2932 -0.0802 -0.0451 0.0057  4   GLN B O   
390 C CB  . GLN B 4  ? 0.6168 0.6265 0.5289 -0.0902 -0.0534 0.0244  4   GLN B CB  
391 C CG  . GLN B 4  ? 0.9294 0.9276 0.8302 -0.0948 -0.0637 0.0336  4   GLN B CG  
392 C CD  . GLN B 4  ? 1.1760 1.1669 1.0861 -0.0908 -0.0690 0.0368  4   GLN B CD  
393 O OE1 . GLN B 4  ? 1.2773 1.2530 1.1773 -0.0940 -0.0795 0.0446  4   GLN B OE1 
394 N NE2 . GLN B 4  ? 1.1850 1.1849 1.1125 -0.0832 -0.0633 0.0304  4   GLN B NE2 
403 N N   . HIS B 5  ? 0.4140 0.4397 0.3167 -0.0920 -0.0406 0.0075  5   HIS B N   
404 C CA  . HIS B 5  ? 0.3125 0.3460 0.2207 -0.0899 -0.0336 0.0009  5   HIS B CA  
405 C C   . HIS B 5  ? 0.3196 0.3549 0.2386 -0.0896 -0.0293 0.0060  5   HIS B C   
406 O O   . HIS B 5  ? 0.3682 0.4003 0.2839 -0.0953 -0.0295 0.0138  5   HIS B O   
407 C CB  . HIS B 5  ? 0.3502 0.3955 0.2449 -0.0962 -0.0284 -0.0044 5   HIS B CB  
408 C CG  . HIS B 5  ? 0.3583 0.4017 0.2381 -0.0957 -0.0323 -0.0108 5   HIS B CG  
409 N ND1 . HIS B 5  ? 0.4282 0.4686 0.3070 -0.0889 -0.0350 -0.0232 5   HIS B ND1 
410 C CD2 . HIS B 5  ? 0.5179 0.5604 0.3809 -0.1015 -0.0354 -0.0070 5   HIS B CD2 
411 C CE1 . HIS B 5  ? 0.4903 0.5295 0.3528 -0.0901 -0.0387 -0.0280 5   HIS B CE1 
412 N NE2 . HIS B 5  ? 0.5291 0.5710 0.3817 -0.0974 -0.0388 -0.0178 5   HIS B NE2 
420 N N   . LEU B 6  ? 0.2914 0.3303 0.2210 -0.0833 -0.0269 0.0012  6   LEU B N   
421 C CA  . LEU B 6  ? 0.2945 0.3358 0.2338 -0.0805 -0.0238 0.0045  6   LEU B CA  
422 C C   . LEU B 6  ? 0.3135 0.3698 0.2544 -0.0819 -0.0189 -0.0011 6   LEU B C   
423 O O   . LEU B 6  ? 0.2709 0.3295 0.2172 -0.0763 -0.0209 -0.0073 6   LEU B O   
424 C CB  . LEU B 6  ? 0.2624 0.2970 0.2124 -0.0727 -0.0270 0.0047  6   LEU B CB  
425 C CG  . LEU B 6  ? 0.2980 0.3260 0.2503 -0.0711 -0.0313 0.0082  6   LEU B CG  
426 C CD1 . LEU B 6  ? 0.3051 0.3328 0.2666 -0.0676 -0.0328 0.0074  6   LEU B CD1 
427 C CD2 . LEU B 6  ? 0.2837 0.3100 0.2357 -0.0721 -0.0316 0.0131  6   LEU B CD2 
439 N N   . CYS B 7  ? 0.2835 0.3519 0.2195 -0.0907 -0.0136 0.0009  7   CYS B N   
440 C CA  . CYS B 7  ? 0.2581 0.3509 0.1973 -0.0937 -0.0079 -0.0059 7   CYS B CA  
441 C C   . CYS B 7  ? 0.2360 0.3361 0.1807 -0.0945 -0.0050 -0.0027 7   CYS B C   
442 O O   . CYS B 7  ? 0.2809 0.3673 0.2204 -0.0967 -0.0062 0.0045  7   CYS B O   
443 C CB  . CYS B 7  ? 0.3263 0.4364 0.2558 -0.1061 -0.0027 -0.0084 7   CYS B CB  
444 S SG  . CYS B 7  ? 0.3543 0.4535 0.2708 -0.1019 -0.0068 -0.0146 7   CYS B SG  
449 N N   . GLY B 8  ? 0.2602 0.3823 0.2147 -0.0908 -0.0031 -0.0098 8   GLY B N   
450 C CA  . GLY B 8  ? 0.3018 0.4334 0.2609 -0.0908 -0.0015 -0.0086 8   GLY B CA  
451 C C   . GLY B 8  ? 0.2254 0.3329 0.1865 -0.0844 -0.0061 -0.0026 8   GLY B C   
452 O O   . GLY B 8  ? 0.2271 0.3226 0.1934 -0.0765 -0.0103 -0.0018 8   GLY B O   
456 N N   . SER B 9  ? 0.2771 0.3794 0.2334 -0.0887 -0.0057 0.0005  9   SER B N   
457 C CA  . SER B 9  ? 0.2414 0.3282 0.2012 -0.0833 -0.0091 0.0027  9   SER B CA  
458 C C   . SER B 9  ? 0.2190 0.2863 0.1767 -0.0791 -0.0123 0.0062  9   SER B C   
459 O O   . SER B 9  ? 0.2337 0.2950 0.1961 -0.0740 -0.0144 0.0064  9   SER B O   
460 C CB  . SER B 9  ? 0.2640 0.3483 0.2191 -0.0906 -0.0094 0.0028  9   SER B CB  
461 O OG  . SER B 9  ? 0.2649 0.3388 0.2071 -0.0999 -0.0103 0.0067  9   SER B OG  
467 N N   . HIS B 10 ? 0.2188 0.2800 0.1686 -0.0834 -0.0129 0.0090  10  HIS B N   
468 C CA  . HIS B 10 ? 0.2565 0.3030 0.2062 -0.0797 -0.0172 0.0117  10  HIS B CA  
469 C C   . HIS B 10 ? 0.2013 0.2476 0.1602 -0.0713 -0.0183 0.0096  10  HIS B C   
470 O O   . HIS B 10 ? 0.2615 0.3024 0.2238 -0.0682 -0.0210 0.0107  10  HIS B O   
471 C CB  . HIS B 10 ? 0.2863 0.3279 0.2247 -0.0872 -0.0186 0.0154  10  HIS B CB  
472 C CG  . HIS B 10 ? 0.2889 0.3218 0.2137 -0.0977 -0.0213 0.0211  10  HIS B CG  
473 N ND1 . HIS B 10 ? 0.3674 0.3961 0.2775 -0.1088 -0.0231 0.0266  10  HIS B ND1 
474 C CD2 . HIS B 10 ? 0.3182 0.3433 0.2415 -0.0997 -0.0243 0.0218  10  HIS B CD2 
475 C CE1 . HIS B 10 ? 0.3380 0.3545 0.2363 -0.1167 -0.0285 0.0311  10  HIS B CE1 
476 N NE2 . HIS B 10 ? 0.3323 0.3459 0.2370 -0.1126 -0.0291 0.0286  10  HIS B NE2 
484 N N   . LEU B 11 ? 0.2148 0.2694 0.1766 -0.0701 -0.0172 0.0064  11  LEU B N   
485 C CA  . LEU B 11 ? 0.1974 0.2488 0.1648 -0.0652 -0.0202 0.0056  11  LEU B CA  
486 C C   . LEU B 11 ? 0.1961 0.2497 0.1683 -0.0623 -0.0200 0.0072  11  LEU B C   
487 O O   . LEU B 11 ? 0.2309 0.2806 0.2049 -0.0612 -0.0219 0.0095  11  LEU B O   
488 C CB  . LEU B 11 ? 0.2523 0.3107 0.2210 -0.0653 -0.0223 0.0005  11  LEU B CB  
489 C CG  . LEU B 11 ? 0.2937 0.3446 0.2648 -0.0634 -0.0285 0.0000  11  LEU B CG  
490 C CD1 . LEU B 11 ? 0.2561 0.2939 0.2256 -0.0646 -0.0305 0.0025  11  LEU B CD1 
491 C CD2 . LEU B 11 ? 0.3517 0.4075 0.3204 -0.0630 -0.0334 -0.0083 11  LEU B CD2 
503 N N   . VAL B 12 ? 0.2052 0.2678 0.1786 -0.0629 -0.0179 0.0063  12  VAL B N   
504 C CA  . VAL B 12 ? 0.2208 0.2878 0.1967 -0.0617 -0.0180 0.0073  12  VAL B CA  
505 C C   . VAL B 12 ? 0.1886 0.2502 0.1622 -0.0628 -0.0175 0.0080  12  VAL B C   
506 O O   . VAL B 12 ? 0.2044 0.2684 0.1797 -0.0620 -0.0179 0.0088  12  VAL B O   
507 C CB  . VAL B 12 ? 0.2118 0.2916 0.1897 -0.0626 -0.0168 0.0047  12  VAL B CB  
508 C CG1 . VAL B 12 ? 0.2358 0.3210 0.2145 -0.0623 -0.0173 0.0050  12  VAL B CG1 
509 C CG2 . VAL B 12 ? 0.2300 0.3227 0.2125 -0.0613 -0.0190 0.0029  12  VAL B CG2 
519 N N   . GLU B 13 ? 0.2017 0.2568 0.1723 -0.0650 -0.0178 0.0072  13  GLU B N   
520 C CA  . GLU B 13 ? 0.2217 0.2716 0.1946 -0.0644 -0.0204 0.0055  13  GLU B CA  
521 C C   . GLU B 13 ? 0.2001 0.2495 0.1771 -0.0616 -0.0223 0.0068  13  GLU B C   
522 O O   . GLU B 13 ? 0.2551 0.3096 0.2379 -0.0600 -0.0233 0.0042  13  GLU B O   
523 C CB  . GLU B 13 ? 0.2599 0.2998 0.2292 -0.0676 -0.0233 0.0053  13  GLU B CB  
524 C CG  . GLU B 13 ? 0.2923 0.3319 0.2584 -0.0730 -0.0225 0.0031  13  GLU B CG  
525 C CD  . GLU B 13 ? 0.4715 0.4975 0.4296 -0.0804 -0.0267 0.0054  13  GLU B CD  
526 O OE1 . GLU B 13 ? 0.6820 0.6968 0.6409 -0.0819 -0.0327 0.0027  13  GLU B OE1 
527 O OE2 . GLU B 13 ? 0.5187 0.5446 0.4674 -0.0865 -0.0250 0.0101  13  GLU B OE2 
534 N N   . ALA B 14 ? 0.2281 0.2733 0.2027 -0.0621 -0.0230 0.0096  14  ALA B N   
535 C CA  . ALA B 14 ? 0.2371 0.2824 0.2156 -0.0613 -0.0254 0.0106  14  ALA B CA  
536 C C   . ALA B 14 ? 0.2263 0.2785 0.2074 -0.0618 -0.0240 0.0118  14  ALA B C   
537 O O   . ALA B 14 ? 0.2203 0.2789 0.2074 -0.0624 -0.0250 0.0116  14  ALA B O   
538 C CB  . ALA B 14 ? 0.2241 0.2634 0.1985 -0.0628 -0.0269 0.0116  14  ALA B CB  
544 N N   . LEU B 15 ? 0.2206 0.2734 0.1986 -0.0622 -0.0225 0.0134  15  LEU B N   
545 C CA  . LEU B 15 ? 0.1735 0.2321 0.1509 -0.0655 -0.0230 0.0174  15  LEU B CA  
546 C C   . LEU B 15 ? 0.2182 0.2889 0.1957 -0.0667 -0.0204 0.0167  15  LEU B C   
547 O O   . LEU B 15 ? 0.2296 0.3102 0.2061 -0.0717 -0.0203 0.0201  15  LEU B O   
548 C CB  . LEU B 15 ? 0.1901 0.2482 0.1648 -0.0670 -0.0251 0.0200  15  LEU B CB  
549 C CG  . LEU B 15 ? 0.2236 0.2722 0.1982 -0.0679 -0.0297 0.0194  15  LEU B CG  
550 C CD1 . LEU B 15 ? 0.2535 0.3067 0.2287 -0.0671 -0.0336 0.0190  15  LEU B CD1 
551 C CD2 . LEU B 15 ? 0.2820 0.3228 0.2550 -0.0743 -0.0343 0.0241  15  LEU B CD2 
563 N N   . TYR B 16 ? 0.2275 0.3000 0.2055 -0.0639 -0.0187 0.0119  16  TYR B N   
564 C CA  . TYR B 16 ? 0.2386 0.3233 0.2171 -0.0653 -0.0169 0.0081  16  TYR B CA  
565 C C   . TYR B 16 ? 0.2040 0.2959 0.1890 -0.0655 -0.0176 0.0049  16  TYR B C   
566 O O   . TYR B 16 ? 0.2507 0.3609 0.2357 -0.0695 -0.0152 0.0043  16  TYR B O   
567 C CB  . TYR B 16 ? 0.1939 0.2749 0.1727 -0.0633 -0.0171 0.0021  16  TYR B CB  
568 C CG  . TYR B 16 ? 0.2845 0.3768 0.2637 -0.0650 -0.0166 -0.0049 16  TYR B CG  
569 C CD1 . TYR B 16 ? 0.3096 0.4155 0.2843 -0.0678 -0.0144 -0.0051 16  TYR B CD1 
570 C CD2 . TYR B 16 ? 0.2849 0.3755 0.2688 -0.0639 -0.0198 -0.0126 16  TYR B CD2 
571 C CE1 . TYR B 16 ? 0.3705 0.4890 0.3439 -0.0694 -0.0137 -0.0141 16  TYR B CE1 
572 C CE2 . TYR B 16 ? 0.4234 0.5251 0.4068 -0.0650 -0.0200 -0.0226 16  TYR B CE2 
573 C CZ  . TYR B 16 ? 0.4510 0.5667 0.4282 -0.0676 -0.0162 -0.0239 16  TYR B CZ  
574 O OH  . TYR B 16 ? 0.5624 0.6904 0.5372 -0.0682 -0.0160 -0.0365 16  TYR B OH  
584 N N   A LEU B 17 ? 0.1896 0.2713 0.1805 -0.0623 -0.0211 0.0030  17  LEU B N   
585 N N   B LEU B 17 ? 0.2231 0.3053 0.2142 -0.0622 -0.0211 0.0026  17  LEU B N   
586 C CA  A LEU B 17 ? 0.2395 0.3317 0.2413 -0.0617 -0.0240 -0.0011 17  LEU B CA  
587 C CA  B LEU B 17 ? 0.2506 0.3437 0.2523 -0.0618 -0.0238 -0.0011 17  LEU B CA  
588 C C   A LEU B 17 ? 0.2602 0.3626 0.2656 -0.0653 -0.0227 0.0035  17  LEU B C   
589 C C   B LEU B 17 ? 0.2639 0.3669 0.2676 -0.0661 -0.0219 0.0041  17  LEU B C   
590 O O   A LEU B 17 ? 0.2081 0.3323 0.2215 -0.0675 -0.0211 0.0008  17  LEU B O   
591 O O   B LEU B 17 ? 0.3170 0.4422 0.3252 -0.0696 -0.0190 0.0027  17  LEU B O   
592 C CB  A LEU B 17 ? 0.3227 0.4023 0.3287 -0.0582 -0.0307 -0.0032 17  LEU B CB  
593 C CB  B LEU B 17 ? 0.2950 0.3761 0.3016 -0.0583 -0.0303 -0.0028 17  LEU B CB  
594 C CG  A LEU B 17 ? 0.2963 0.3890 0.3162 -0.0561 -0.0372 -0.0077 17  LEU B CG  
595 C CG  B LEU B 17 ? 0.2626 0.3353 0.2670 -0.0572 -0.0345 -0.0082 17  LEU B CG  
596 C CD1 A LEU B 17 ? 0.2680 0.3787 0.2951 -0.0546 -0.0389 -0.0172 17  LEU B CD1 
597 C CD1 B LEU B 17 ? 0.3569 0.4155 0.3599 -0.0565 -0.0417 -0.0068 17  LEU B CD1 
598 C CD2 A LEU B 17 ? 0.4017 0.4808 0.4214 -0.0537 -0.0458 -0.0069 17  LEU B CD2 
599 C CD2 B LEU B 17 ? 0.3338 0.4234 0.3453 -0.0568 -0.0369 -0.0179 17  LEU B CD2 
622 N N   . VAL B 18 ? 0.2364 0.3255 0.2364 -0.0669 -0.0234 0.0094  18  VAL B N   
623 C CA  . VAL B 18 ? 0.2136 0.3084 0.2165 -0.0725 -0.0239 0.0136  18  VAL B CA  
624 C C   . VAL B 18 ? 0.2326 0.3420 0.2303 -0.0801 -0.0205 0.0184  18  VAL B C   
625 O O   . VAL B 18 ? 0.2771 0.4032 0.2813 -0.0860 -0.0192 0.0197  18  VAL B O   
626 C CB  . VAL B 18 ? 0.2538 0.3303 0.2512 -0.0733 -0.0268 0.0168  18  VAL B CB  
627 C CG1 . VAL B 18 ? 0.3042 0.3825 0.3017 -0.0817 -0.0283 0.0218  18  VAL B CG1 
628 C CG2 . VAL B 18 ? 0.3298 0.3991 0.3317 -0.0686 -0.0304 0.0127  18  VAL B CG2 
639 N N   . CYS B 19 ? 0.2461 0.3523 0.2322 -0.0811 -0.0194 0.0218  19  CYS B N   
640 C CA  . CYS B 19 ? 0.1945 0.3131 0.1716 -0.0901 -0.0189 0.0291  19  CYS B CA  
641 C C   . CYS B 19 ? 0.2871 0.4327 0.2637 -0.0920 -0.0138 0.0246  19  CYS B C   
642 O O   . CYS B 19 ? 0.2777 0.4401 0.2487 -0.1006 -0.0133 0.0299  19  CYS B O   
643 C CB  . CYS B 19 ? 0.2658 0.3730 0.2317 -0.0918 -0.0226 0.0362  19  CYS B CB  
644 S SG  . CYS B 19 ? 0.2533 0.3340 0.2203 -0.0915 -0.0290 0.0399  19  CYS B SG  
649 N N   . GLY B 20 ? 0.3047 0.4559 0.2880 -0.0849 -0.0110 0.0140  20  GLY B N   
650 C CA  . GLY B 20 ? 0.2562 0.4384 0.2414 -0.0866 -0.0059 0.0060  20  GLY B CA  
651 C C   . GLY B 20 ? 0.3043 0.5018 0.2726 -0.0937 -0.0043 0.0098  20  GLY B C   
652 O O   . GLY B 20 ? 0.2772 0.4612 0.2387 -0.0932 -0.0058 0.0141  20  GLY B O   
656 N N   . GLU B 21 ? 0.3011 0.5287 0.2694 -0.0996 -0.0017 0.0078  21  GLU B N   
657 C CA  . GLU B 21 ? 0.3186 0.5645 0.2795 -0.1060 -0.0035 0.0093  21  GLU B CA  
658 C C   . GLU B 21 ? 0.3020 0.5332 0.2580 -0.1138 -0.0099 0.0266  21  GLU B C   
659 O O   . GLU B 21 ? 0.3085 0.5461 0.2611 -0.1165 -0.0096 0.0312  21  GLU B O   
660 C CB  . GLU B 21 ? 0.3708 0.6505 0.3360 -0.1075 0.0051  0.0020  21  GLU B CB  
661 C CG  . GLU B 21 ? 0.5563 0.8421 0.5282 -0.1119 0.0093  0.0083  21  GLU B CG  
662 C CD  . GLU B 21 ? 0.7728 1.0929 0.7445 -0.1166 0.0182  0.0058  21  GLU B CD  
663 O OE1 . GLU B 21 ? 0.8206 1.1676 0.8002 -0.1089 0.0251  -0.0111 21  GLU B OE1 
664 O OE2 . GLU B 21 ? 0.7709 1.0904 0.7343 -0.1278 0.0185  0.0202  21  GLU B OE2 
671 N N   . ARG B 22 ? 0.3105 0.5186 0.2661 -0.1155 -0.0132 0.0361  22  ARG B N   
672 C CA  . ARG B 22 ? 0.2961 0.4855 0.2476 -0.1217 -0.0193 0.0510  22  ARG B CA  
673 C C   . ARG B 22 ? 0.2847 0.4622 0.2371 -0.1176 -0.0253 0.0523  22  ARG B C   
674 O O   . ARG B 22 ? 0.3119 0.4793 0.2583 -0.1191 -0.0274 0.0636  22  ARG B O   
675 C CB  . ARG B 22 ? 0.3636 0.5294 0.3178 -0.1240 -0.0217 0.0572  22  ARG B CB  
676 C CG  . ARG B 22 ? 0.4326 0.6076 0.3913 -0.1326 -0.0164 0.0607  22  ARG B CG  
677 C CD  . ARG B 22 ? 0.5768 0.7279 0.5423 -0.1337 -0.0196 0.0625  22  ARG B CD  
678 N NE  . ARG B 22 ? 0.8638 1.0146 0.8400 -0.1232 -0.0179 0.0506  22  ARG B NE  
679 C CZ  . ARG B 22 ? 0.9778 1.1153 0.9632 -0.1224 -0.0198 0.0483  22  ARG B CZ  
680 N NH1 . ARG B 22 ? 0.9623 1.0850 0.9474 -0.1322 -0.0234 0.0557  22  ARG B NH1 
681 N NH2 . ARG B 22 ? 0.9259 1.0645 0.9216 -0.1123 -0.0187 0.0384  22  ARG B NH2 
695 N N   . GLY B 23 ? 0.2554 0.4205 0.2129 -0.1057 -0.0218 0.0418  23  GLY B N   
696 C CA  . GLY B 23 ? 0.2607 0.4112 0.2212 -0.1012 -0.0217 0.0441  23  GLY B CA  
697 C C   . GLY B 23 ? 0.2371 0.3647 0.1967 -0.1025 -0.0288 0.0525  23  GLY B C   
698 O O   . GLY B 23 ? 0.2836 0.4038 0.2381 -0.1076 -0.0344 0.0570  23  GLY B O   
702 N N   . PHE B 24 ? 0.2475 0.3657 0.2075 -0.0974 -0.0312 0.0535  24  PHE B N   
703 C CA  . PHE B 24 ? 0.2720 0.3679 0.2309 -0.0953 -0.0385 0.0572  24  PHE B CA  
704 C C   . PHE B 24 ? 0.3194 0.4104 0.2759 -0.0834 -0.0458 0.0576  24  PHE B C   
705 O O   . PHE B 24 ? 0.2527 0.3573 0.2095 -0.0768 -0.0440 0.0539  24  PHE B O   
706 C CB  . PHE B 24 ? 0.2916 0.3762 0.2540 -0.0886 -0.0337 0.0468  24  PHE B CB  
707 C CG  . PHE B 24 ? 0.2150 0.3032 0.1827 -0.0779 -0.0287 0.0353  24  PHE B CG  
708 C CD1 . PHE B 24 ? 0.2378 0.3335 0.2059 -0.0757 -0.0220 0.0284  24  PHE B CD1 
709 C CD2 . PHE B 24 ? 0.2313 0.3163 0.2028 -0.0713 -0.0322 0.0314  24  PHE B CD2 
710 C CE1 . PHE B 24 ? 0.2825 0.3772 0.2540 -0.0695 -0.0198 0.0200  24  PHE B CE1 
711 C CE2 . PHE B 24 ? 0.2491 0.3388 0.2246 -0.0653 -0.0280 0.0227  24  PHE B CE2 
712 C CZ  . PHE B 24 ? 0.2459 0.3379 0.2205 -0.0655 -0.0221 0.0182  24  PHE B CZ  
722 N N   . HIS B 25 ? 0.2764 0.3479 0.2292 -0.0805 -0.0552 0.0622  25  HIS B N   
723 C CA  . HIS B 25 ? 0.3294 0.3986 0.2817 -0.0662 -0.0636 0.0616  25  HIS B CA  
724 C C   . HIS B 25 ? 0.2913 0.3569 0.2520 -0.0621 -0.0646 0.0497  25  HIS B C   
725 O O   . HIS B 25 ? 0.2947 0.3473 0.2563 -0.0700 -0.0629 0.0466  25  HIS B O   
726 C CB  . HIS B 25 ? 0.3738 0.4191 0.3124 -0.0617 -0.0759 0.0790  25  HIS B CB  
727 C CG  . HIS B 25 ? 0.4063 0.4173 0.3402 -0.0710 -0.0764 0.0857  25  HIS B CG  
728 N ND1 . HIS B 25 ? 0.4708 0.4531 0.4088 -0.0641 -0.0802 0.0790  25  HIS B ND1 
729 C CD2 . HIS B 25 ? 0.4769 0.4793 0.4027 -0.0881 -0.0734 0.0974  25  HIS B CD2 
730 C CE1 . HIS B 25 ? 0.4668 0.4212 0.3991 -0.0776 -0.0807 0.0860  25  HIS B CE1 
731 N NE2 . HIS B 25 ? 0.4774 0.4452 0.4035 -0.0930 -0.0763 0.0980  25  HIS B NE2 
739 N N   . TYR B 26 ? 0.3004 0.3816 0.2687 -0.0501 -0.0662 0.0417  26  TYR B N   
740 C CA  . TYR B 26 ? 0.3331 0.4208 0.3102 -0.0471 -0.0632 0.0283  26  TYR B CA  
741 C C   . TYR B 26 ? 0.3289 0.4379 0.3151 -0.0324 -0.0672 0.0229  26  TYR B C   
742 O O   . TYR B 26 ? 0.4014 0.5273 0.3900 -0.0284 -0.0681 0.0254  26  TYR B O   
743 C CB  . TYR B 26 ? 0.3012 0.3928 0.2829 -0.0530 -0.0481 0.0197  26  TYR B CB  
744 C CG  . TYR B 26 ? 0.3167 0.4167 0.3044 -0.0506 -0.0433 0.0092  26  TYR B CG  
745 C CD1 . TYR B 26 ? 0.3646 0.4857 0.3593 -0.0466 -0.0409 0.0043  26  TYR B CD1 
746 C CD2 . TYR B 26 ? 0.3212 0.4090 0.3060 -0.0541 -0.0409 0.0048  26  TYR B CD2 
747 C CE1 . TYR B 26 ? 0.2997 0.4316 0.2981 -0.0481 -0.0352 -0.0032 26  TYR B CE1 
748 C CE2 . TYR B 26 ? 0.3228 0.4199 0.3094 -0.0540 -0.0359 -0.0029 26  TYR B CE2 
749 C CZ  . TYR B 26 ? 0.3039 0.4242 0.2974 -0.0519 -0.0326 -0.0064 26  TYR B CZ  
750 O OH  . TYR B 26 ? 0.3077 0.4419 0.3016 -0.0551 -0.0263 -0.0129 26  TYR B OH  
760 N N   . PRO B 27 ? 0.4176 0.5245 0.4104 -0.0221 -0.0658 0.0127  27  PRO B N   
761 C CA  . PRO B 27 ? 0.4448 0.5268 0.4334 -0.0235 -0.0627 0.0059  27  PRO B CA  
762 C C   . PRO B 27 ? 0.4722 0.5153 0.4537 -0.0147 -0.0703 0.0109  27  PRO B C   
763 O O   . PRO B 27 ? 0.4553 0.4743 0.4316 -0.0171 -0.0694 0.0047  27  PRO B O   
764 C CB  . PRO B 27 ? 0.4010 0.5075 0.3994 -0.0150 -0.0573 -0.0091 27  PRO B CB  
765 C CG  . PRO B 27 ? 0.4397 0.5737 0.4506 -0.0008 -0.0617 -0.0090 27  PRO B CG  
766 C CD  . PRO B 27 ? 0.4357 0.5755 0.4427 -0.0094 -0.0662 0.0041  27  PRO B CD  
774 N N   . LYS B 28 ? 0.5298 0.5660 0.5098 -0.0052 -0.0786 0.0222  28  LYS B N   
775 C CA  . LYS B 28 ? 0.6822 0.6751 0.6532 0.0031  -0.0877 0.0304  28  LYS B CA  
776 C C   . LYS B 28 ? 0.7234 0.6941 0.6812 -0.0170 -0.0883 0.0461  28  LYS B C   
777 O O   . LYS B 28 ? 0.6973 0.6926 0.6543 -0.0299 -0.0835 0.0520  28  LYS B O   
778 C CB  . LYS B 28 ? 0.8496 0.8447 0.8235 0.0243  -0.0983 0.0377  28  LYS B CB  
779 C CG  . LYS B 28 ? 0.8433 0.8450 0.8305 0.0505  -0.1013 0.0226  28  LYS B CG  
780 C CD  . LYS B 28 ? 0.9249 0.8917 0.9076 0.0729  -0.1164 0.0323  28  LYS B CD  
781 C CE  . LYS B 28 ? 1.0011 0.9950 0.9877 0.0844  -0.1259 0.0454  28  LYS B CE  
782 N NZ  . LYS B 28 ? 0.9940 0.9736 0.9875 0.1176  -0.1401 0.0450  28  LYS B NZ  
783 O OXT . LYS B 28 ? 0.6578 0.5883 0.6064 -0.0212 -0.0931 0.0526  28  LYS B OXT 
795 N N1  . IMD C .  ? 0.7552 0.7960 0.7417 -0.0612 -0.0514 0.0096  101 IMD B N1  
796 C C2  . IMD C .  ? 0.7686 0.8018 0.7478 -0.0621 -0.0511 0.0121  101 IMD B C2  
797 N N3  . IMD C .  ? 0.7410 0.7768 0.7243 -0.0606 -0.0448 0.0101  101 IMD B N3  
798 C C4  . IMD C .  ? 0.6972 0.7413 0.6881 -0.0594 -0.0413 0.0082  101 IMD B C4  
799 C C5  . IMD C .  ? 0.6838 0.7302 0.6767 -0.0608 -0.0454 0.0082  101 IMD B C5  
805 C C28 . KUT D .  ? 0.4361 0.3522 0.3523 0.0357  -0.1420 0.1227  102 KUT B C28 
806 C C29 . KUT D .  ? 0.5106 0.3758 0.4191 0.0573  -0.1580 0.1329  102 KUT B C29 
807 C C30 . KUT D .  ? 0.6263 0.4789 0.5489 0.1105  -0.1771 0.1301  102 KUT B C30 
808 C C27 . KUT D .  ? 0.4065 0.3913 0.3153 0.0338  -0.1391 0.1319  102 KUT B C27 
809 C C26 . KUT D .  ? 0.4444 0.3953 0.3307 0.0158  -0.1346 0.1494  102 KUT B C26 
810 C C23 . KUT D .  ? 0.5603 0.5684 0.4507 -0.0734 -0.0810 0.1329  102 KUT B C23 
811 C C22 . KUT D .  ? 0.6246 0.6467 0.5313 -0.0678 -0.0798 0.1160  102 KUT B C22 
812 C C21 . KUT D .  ? 0.8889 0.9348 0.8080 -0.0363 -0.0913 0.1025  102 KUT B C21 
813 C C19 . KUT D .  ? 0.5537 0.6439 0.4986 -0.0108 -0.0974 0.0794  102 KUT B C19 
814 C C14 . KUT D .  ? 0.4376 0.5686 0.4184 -0.0531 -0.0384 0.0195  102 KUT B C14 
815 C C15 . KUT D .  ? 0.4571 0.5970 0.4383 -0.0442 -0.0497 0.0247  102 KUT B C15 
816 C C16 . KUT D .  ? 0.4931 0.6221 0.4633 -0.0451 -0.0558 0.0377  102 KUT B C16 
817 C C13 . KUT D .  ? 0.4755 0.6136 0.4614 -0.0544 -0.0331 0.0105  102 KUT B C13 
818 C C12 . KUT D .  ? 0.3842 0.5081 0.3674 -0.0595 -0.0254 0.0070  102 KUT B C12 
819 C C11 . KUT D .  ? 0.3654 0.4871 0.3430 -0.0629 -0.0229 0.0075  102 KUT B C11 
820 O O10 . KUT D .  ? 1.0334 1.1755 1.0171 0.0160  -0.1034 0.0529  102 KUT B O10 
821 C C6  . KUT D .  ? 0.6898 0.7765 0.6480 -0.0782 -0.0306 -0.0630 102 KUT B C6  
822 C C5  . KUT D .  ? 0.7616 0.8514 0.7252 -0.0797 -0.0282 -0.0484 102 KUT B C5  
823 C C4  . KUT D .  ? 0.7033 0.8140 0.6671 -0.0767 -0.0229 -0.0393 102 KUT B C4  
824 C C2  . KUT D .  ? 0.5130 0.6334 0.4814 -0.0726 -0.0185 -0.0184 102 KUT B C2  
825 C C1  . KUT D .  ? 0.4935 0.6057 0.4657 -0.0703 -0.0181 -0.0108 102 KUT B C1  
826 C C8  . KUT D .  ? 0.5556 0.6090 0.5081 -0.0749 -0.0396 -0.0873 102 KUT B C8  
827 C C7  . KUT D .  ? 0.5887 0.6480 0.5436 -0.0812 -0.0384 -0.0751 102 KUT B C7  
828 N N   . KUT D .  ? 0.4786 0.6125 0.4429 -0.0243 -0.0768 0.0509  102 KUT B N   
829 C C   . KUT D .  ? 0.4478 0.5683 0.4203 -0.0681 -0.0185 -0.0025 102 KUT B C   
830 O O   . KUT D .  ? 0.5803 0.5921 0.5239 -0.0681 -0.0489 -0.1183 102 KUT B O   
831 C C10 . KUT D .  ? 0.3607 0.4777 0.3374 -0.0657 -0.0196 0.0004  102 KUT B C10 
832 C C17 . KUT D .  ? 0.5046 0.6276 0.4712 -0.0338 -0.0693 0.0469  102 KUT B C17 
833 C C18 . KUT D .  ? 0.6782 0.8034 0.6358 -0.0094 -0.0916 0.0636  102 KUT B C18 
834 C C20 . KUT D .  ? 0.6956 0.7745 0.6236 -0.0245 -0.0921 0.0912  102 KUT B C20 
835 C C24 . KUT D .  ? 0.4880 0.4310 0.3654 -0.0517 -0.1026 0.1510  102 KUT B C24 
836 C C25 . KUT D .  ? 0.4836 0.4094 0.3553 -0.0273 -0.1170 0.1587  102 KUT B C25 
837 C C3  . KUT D .  ? 0.5699 0.6819 0.5378 -0.0761 -0.0216 -0.0281 102 KUT B C3  
838 C C31 . KUT D .  ? 0.6999 0.5053 0.6271 0.1210  -0.1797 0.1144  102 KUT B C31 
839 C C32 . KUT D .  ? 0.8165 0.7136 0.7888 0.1474  -0.1693 0.0729  102 KUT B C32 
840 C C33 . KUT D .  ? 0.9030 0.8663 0.8869 0.1289  -0.1555 0.0652  102 KUT B C33 
841 C C34 . KUT D .  ? 0.9055 1.0499 0.8797 0.0075  -0.0996 0.0556  102 KUT B C34 
842 C C9  . KUT D .  ? 0.6627 0.6868 0.6069 -0.0752 -0.0470 -0.1058 102 KUT B C9  
843 N N1  . KUT D .  ? 0.7359 0.7843 0.6486 -0.0533 -0.0817 0.1065  102 KUT B N1  
844 N N2  . KUT D .  ? 0.4038 0.3724 0.3265 0.0423  -0.1438 0.1219  102 KUT B N2  
845 O O1  . KUT D .  ? 0.7750 0.7850 0.7127 -0.0819 -0.0517 -0.1111 102 KUT B O1  
846 O O11 . KUT D .  ? 0.8982 1.0660 0.8796 0.0131  -0.1026 0.0507  102 KUT B O11 
847 O O2  . KUT D .  ? 0.4346 0.5411 0.3997 -0.0335 -0.0738 0.0510  102 KUT B O2  
848 O O3  . KUT D .  ? 1.0070 1.0253 0.9265 -0.0301 -0.1001 0.1065  102 KUT B O3  
849 O O4  . KUT D .  ? 0.5151 0.5031 0.3954 -0.0562 -0.0934 0.1433  102 KUT B O4  
850 O O5  . KUT D .  ? 0.4294 0.3833 0.3166 -0.0094 -0.1214 0.1445  102 KUT B O5  
851 O O6  . KUT D .  ? 0.3857 0.4113 0.2998 0.0395  -0.1385 0.1249  102 KUT B O6  
852 O O7  . KUT D .  ? 0.5353 0.4272 0.4603 0.0877  -0.1666 0.1242  102 KUT B O7  
853 O O8  . KUT D .  ? 0.7262 0.5713 0.6744 0.1217  -0.1676 0.0875  102 KUT B O8  
854 O O9  . KUT D .  ? 0.9515 0.9289 0.9238 0.1120  -0.1562 0.0816  102 KUT B O9  
918 O O   . HOH E .  ? 0.4202 0.3339 0.3731 -0.1049 -0.0731 0.0110  101 HOH A O   
919 O O   . HOH E .  ? 0.5298 0.4883 0.4566 -0.1253 -0.0683 0.1058  102 HOH A O   
920 O O   . HOH E .  ? 0.4288 0.4338 0.3803 -0.1420 -0.0520 0.0838  103 HOH A O   
921 O O   . HOH E .  ? 0.5095 0.4832 0.4970 -0.1258 -0.0722 -0.0124 104 HOH A O   
922 O O   . HOH E .  ? 0.2978 0.3177 0.2385 -0.0740 -0.0425 -0.0068 105 HOH A O   
923 O O   . HOH E .  ? 0.4484 0.4065 0.3761 -0.0828 -0.0674 -0.0545 106 HOH A O   
924 O O   . HOH E .  ? 0.6326 0.5583 0.5728 -0.1523 -0.0662 0.0918  107 HOH A O   
925 O O   . HOH E .  ? 0.5742 0.5782 0.5727 -0.1255 -0.0787 -0.0217 108 HOH A O   
926 O O   . HOH E .  ? 0.2519 0.2985 0.2697 -0.1231 -0.0826 -0.0189 109 HOH A O   
927 O O   . HOH E .  ? 0.5818 0.5199 0.5635 -0.1399 -0.0749 -0.0056 110 HOH A O   
928 O O   . HOH E .  ? 0.4937 0.6777 0.4416 -0.0646 -0.0005 -0.0645 111 HOH A O   
929 O O   . HOH F .  ? 0.6938 0.8918 0.6918 0.0404  -0.1227 0.0519  201 HOH B O   
930 O O   . HOH F .  ? 0.3707 0.4488 0.3182 -0.0531 -0.0324 -0.1335 202 HOH B O   
931 O O   . HOH F .  ? 0.3416 0.3846 0.2829 -0.1030 -0.0185 0.0075  203 HOH B O   
932 O O   . HOH F .  ? 0.5891 0.6557 0.5633 -0.0727 -0.0981 -0.0043 204 HOH B O   
933 O O   . HOH F .  ? 0.3389 0.4529 0.3154 -0.0666 -0.0179 -0.0147 205 HOH B O   
934 O O   . HOH F .  ? 0.4158 0.5009 0.3717 -0.0690 -0.0223 -0.0221 206 HOH B O   
935 O O   . HOH F .  ? 0.2864 0.4189 0.2532 -0.0816 -0.0114 0.0169  207 HOH B O   
936 O O   . HOH F .  ? 0.4617 0.6316 0.4836 -0.0654 -0.0159 -0.0179 208 HOH B O   
937 O O   . HOH F .  ? 0.5341 0.5604 0.4931 -0.0678 -0.0682 0.0175  209 HOH B O   
938 O O   . HOH F .  ? 0.4746 0.6459 0.3960 -0.1317 -0.0243 0.0877  210 HOH B O   
939 O O   . HOH F .  ? 0.3507 0.4025 0.2636 -0.1113 -0.0166 0.0171  211 HOH B O   
940 O O   . HOH F .  ? 0.4984 0.6513 0.4626 -0.0750 -0.0079 -0.0338 212 HOH B O   
941 O O   . HOH F .  ? 0.3106 0.5152 0.2737 -0.0958 -0.0042 0.0110  213 HOH B O   
942 O O   . HOH F .  ? 0.4868 0.5495 0.4554 -0.0086 -0.0897 0.0533  214 HOH B O   
943 O O   . HOH F .  ? 0.6116 0.6368 0.4801 -0.1145 -0.0414 0.0214  215 HOH B O   
944 O O   . HOH F .  ? 0.4707 0.6788 0.4935 -0.1146 -0.0057 0.0265  216 HOH B O   
945 O O   . HOH F .  ? 0.5249 0.5465 0.4907 -0.0681 -0.0382 0.0129  217 HOH B O   
946 O O   . HOH F .  ? 0.5651 0.7495 0.5405 -0.0763 -0.0038 -0.0241 218 HOH B O   
947 O O   . HOH F .  ? 0.5284 0.6934 0.5255 -0.0684 -0.0113 -0.0245 219 HOH B O   
948 O O   . HOH F .  ? 0.4875 0.6481 0.4989 -0.0932 -0.0524 0.0495  220 HOH B O   
949 O O   . HOH F .  ? 0.5841 0.6284 0.4550 -0.1334 -0.0267 0.0230  221 HOH B O   
950 O O   . HOH F .  ? 0.6409 0.7538 0.6485 0.0194  -0.0506 -0.0446 222 HOH B O   
951 O O   . HOH F .  ? 0.5832 0.6691 0.5975 0.0495  -0.0668 -0.0380 223 HOH B O   
952 O O   . HOH F .  ? 0.5753 0.7160 0.4791 -0.1488 0.0024  -0.0037 224 HOH B O   
953 O O   . HOH F .  ? 0.5904 0.7905 0.6081 -0.0429 -0.0377 -0.0057 225 HOH B O   
# 
